data_7XMF
#
_entry.id   7XMF
#
_cell.length_a   1.00
_cell.length_b   1.00
_cell.length_c   1.00
_cell.angle_alpha   90.00
_cell.angle_beta   90.00
_cell.angle_gamma   90.00
#
_symmetry.space_group_name_H-M   'P 1'
#
loop_
_entity.id
_entity.type
_entity.pdbx_description
1 polymer 'Isoform 3 of Sodium channel protein type 9 subunit alpha,Green fluorescent protein'
2 polymer 'Sodium channel subunit beta-1,Green fluorescent protein'
3 polymer 'Sodium channel subunit beta-2'
4 branched 2-acetamido-2-deoxy-beta-D-glucopyranose-(1-4)-2-acetamido-2-deoxy-beta-D-glucopyranose
5 non-polymer 2-acetamido-2-deoxy-beta-D-glucopyranose
6 non-polymer 3-[[4-[3-(4-fluoranyl-2-methyl-phenoxy)azetidin-1-yl]pyrimidin-2-yl]amino]-~{N}-methyl-benzamide
#
loop_
_entity_poly.entity_id
_entity_poly.type
_entity_poly.pdbx_seq_one_letter_code
_entity_poly.pdbx_strand_id
1 'polypeptide(L)'
;MAMLPPPGPQSFVHFTKQSLALIEQRIAERKSKEPKEEKKDDDEEAPKPSSDLEAGKQLPFIYGDIPPGMVSEPLEDLDP
YYADKKTFIVLNKGKTIFRFNATPALYMLSPFSPLRRISIKILVHSLFSMLIMCTILTNCIFMTMNNPPDWTKNVEYTFT
GIYTFESLVKILARGFCVGEFTFLRDPWNWLDFVVIVFAYLTEFVNLGNVSALRTFRVLRALKTISVIPGLKTIVGALIQ
SVKKLSDVMILTVFCLSVFALIGLQLFMGNLKHKCFRNSLENNETLESIMNTLESEEDFRKYFYYLEGSKDALLCGFSTD
SGQCPEGYTCVKIGRNPDYGYTSFDTFSWAFLALFRLMTQDYWENLYQQTLRAAGKTYMIFFVVVIFLGSFYLINLILAV
VAMAYEEQNQANIEEAKQKELEFQQMLDRLKKEQEEAEAIAAAAAEYTSIRRSRIMGLSESSSETSKLSSKSAKERRNRR
KKKNQKKLSSGEEKGDAEKLSKSESEDSIRRKSFHLGVEGHRRAHEKRLSTPNQSPLSIRGSLFSARRSSRTSLFSFKGR
GRDIGSETEFADDEHSIFGDNESRRGSLFVPHRPQERRSSNISQASRSPPMLPVNGKMHSAVDCNGVVSLVDGRSALMLP
NGQLLPEGTTNQIHKKRRCSSYLLSEDMLNDPNLRQRAMSRASILTNTVEELEESRQKCPPWWYRFAHKFLIWNCSPYWI
KFKKCIYFIVMDPFVDLAITICIVLNTLFMAMEHHPMTEEFKNVLAIGNLVFTGIFAAEMVLKLIAMDPYEYFQVGWNIF
DSLIVTLSLVELFLADVEGLSVLRSFRLLRVFKLAKSWPTLNMLIKIIGNSVGALGNLTLVLAIIVFIFAVVGMQLFGKS
YKECVCKINDDCTLPRWHMNDFFHSFLIVFRVLCGEWIETMWDCMEVAGQAMCLIVYMMVMVIGNLVVLNLFLALLLSSF
SSDNLTAIEEDPDANNLQIAVTRIKKGINYVKQTLREFILKAFSKKPKISREIRQAEDLNTKKENYISNHTLAEMSKGHN
FLKEKDKISGFGSSVDKHLMEDSDGQSFIHNPSLTVTVPIAPGESDLENMNAEELSSDSDSEYSKVRLNRSSSSECSTVD
NPLPGEGEEAEAEPMNSDEPEACFTDGCVRRFSCCQVNIESGKGKIWWNIRKTCYKIVEHSWFESFIVLMILLSSGALAF
EDIYIERKKTIKIILEYADKIFTYIFILEMLLKWIAYGYKTYFTNAWCWLDFLIVDVSLVTLVANTLGYSDLGPIKSLRT
LRALRPLRALSRFEGMRVVVNALIGAIPSIMNVLLVCLIFWLIFSIMGVNLFAGKFYECINTTDGSRFPASQVPNRSECF
ALMNVSQNVRWKNLKVNFDNVGLGYLSLLQVATFKGWTIIMYAAVDSVNVDKQPKYEYSLYMYIYFVVFIIFGSFFTLNL
FIGVIIDNFNQQKKKLGGQDIFMTEEQKKYYNAMKKLGSKKPQKPIPRPGNKIQGCIFDLVTNQAFDISIMVLICLNMVT
MMVEKEGQSQHMTEVLYWINVVFIILFTGECVLKLISLRHYYFTVGWNIFDFVVVIISIVGMFLADLIETYFVSPTLFRV
IRLARIGRILRLVKGAKGIRTLLFALMMSLPALFNIGLLLFLVMFIYAIFGMSNFAYVKKEDGINDMFNFETFGNSMICL
FQITTSAGWDGLLAPILNSKPPDCDPKKVHPGSSVEGDCGNPSVGIFYFVSYIIISFLVVVNMYIAVILENFSVATEEST
EPLSEDDFEMFYEVWEKFDPDATQFIEFSKLSDFAAALDPPLLIAKPNKVQLIAMDLPMVSGDRIHCLDILFAFTKRVLG
ESGEMDSLRSQMEERFMSANPSKVSYEPITTTLKRKQEDVSATVIQRAYRRYRLRQNVKNISSIYIKDGDRDDDLLNKKD
MAFDNVNENSSPEKTDATSSTTSPPSYDSVTKPDKEKYEQDRTEKEDKGKDSKESKKAAALEVLFQGPSKGEELFTGVVP
ILVELDGDVNGHKFSVRGEGEGDATNGKLTLKFICTTGKLPVPWPTLVTTLTYGVQCFSRYPDHMKRHDFFKSAMPEGYV
QERTISFKDDGTYKTRAEVKFEGDTLVNRIELKGIDFKEDGNILGHKLEYNFNSHNVYITADKQKNGIKANFKIRHNVED
GSVQLADHYQQNTPIGDGPVLLPDNHYLSTQSVLSKDPNEKRDHMVLLEFVTAAGITHGMDEWSHPQFEKGGGSGGGSGG
SAWSHPQFEK
;
A
2 'polypeptide(L)'
;MGRLLALVVGAALVSSACGGCVEVDSETEAVYGMTFKILCISCKRRSETNAETFTEWTFRQKGTEEFVKILRYENEVLQL
EEDERFEGRVVWNGSRGTKDLQDLSIFITNVTYNHSGDYECHVYRLLFFENYEHNTSVVKKIHIEVVDKANRDMASIVSE
IMMYVLIVVLTIWLVAEMIYCYKKIAAATETAAQENASEYLAITSESKENCTGVQVAEAAALEVLFQGPSKGEELFTGVV
PILVELDGDVNGHKFSVRGEGEGDATNGKLTLKFICTTGKLPVPWPTLVTTLTYGVQCFSRYPDHMKRHDFFKSAMPEGY
VQERTISFKDDGTYKTRAEVKFEGDTLVNRIELKGIDFKEDGNILGHKLEYNFNSHNVYITADKQKNGIKANFKIRHNVE
DGSVQLADHYQQNTPIGDGPVLLPDNHYLSTQSVLSKDPNEKRDHMVLLEFVTAAGITHGMDEHHHHHHHHHHDYKDDDD
K
;
B
3 'polypeptide(L)'
;MHRDAWLPRPAFSLTGLSLFFSLVPPGRSMEVTVPATLNVLNGSDARLPCTFNSCYTVNHKQFSLNWTYQECNNCSEEMF
LQFRMKIINLKLERFQDRVEFSGNPSKYDVSVMLRNVQPEDEGIYNCYIMNPPDRHRGHGKIHLQVLMEEPPERDSTVAV
IVGASVGGFLAVVILVLMVVKCVRRKKEQKLSTDDLKTEEEGKTDGEGNPDDGAK
;
C
#
# COMPACT_ATOMS: atom_id res chain seq x y z
N PRO A 114 64.78 9.58 12.84
CA PRO A 114 64.15 10.80 13.33
C PRO A 114 62.90 11.18 12.54
N LEU A 115 62.74 10.56 11.36
CA LEU A 115 61.55 10.84 10.55
C LEU A 115 60.32 10.17 11.13
N ARG A 116 60.49 8.99 11.73
CA ARG A 116 59.39 8.34 12.43
C ARG A 116 58.87 9.21 13.57
N ARG A 117 59.77 9.95 14.23
CA ARG A 117 59.37 10.78 15.36
C ARG A 117 58.45 11.91 14.91
N ILE A 118 58.89 12.71 13.94
CA ILE A 118 58.04 13.79 13.43
C ILE A 118 56.79 13.22 12.79
N SER A 119 56.91 12.04 12.16
CA SER A 119 55.75 11.39 11.55
C SER A 119 54.68 11.11 12.59
N ILE A 120 55.05 10.46 13.69
CA ILE A 120 54.06 10.12 14.70
C ILE A 120 53.59 11.37 15.43
N LYS A 121 54.47 12.36 15.59
CA LYS A 121 54.08 13.58 16.30
C LYS A 121 53.05 14.38 15.51
N ILE A 122 53.17 14.40 14.18
CA ILE A 122 52.15 15.04 13.36
C ILE A 122 50.95 14.12 13.17
N LEU A 123 51.13 12.81 13.34
CA LEU A 123 50.00 11.88 13.23
C LEU A 123 49.02 12.08 14.39
N VAL A 124 49.52 11.98 15.62
CA VAL A 124 48.63 12.17 16.77
C VAL A 124 48.41 13.66 16.97
N HIS A 125 47.39 14.21 16.33
CA HIS A 125 47.14 15.64 16.39
C HIS A 125 45.73 15.95 15.94
N SER A 126 45.00 16.71 16.77
CA SER A 126 43.67 17.15 16.38
C SER A 126 43.71 18.03 15.13
N LEU A 127 44.82 18.75 14.92
CA LEU A 127 44.97 19.53 13.70
C LEU A 127 44.93 18.64 12.47
N PHE A 128 45.74 17.58 12.45
CA PHE A 128 45.76 16.66 11.33
C PHE A 128 44.41 15.96 11.19
N SER A 129 43.80 15.58 12.31
CA SER A 129 42.51 14.91 12.27
C SER A 129 41.47 15.80 11.60
N MET A 130 41.35 17.04 12.05
CA MET A 130 40.34 17.93 11.48
C MET A 130 40.69 18.35 10.06
N LEU A 131 41.97 18.38 9.71
CA LEU A 131 42.33 18.58 8.30
C LEU A 131 41.76 17.47 7.43
N ILE A 132 41.94 16.22 7.87
CA ILE A 132 41.40 15.09 7.10
C ILE A 132 39.88 15.16 7.07
N MET A 133 39.26 15.52 8.19
CA MET A 133 37.80 15.61 8.23
C MET A 133 37.29 16.66 7.26
N CYS A 134 37.94 17.83 7.22
CA CYS A 134 37.49 18.89 6.34
C CYS A 134 37.71 18.54 4.87
N THR A 135 38.84 17.89 4.55
CA THR A 135 39.07 17.56 3.15
C THR A 135 38.08 16.49 2.68
N ILE A 136 37.76 15.51 3.54
CA ILE A 136 36.78 14.52 3.12
C ILE A 136 35.38 15.12 3.08
N LEU A 137 35.08 16.14 3.89
CA LEU A 137 33.78 16.80 3.77
C LEU A 137 33.70 17.58 2.46
N THR A 138 34.78 18.25 2.07
CA THR A 138 34.81 18.91 0.77
C THR A 138 34.71 17.89 -0.36
N ASN A 139 35.29 16.70 -0.18
CA ASN A 139 35.20 15.67 -1.20
C ASN A 139 33.77 15.13 -1.31
N CYS A 140 33.08 15.00 -0.18
CA CYS A 140 31.67 14.60 -0.24
C CYS A 140 30.82 15.67 -0.90
N ILE A 141 31.15 16.95 -0.68
CA ILE A 141 30.41 18.00 -1.37
C ILE A 141 30.73 17.99 -2.85
N PHE A 142 31.92 17.54 -3.23
CA PHE A 142 32.31 17.46 -4.63
C PHE A 142 31.74 16.23 -5.35
N MET A 143 31.48 15.16 -4.61
CA MET A 143 30.96 13.95 -5.23
C MET A 143 29.57 14.16 -5.82
N THR A 144 28.83 15.14 -5.31
CA THR A 144 27.45 15.38 -5.74
C THR A 144 27.36 16.21 -7.01
N MET A 145 28.45 16.43 -7.74
CA MET A 145 28.40 17.32 -8.89
C MET A 145 27.59 16.74 -10.03
N ASN A 146 27.72 15.43 -10.27
CA ASN A 146 26.93 14.68 -11.25
C ASN A 146 27.34 15.01 -12.68
N ASN A 147 28.14 16.04 -12.84
CA ASN A 147 28.72 16.43 -14.12
C ASN A 147 29.83 17.43 -13.82
N PRO A 148 30.92 17.00 -13.20
CA PRO A 148 31.92 17.95 -12.72
C PRO A 148 32.58 18.67 -13.87
N PRO A 149 32.85 19.97 -13.73
CA PRO A 149 33.53 20.71 -14.80
C PRO A 149 34.94 20.21 -15.05
N ASP A 150 35.61 20.77 -16.06
CA ASP A 150 36.94 20.29 -16.42
C ASP A 150 37.96 20.61 -15.33
N TRP A 151 37.81 21.75 -14.67
CA TRP A 151 38.82 22.20 -13.72
C TRP A 151 38.82 21.41 -12.41
N THR A 152 37.83 20.53 -12.19
CA THR A 152 37.79 19.74 -10.97
C THR A 152 38.75 18.56 -11.00
N LYS A 153 39.43 18.33 -12.13
CA LYS A 153 40.43 17.28 -12.17
C LYS A 153 41.55 17.54 -11.17
N ASN A 154 42.06 18.77 -11.15
CA ASN A 154 43.12 19.10 -10.21
C ASN A 154 42.61 19.11 -8.77
N VAL A 155 41.33 19.40 -8.56
CA VAL A 155 40.78 19.36 -7.22
C VAL A 155 40.73 17.93 -6.71
N GLU A 156 40.28 17.00 -7.56
CA GLU A 156 40.32 15.59 -7.17
C GLU A 156 41.75 15.11 -7.03
N TYR A 157 42.68 15.69 -7.81
CA TYR A 157 44.09 15.34 -7.67
C TYR A 157 44.64 15.77 -6.31
N THR A 158 44.33 16.98 -5.86
CA THR A 158 44.80 17.39 -4.54
C THR A 158 44.08 16.61 -3.44
N PHE A 159 42.84 16.19 -3.69
CA PHE A 159 42.16 15.31 -2.75
C PHE A 159 42.91 14.00 -2.58
N THR A 160 43.18 13.30 -3.69
CA THR A 160 43.89 12.03 -3.59
C THR A 160 45.33 12.25 -3.11
N GLY A 161 45.89 13.44 -3.35
CA GLY A 161 47.20 13.75 -2.81
C GLY A 161 47.19 13.85 -1.30
N ILE A 162 46.19 14.55 -0.75
CA ILE A 162 46.03 14.61 0.70
C ILE A 162 45.81 13.22 1.28
N TYR A 163 45.02 12.40 0.58
CA TYR A 163 44.75 11.05 1.06
C TYR A 163 46.02 10.20 1.08
N THR A 164 46.78 10.23 -0.02
CA THR A 164 48.04 9.50 -0.07
C THR A 164 49.03 10.02 0.96
N PHE A 165 49.04 11.33 1.19
CA PHE A 165 49.96 11.91 2.17
C PHE A 165 49.63 11.45 3.57
N GLU A 166 48.36 11.50 3.95
CA GLU A 166 47.94 10.96 5.24
C GLU A 166 48.27 9.47 5.34
N SER A 167 48.05 8.72 4.26
CA SER A 167 48.31 7.29 4.30
C SER A 167 49.78 7.01 4.51
N LEU A 168 50.67 7.68 3.77
CA LEU A 168 52.10 7.44 3.94
C LEU A 168 52.60 7.97 5.27
N VAL A 169 51.95 9.01 5.80
CA VAL A 169 52.29 9.48 7.14
C VAL A 169 52.03 8.39 8.17
N LYS A 170 50.85 7.78 8.14
CA LYS A 170 50.61 6.72 9.11
C LYS A 170 51.42 5.48 8.78
N ILE A 171 51.80 5.27 7.53
CA ILE A 171 52.71 4.18 7.20
C ILE A 171 54.06 4.41 7.87
N LEU A 172 54.61 5.62 7.74
CA LEU A 172 55.88 5.95 8.37
C LEU A 172 55.80 5.83 9.88
N ALA A 173 54.64 6.18 10.46
CA ALA A 173 54.52 6.13 11.91
C ALA A 173 54.29 4.72 12.43
N ARG A 174 53.71 3.83 11.61
CA ARG A 174 53.36 2.49 12.07
C ARG A 174 54.37 1.42 11.66
N GLY A 175 54.61 1.26 10.36
CA GLY A 175 55.42 0.14 9.90
C GLY A 175 56.92 0.27 10.12
N PHE A 176 57.56 1.21 9.43
CA PHE A 176 59.01 1.37 9.47
C PHE A 176 59.72 0.05 9.15
N CYS A 177 59.49 -0.42 7.92
CA CYS A 177 60.17 -1.60 7.38
C CYS A 177 59.92 -2.85 8.24
N VAL A 178 58.66 -3.05 8.62
CA VAL A 178 58.23 -4.29 9.26
C VAL A 178 57.08 -4.87 8.46
N GLY A 179 56.74 -4.21 7.36
CA GLY A 179 55.67 -4.68 6.51
C GLY A 179 54.30 -4.15 6.85
N GLU A 180 54.21 -2.89 7.29
CA GLU A 180 52.96 -2.22 7.68
C GLU A 180 52.02 -3.16 8.44
N PHE A 181 52.61 -3.93 9.35
CA PHE A 181 51.88 -4.91 10.14
C PHE A 181 50.92 -4.26 11.11
N THR A 182 51.43 -3.41 12.01
CA THR A 182 50.58 -2.72 12.97
C THR A 182 49.63 -1.74 12.29
N PHE A 183 49.92 -1.36 11.04
CA PHE A 183 49.03 -0.50 10.29
C PHE A 183 47.84 -1.29 9.74
N LEU A 184 48.10 -2.37 9.01
CA LEU A 184 47.00 -3.14 8.44
C LEU A 184 46.32 -4.07 9.43
N ARG A 185 46.83 -4.18 10.66
CA ARG A 185 46.07 -4.90 11.68
C ARG A 185 44.81 -4.12 12.06
N ASP A 186 44.73 -2.85 11.64
CA ASP A 186 43.56 -2.01 11.82
C ASP A 186 42.57 -2.24 10.68
N PRO A 187 41.31 -2.55 10.96
CA PRO A 187 40.34 -2.77 9.88
C PRO A 187 39.92 -1.50 9.17
N TRP A 188 40.07 -0.33 9.81
CA TRP A 188 39.57 0.90 9.21
C TRP A 188 40.54 1.49 8.19
N ASN A 189 41.82 1.14 8.26
CA ASN A 189 42.78 1.64 7.29
C ASN A 189 42.73 0.89 5.97
N TRP A 190 42.14 -0.31 5.96
CA TRP A 190 41.87 -1.01 4.71
C TRP A 190 41.07 -0.13 3.77
N LEU A 191 40.13 0.63 4.32
CA LEU A 191 39.29 1.50 3.51
C LEU A 191 40.11 2.56 2.80
N ASP A 192 40.95 3.30 3.53
CA ASP A 192 41.76 4.33 2.89
C ASP A 192 42.80 3.72 1.96
N PHE A 193 43.20 2.48 2.22
CA PHE A 193 44.17 1.82 1.35
C PHE A 193 43.54 1.47 0.01
N VAL A 194 42.35 0.86 0.03
CA VAL A 194 41.68 0.52 -1.22
C VAL A 194 41.23 1.78 -1.95
N VAL A 195 40.94 2.86 -1.21
CA VAL A 195 40.57 4.11 -1.88
C VAL A 195 41.74 4.65 -2.68
N ILE A 196 42.95 4.67 -2.11
CA ILE A 196 44.08 5.22 -2.85
C ILE A 196 44.46 4.26 -3.98
N VAL A 197 44.28 2.95 -3.75
CA VAL A 197 44.49 1.99 -4.83
C VAL A 197 43.61 2.33 -6.02
N PHE A 198 42.31 2.53 -5.78
CA PHE A 198 41.39 2.83 -6.88
C PHE A 198 41.68 4.20 -7.49
N ALA A 199 42.07 5.17 -6.67
CA ALA A 199 42.37 6.50 -7.19
C ALA A 199 43.57 6.48 -8.13
N TYR A 200 44.65 5.81 -7.72
CA TYR A 200 45.82 5.75 -8.59
C TYR A 200 45.61 4.81 -9.77
N LEU A 201 44.73 3.82 -9.64
CA LEU A 201 44.36 3.02 -10.80
C LEU A 201 43.60 3.85 -11.82
N THR A 202 42.71 4.74 -11.34
CA THR A 202 41.98 5.62 -12.25
C THR A 202 42.92 6.64 -12.88
N GLU A 203 43.90 7.13 -12.11
CA GLU A 203 44.87 8.06 -12.67
C GLU A 203 45.77 7.39 -13.71
N PHE A 204 46.20 6.16 -13.44
CA PHE A 204 46.97 5.37 -14.39
C PHE A 204 46.02 4.71 -15.38
N VAL A 205 46.53 3.72 -16.14
CA VAL A 205 45.69 2.95 -17.04
C VAL A 205 44.46 2.44 -16.29
N ASN A 206 43.29 2.56 -16.93
CA ASN A 206 42.03 2.30 -16.26
C ASN A 206 41.16 1.39 -17.12
N LEU A 207 40.18 0.77 -16.47
CA LEU A 207 39.26 -0.10 -17.17
C LEU A 207 38.27 0.70 -18.00
N GLY A 208 37.48 -0.03 -18.81
CA GLY A 208 36.41 0.62 -19.56
C GLY A 208 35.23 1.01 -18.69
N ASN A 209 35.08 0.36 -17.54
CA ASN A 209 34.00 0.66 -16.59
C ASN A 209 34.40 1.88 -15.76
N VAL A 210 34.62 2.99 -16.47
CA VAL A 210 35.15 4.18 -15.80
C VAL A 210 34.16 4.71 -14.78
N SER A 211 32.87 4.75 -15.12
CA SER A 211 31.88 5.22 -14.16
C SER A 211 31.66 4.21 -13.04
N ALA A 212 31.73 2.91 -13.37
CA ALA A 212 31.57 1.88 -12.35
C ALA A 212 32.73 1.83 -11.37
N LEU A 213 33.88 2.40 -11.71
CA LEU A 213 34.93 2.57 -10.71
C LEU A 213 34.91 3.97 -10.11
N ARG A 214 34.36 4.95 -10.84
CA ARG A 214 34.14 6.27 -10.27
C ARG A 214 33.21 6.19 -9.06
N THR A 215 32.17 5.36 -9.14
CA THR A 215 31.27 5.21 -8.01
C THR A 215 31.93 4.48 -6.84
N PHE A 216 33.17 4.01 -7.03
CA PHE A 216 33.90 3.41 -5.93
C PHE A 216 34.54 4.45 -5.01
N ARG A 217 34.73 5.67 -5.48
CA ARG A 217 35.29 6.73 -4.64
C ARG A 217 34.31 7.20 -3.58
N VAL A 218 33.10 6.66 -3.54
CA VAL A 218 32.13 7.02 -2.52
C VAL A 218 32.59 6.56 -1.13
N LEU A 219 33.48 5.57 -1.07
CA LEU A 219 34.00 5.12 0.21
C LEU A 219 34.79 6.21 0.94
N ARG A 220 35.19 7.26 0.22
CA ARG A 220 35.74 8.42 0.91
C ARG A 220 34.73 9.03 1.87
N ALA A 221 33.43 8.85 1.60
CA ALA A 221 32.42 9.26 2.56
C ALA A 221 32.28 8.29 3.72
N LEU A 222 32.72 7.04 3.54
CA LEU A 222 32.81 6.10 4.64
C LEU A 222 34.02 6.35 5.52
N LYS A 223 35.02 7.03 4.97
CA LYS A 223 36.16 7.47 5.79
C LYS A 223 35.70 8.34 6.95
N THR A 224 34.60 9.08 6.77
CA THR A 224 34.07 9.92 7.82
C THR A 224 33.76 9.13 9.09
N ILE A 225 33.30 7.89 8.94
CA ILE A 225 32.99 7.04 10.09
C ILE A 225 34.20 6.88 10.99
N SER A 226 35.38 6.76 10.41
CA SER A 226 36.61 6.59 11.17
C SER A 226 37.26 7.90 11.58
N VAL A 227 37.01 8.97 10.82
CA VAL A 227 37.62 10.26 11.17
C VAL A 227 36.87 10.92 12.32
N ILE A 228 35.54 10.92 12.27
CA ILE A 228 34.73 11.55 13.31
C ILE A 228 34.72 10.64 14.53
N PRO A 229 34.83 11.20 15.74
CA PRO A 229 34.77 10.35 16.95
C PRO A 229 33.40 9.73 17.14
N GLY A 230 33.39 8.56 17.79
CA GLY A 230 32.17 7.89 18.17
C GLY A 230 31.48 7.11 17.07
N LEU A 231 31.63 7.55 15.82
CA LEU A 231 30.95 6.88 14.73
C LEU A 231 31.42 5.45 14.55
N LYS A 232 32.68 5.18 14.87
CA LYS A 232 33.16 3.80 14.85
C LYS A 232 32.41 2.93 15.84
N THR A 233 32.13 3.47 17.04
CA THR A 233 31.39 2.72 18.02
C THR A 233 29.93 2.57 17.61
N ILE A 234 29.36 3.58 16.96
CA ILE A 234 27.98 3.50 16.51
C ILE A 234 27.82 2.41 15.45
N VAL A 235 28.73 2.38 14.48
CA VAL A 235 28.64 1.33 13.46
C VAL A 235 29.01 -0.03 14.05
N GLY A 236 29.87 -0.07 15.07
CA GLY A 236 30.09 -1.32 15.77
C GLY A 236 28.82 -1.84 16.41
N ALA A 237 28.04 -0.94 17.01
CA ALA A 237 26.76 -1.34 17.60
C ALA A 237 25.78 -1.81 16.54
N LEU A 238 25.77 -1.16 15.37
CA LEU A 238 24.88 -1.60 14.31
C LEU A 238 25.26 -2.99 13.81
N ILE A 239 26.56 -3.23 13.62
CA ILE A 239 27.01 -4.56 13.20
C ILE A 239 26.72 -5.60 14.27
N GLN A 240 26.75 -5.21 15.54
CA GLN A 240 26.41 -6.15 16.59
C GLN A 240 24.92 -6.47 16.59
N SER A 241 24.08 -5.50 16.23
CA SER A 241 22.64 -5.73 16.18
C SER A 241 22.24 -6.59 14.99
N VAL A 242 22.98 -6.51 13.88
CA VAL A 242 22.68 -7.39 12.75
C VAL A 242 22.93 -8.84 13.13
N LYS A 243 23.94 -9.09 13.96
CA LYS A 243 24.24 -10.45 14.40
C LYS A 243 23.11 -11.06 15.21
N LYS A 244 22.24 -10.23 15.79
CA LYS A 244 21.03 -10.73 16.45
C LYS A 244 19.86 -10.81 15.49
N LEU A 245 19.78 -9.88 14.53
CA LEU A 245 18.76 -9.97 13.49
C LEU A 245 18.93 -11.19 12.60
N SER A 246 20.08 -11.86 12.68
CA SER A 246 20.35 -13.05 11.86
C SER A 246 19.17 -14.01 11.81
N ASP A 247 18.68 -14.45 12.98
CA ASP A 247 17.74 -15.57 13.01
C ASP A 247 16.37 -15.14 12.49
N VAL A 248 15.94 -13.92 12.79
CA VAL A 248 14.68 -13.48 12.22
C VAL A 248 14.83 -13.24 10.73
N MET A 249 16.04 -12.98 10.24
CA MET A 249 16.21 -12.89 8.79
C MET A 249 16.08 -14.28 8.15
N ILE A 250 16.64 -15.30 8.80
CA ILE A 250 16.42 -16.67 8.32
C ILE A 250 14.93 -17.00 8.32
N LEU A 251 14.23 -16.62 9.39
CA LEU A 251 12.81 -16.93 9.47
C LEU A 251 11.99 -16.18 8.43
N THR A 252 12.31 -14.91 8.17
CA THR A 252 11.53 -14.18 7.16
C THR A 252 11.85 -14.69 5.76
N VAL A 253 13.10 -15.14 5.53
CA VAL A 253 13.39 -15.77 4.25
C VAL A 253 12.56 -17.04 4.09
N PHE A 254 12.47 -17.85 5.13
CA PHE A 254 11.67 -19.07 5.06
C PHE A 254 10.19 -18.77 4.85
N CYS A 255 9.67 -17.76 5.54
CA CYS A 255 8.24 -17.44 5.40
C CYS A 255 7.94 -16.84 4.05
N LEU A 256 8.79 -15.95 3.54
CA LEU A 256 8.55 -15.41 2.21
C LEU A 256 8.70 -16.48 1.14
N SER A 257 9.56 -17.48 1.35
CA SER A 257 9.65 -18.57 0.39
C SER A 257 8.43 -19.47 0.44
N VAL A 258 7.94 -19.79 1.63
CA VAL A 258 6.74 -20.61 1.74
C VAL A 258 5.54 -19.91 1.12
N PHE A 259 5.32 -18.65 1.48
CA PHE A 259 4.21 -17.91 0.90
C PHE A 259 4.44 -17.60 -0.58
N ALA A 260 5.69 -17.58 -1.04
CA ALA A 260 5.94 -17.41 -2.46
C ALA A 260 5.60 -18.67 -3.24
N LEU A 261 5.86 -19.84 -2.65
CA LEU A 261 5.41 -21.08 -3.29
C LEU A 261 3.89 -21.19 -3.28
N ILE A 262 3.25 -20.75 -2.19
CA ILE A 262 1.79 -20.70 -2.15
C ILE A 262 1.25 -19.79 -3.26
N GLY A 263 1.74 -18.55 -3.30
CA GLY A 263 1.28 -17.62 -4.31
C GLY A 263 1.61 -18.08 -5.71
N LEU A 264 2.73 -18.78 -5.89
CA LEU A 264 3.08 -19.31 -7.19
C LEU A 264 2.09 -20.38 -7.62
N GLN A 265 1.88 -21.39 -6.78
CA GLN A 265 0.89 -22.41 -7.05
C GLN A 265 -0.46 -21.80 -7.40
N LEU A 266 -0.90 -20.79 -6.64
CA LEU A 266 -2.25 -20.27 -6.84
C LEU A 266 -2.35 -19.39 -8.07
N PHE A 267 -1.46 -18.41 -8.22
CA PHE A 267 -1.59 -17.40 -9.27
C PHE A 267 -0.48 -17.48 -10.31
N MET A 268 0.01 -18.68 -10.62
CA MET A 268 0.95 -18.82 -11.72
C MET A 268 0.28 -18.44 -13.03
N GLY A 269 0.71 -17.34 -13.63
CA GLY A 269 0.20 -16.93 -14.91
C GLY A 269 -1.13 -16.21 -14.89
N ASN A 270 -1.71 -15.99 -13.71
CA ASN A 270 -2.98 -15.27 -13.62
C ASN A 270 -2.81 -13.82 -14.02
N LEU A 271 -1.64 -13.24 -13.77
CA LEU A 271 -1.40 -11.84 -14.10
C LEU A 271 -1.28 -11.61 -15.60
N LYS A 272 -1.17 -12.66 -16.39
CA LYS A 272 -1.08 -12.51 -17.84
C LYS A 272 -2.43 -12.35 -18.50
N HIS A 273 -3.53 -12.50 -17.75
CA HIS A 273 -4.87 -12.37 -18.31
C HIS A 273 -5.05 -11.01 -18.96
N LYS A 274 -5.59 -11.02 -20.17
CA LYS A 274 -5.85 -9.79 -20.89
C LYS A 274 -7.10 -9.97 -21.74
N CYS A 275 -8.03 -9.03 -21.65
CA CYS A 275 -9.26 -9.10 -22.41
C CYS A 275 -8.95 -8.88 -23.89
N PHE A 276 -8.97 -9.95 -24.67
CA PHE A 276 -8.59 -9.92 -26.08
C PHE A 276 -9.83 -9.79 -26.96
N ARG A 277 -9.63 -9.29 -28.18
CA ARG A 277 -10.72 -9.05 -29.10
C ARG A 277 -11.44 -10.36 -29.44
N ASN A 278 -12.57 -10.21 -30.11
CA ASN A 278 -13.37 -11.34 -30.57
C ASN A 278 -13.47 -11.41 -32.09
N SER A 279 -13.68 -10.28 -32.75
CA SER A 279 -13.81 -10.25 -34.20
C SER A 279 -12.49 -9.79 -34.80
N LEU A 280 -11.60 -10.75 -35.02
CA LEU A 280 -10.33 -10.50 -35.66
C LEU A 280 -10.51 -10.62 -37.17
N GLU A 281 -10.28 -9.52 -37.88
CA GLU A 281 -10.42 -9.56 -39.33
C GLU A 281 -9.08 -9.92 -39.96
N ASN A 282 -9.07 -9.91 -41.30
CA ASN A 282 -7.93 -10.39 -42.09
C ASN A 282 -7.67 -11.87 -41.84
N ASN A 283 -8.68 -12.55 -41.30
CA ASN A 283 -8.60 -13.98 -40.96
C ASN A 283 -7.32 -14.27 -40.16
N GLU A 284 -7.07 -13.38 -39.19
CA GLU A 284 -5.93 -13.46 -38.29
C GLU A 284 -6.28 -14.30 -37.05
N THR A 285 -5.27 -14.71 -36.32
CA THR A 285 -5.43 -15.45 -35.07
C THR A 285 -4.68 -14.75 -33.93
N LEU A 286 -4.90 -15.26 -32.71
CA LEU A 286 -4.23 -14.69 -31.54
C LEU A 286 -2.72 -14.72 -31.70
N GLU A 287 -2.16 -15.86 -32.11
CA GLU A 287 -0.71 -15.98 -32.26
C GLU A 287 -0.19 -15.15 -33.43
N SER A 288 -0.93 -15.14 -34.55
CA SER A 288 -0.56 -14.30 -35.68
C SER A 288 -0.57 -12.82 -35.32
N ILE A 289 -1.35 -12.44 -34.31
CA ILE A 289 -1.30 -11.06 -33.82
C ILE A 289 -0.12 -10.88 -32.88
N MET A 290 0.06 -11.81 -31.95
CA MET A 290 1.06 -11.64 -30.90
C MET A 290 2.47 -11.66 -31.45
N ASN A 291 2.70 -12.38 -32.54
CA ASN A 291 4.04 -12.37 -33.13
C ASN A 291 4.34 -11.06 -33.86
N THR A 292 3.31 -10.35 -34.33
CA THR A 292 3.51 -9.19 -35.19
C THR A 292 3.32 -7.84 -34.51
N LEU A 293 2.63 -7.78 -33.37
CA LEU A 293 2.36 -6.50 -32.73
C LEU A 293 3.29 -6.31 -31.54
N GLU A 294 3.96 -5.17 -31.48
CA GLU A 294 4.86 -4.89 -30.37
C GLU A 294 4.76 -3.50 -29.75
N SER A 295 4.30 -2.48 -30.47
CA SER A 295 4.17 -1.17 -29.86
C SER A 295 2.84 -1.06 -29.11
N GLU A 296 2.84 -0.20 -28.09
CA GLU A 296 1.72 -0.16 -27.16
C GLU A 296 0.43 0.30 -27.82
N GLU A 297 0.51 1.11 -28.88
CA GLU A 297 -0.71 1.56 -29.53
C GLU A 297 -1.41 0.42 -30.26
N ASP A 298 -0.66 -0.44 -30.96
CA ASP A 298 -1.29 -1.59 -31.58
C ASP A 298 -1.67 -2.64 -30.55
N PHE A 299 -0.91 -2.72 -29.45
CA PHE A 299 -1.37 -3.55 -28.33
C PHE A 299 -2.73 -3.08 -27.83
N ARG A 300 -2.93 -1.77 -27.82
CA ARG A 300 -4.19 -1.18 -27.38
C ARG A 300 -5.29 -1.39 -28.40
N LYS A 301 -4.92 -1.49 -29.67
CA LYS A 301 -5.91 -1.75 -30.72
C LYS A 301 -6.40 -3.19 -30.72
N TYR A 302 -5.84 -4.07 -29.91
CA TYR A 302 -6.26 -5.46 -29.86
C TYR A 302 -6.66 -5.94 -28.48
N PHE A 303 -6.12 -5.36 -27.41
CA PHE A 303 -6.55 -5.67 -26.05
C PHE A 303 -7.30 -4.48 -25.48
N TYR A 304 -7.76 -4.61 -24.23
CA TYR A 304 -8.68 -3.60 -23.71
C TYR A 304 -7.95 -2.30 -23.37
N TYR A 305 -6.99 -2.35 -22.43
CA TYR A 305 -6.19 -1.17 -22.11
C TYR A 305 -7.02 0.00 -21.61
N LEU A 306 -7.40 -0.05 -20.34
CA LEU A 306 -8.41 0.83 -19.74
C LEU A 306 -7.91 2.27 -19.70
N GLU A 307 -7.86 2.89 -20.88
CA GLU A 307 -7.87 4.34 -21.09
C GLU A 307 -7.02 5.11 -20.08
N GLY A 308 -5.71 4.86 -20.13
CA GLY A 308 -4.78 5.65 -19.35
C GLY A 308 -3.79 4.82 -18.58
N SER A 309 -3.81 3.51 -18.81
CA SER A 309 -2.91 2.59 -18.13
C SER A 309 -1.77 2.20 -19.06
N LYS A 310 -0.63 1.84 -18.48
CA LYS A 310 0.45 1.29 -19.26
C LYS A 310 0.17 -0.15 -19.64
N ASP A 311 -0.44 -0.90 -18.73
CA ASP A 311 -0.74 -2.31 -18.91
C ASP A 311 -2.15 -2.49 -19.44
N ALA A 312 -2.41 -3.68 -19.97
CA ALA A 312 -3.76 -4.02 -20.38
C ALA A 312 -4.57 -4.50 -19.18
N LEU A 313 -5.88 -4.38 -19.28
CA LEU A 313 -6.74 -4.68 -18.15
C LEU A 313 -6.73 -6.16 -17.85
N LEU A 314 -6.51 -6.52 -16.60
CA LEU A 314 -6.61 -7.90 -16.17
C LEU A 314 -8.07 -8.33 -16.21
N CYS A 315 -8.29 -9.58 -16.61
CA CYS A 315 -9.62 -10.15 -16.69
C CYS A 315 -9.64 -11.36 -15.79
N GLY A 316 -10.73 -12.13 -15.86
CA GLY A 316 -10.85 -13.30 -15.01
C GLY A 316 -11.80 -14.31 -15.60
N PHE A 317 -11.52 -15.59 -15.33
CA PHE A 317 -12.39 -16.67 -15.76
C PHE A 317 -13.46 -17.00 -14.74
N SER A 318 -13.20 -16.73 -13.47
CA SER A 318 -14.21 -16.93 -12.44
C SER A 318 -15.33 -15.91 -12.60
N THR A 319 -16.41 -16.14 -11.86
CA THR A 319 -17.59 -15.28 -11.98
C THR A 319 -17.43 -13.98 -11.20
N ASP A 320 -16.64 -13.98 -10.13
CA ASP A 320 -16.52 -12.79 -9.30
C ASP A 320 -15.36 -11.89 -9.72
N SER A 321 -14.27 -12.46 -10.23
CA SER A 321 -13.12 -11.66 -10.63
C SER A 321 -13.46 -10.69 -11.74
N GLY A 322 -13.70 -11.21 -12.94
CA GLY A 322 -14.14 -10.39 -14.05
C GLY A 322 -13.27 -9.19 -14.35
N GLN A 323 -13.72 -8.31 -15.25
CA GLN A 323 -14.90 -8.53 -16.07
C GLN A 323 -14.60 -8.01 -17.47
N CYS A 324 -14.38 -8.90 -18.41
CA CYS A 324 -14.09 -8.48 -19.77
C CYS A 324 -15.32 -7.80 -20.38
N PRO A 325 -15.17 -6.62 -20.97
CA PRO A 325 -16.31 -5.94 -21.58
C PRO A 325 -16.91 -6.76 -22.71
N GLU A 326 -18.06 -6.30 -23.20
CA GLU A 326 -18.71 -6.98 -24.31
C GLU A 326 -17.83 -6.91 -25.55
N GLY A 327 -17.62 -8.06 -26.18
CA GLY A 327 -16.74 -8.13 -27.33
C GLY A 327 -15.31 -8.47 -27.00
N TYR A 328 -15.03 -8.89 -25.76
CA TYR A 328 -13.69 -9.20 -25.31
C TYR A 328 -13.75 -10.45 -24.47
N THR A 329 -12.90 -11.44 -24.76
CA THR A 329 -12.83 -12.65 -23.97
C THR A 329 -11.47 -12.76 -23.30
N CYS A 330 -11.49 -13.26 -22.06
CA CYS A 330 -10.29 -13.33 -21.25
C CYS A 330 -9.36 -14.43 -21.74
N VAL A 331 -8.07 -14.13 -21.79
CA VAL A 331 -7.04 -15.07 -22.21
C VAL A 331 -5.73 -14.61 -21.61
N LYS A 332 -4.87 -15.55 -21.22
CA LYS A 332 -3.56 -15.19 -20.67
C LYS A 332 -2.54 -15.20 -21.79
N ILE A 333 -2.30 -14.04 -22.39
CA ILE A 333 -1.34 -13.89 -23.46
C ILE A 333 -0.74 -12.50 -23.40
N GLY A 334 0.58 -12.42 -23.38
CA GLY A 334 1.29 -11.17 -23.24
C GLY A 334 2.15 -11.15 -22.00
N ARG A 335 2.59 -9.95 -21.63
CA ARG A 335 3.45 -9.79 -20.48
C ARG A 335 2.62 -9.45 -19.23
N ASN A 336 3.25 -9.63 -18.08
CA ASN A 336 2.63 -9.28 -16.81
C ASN A 336 2.58 -7.76 -16.67
N PRO A 337 1.84 -7.25 -15.69
CA PRO A 337 1.75 -5.80 -15.52
C PRO A 337 3.00 -5.24 -14.84
N ASP A 338 3.13 -3.92 -14.92
CA ASP A 338 4.27 -3.18 -14.34
C ASP A 338 5.59 -3.60 -14.99
N TYR A 339 5.63 -3.47 -16.31
CA TYR A 339 6.77 -3.78 -17.16
C TYR A 339 7.12 -5.26 -17.18
N GLY A 340 6.38 -6.10 -16.48
CA GLY A 340 6.71 -7.51 -16.36
C GLY A 340 7.22 -7.92 -15.00
N TYR A 341 7.37 -6.97 -14.07
CA TYR A 341 7.95 -7.26 -12.77
C TYR A 341 6.93 -7.62 -11.71
N THR A 342 5.64 -7.44 -11.99
CA THR A 342 4.58 -7.84 -11.07
C THR A 342 3.95 -9.11 -11.63
N SER A 343 4.21 -10.23 -10.97
CA SER A 343 3.66 -11.52 -11.36
C SER A 343 4.05 -12.54 -10.31
N PHE A 344 3.37 -13.69 -10.35
CA PHE A 344 3.76 -14.87 -9.60
C PHE A 344 4.24 -15.98 -10.50
N ASP A 345 4.69 -15.65 -11.72
CA ASP A 345 4.99 -16.67 -12.72
C ASP A 345 6.15 -17.55 -12.30
N THR A 346 7.29 -16.95 -12.02
CA THR A 346 8.44 -17.70 -11.52
C THR A 346 8.59 -17.49 -10.03
N PHE A 347 9.34 -18.41 -9.40
CA PHE A 347 9.50 -18.32 -7.96
C PHE A 347 10.24 -17.05 -7.54
N SER A 348 11.14 -16.54 -8.38
CA SER A 348 11.84 -15.33 -8.05
C SER A 348 10.89 -14.13 -8.05
N TRP A 349 10.00 -14.06 -9.04
CA TRP A 349 9.01 -12.99 -9.04
C TRP A 349 8.00 -13.15 -7.90
N ALA A 350 7.68 -14.38 -7.54
CA ALA A 350 6.79 -14.59 -6.39
C ALA A 350 7.45 -14.14 -5.10
N PHE A 351 8.75 -14.41 -4.95
CA PHE A 351 9.47 -13.96 -3.77
C PHE A 351 9.58 -12.44 -3.74
N LEU A 352 9.74 -11.81 -4.90
CA LEU A 352 9.79 -10.34 -4.92
C LEU A 352 8.44 -9.75 -4.56
N ALA A 353 7.36 -10.27 -5.15
CA ALA A 353 6.03 -9.78 -4.83
C ALA A 353 5.68 -10.02 -3.37
N LEU A 354 6.18 -11.10 -2.78
CA LEU A 354 5.87 -11.33 -1.38
C LEU A 354 6.75 -10.50 -0.44
N PHE A 355 7.97 -10.16 -0.84
CA PHE A 355 8.71 -9.18 -0.06
C PHE A 355 8.03 -7.82 -0.14
N ARG A 356 7.44 -7.49 -1.30
CA ARG A 356 6.65 -6.28 -1.42
C ARG A 356 5.42 -6.31 -0.54
N LEU A 357 4.78 -7.48 -0.40
CA LEU A 357 3.65 -7.61 0.52
C LEU A 357 4.08 -7.54 1.97
N MET A 358 5.28 -8.04 2.28
CA MET A 358 5.76 -8.04 3.66
C MET A 358 6.18 -6.65 4.10
N THR A 359 6.76 -5.85 3.21
CA THR A 359 7.05 -4.46 3.51
C THR A 359 5.88 -3.54 3.18
N GLN A 360 4.78 -4.09 2.66
CA GLN A 360 3.57 -3.34 2.34
C GLN A 360 3.86 -2.15 1.45
N ASP A 361 4.81 -2.31 0.53
CA ASP A 361 5.14 -1.26 -0.42
C ASP A 361 4.24 -1.41 -1.63
N TYR A 362 3.28 -0.49 -1.78
CA TYR A 362 2.33 -0.53 -2.88
C TYR A 362 1.62 -1.87 -2.95
N TRP A 363 1.52 -2.56 -1.81
CA TRP A 363 0.90 -3.88 -1.79
C TRP A 363 -0.56 -3.83 -2.16
N GLU A 364 -1.20 -2.66 -2.05
CA GLU A 364 -2.59 -2.53 -2.43
C GLU A 364 -2.78 -2.74 -3.92
N ASN A 365 -1.77 -2.42 -4.73
CA ASN A 365 -1.91 -2.62 -6.17
C ASN A 365 -1.76 -4.10 -6.51
N LEU A 366 -0.86 -4.81 -5.83
CA LEU A 366 -0.78 -6.25 -6.01
C LEU A 366 -2.07 -6.92 -5.55
N TYR A 367 -2.61 -6.47 -4.42
CA TYR A 367 -3.91 -6.91 -3.94
C TYR A 367 -4.97 -6.79 -5.02
N GLN A 368 -5.14 -5.59 -5.57
CA GLN A 368 -6.19 -5.36 -6.55
C GLN A 368 -5.95 -6.13 -7.84
N GLN A 369 -4.69 -6.22 -8.28
CA GLN A 369 -4.38 -6.92 -9.52
C GLN A 369 -4.63 -8.41 -9.37
N THR A 370 -4.13 -9.02 -8.29
CA THR A 370 -4.35 -10.44 -8.08
C THR A 370 -5.82 -10.76 -7.91
N LEU A 371 -6.57 -9.92 -7.20
CA LEU A 371 -8.00 -10.19 -7.05
C LEU A 371 -8.73 -10.06 -8.38
N ARG A 372 -8.42 -9.03 -9.16
CA ARG A 372 -9.06 -8.89 -10.46
C ARG A 372 -8.73 -10.03 -11.39
N ALA A 373 -7.52 -10.58 -11.30
CA ALA A 373 -7.14 -11.64 -12.23
C ALA A 373 -7.66 -12.99 -11.78
N ALA A 374 -7.58 -13.30 -10.50
CA ALA A 374 -7.87 -14.64 -10.00
C ALA A 374 -9.27 -14.78 -9.43
N GLY A 375 -9.74 -13.82 -8.66
CA GLY A 375 -11.03 -13.91 -8.01
C GLY A 375 -10.99 -13.25 -6.66
N LYS A 376 -12.10 -12.62 -6.28
CA LYS A 376 -12.18 -11.93 -5.00
C LYS A 376 -12.07 -12.87 -3.81
N THR A 377 -12.13 -14.19 -4.02
CA THR A 377 -12.05 -15.13 -2.92
C THR A 377 -10.64 -15.25 -2.36
N TYR A 378 -9.64 -14.76 -3.08
CA TYR A 378 -8.26 -14.78 -2.61
C TYR A 378 -7.96 -13.63 -1.66
N MET A 379 -8.98 -12.83 -1.35
CA MET A 379 -8.96 -11.99 -0.16
C MET A 379 -8.44 -12.76 1.05
N ILE A 380 -8.72 -14.07 1.11
CA ILE A 380 -8.23 -14.88 2.22
C ILE A 380 -6.72 -15.03 2.14
N PHE A 381 -6.18 -15.27 0.94
CA PHE A 381 -4.74 -15.38 0.80
C PHE A 381 -4.06 -14.09 1.20
N PHE A 382 -4.60 -12.95 0.79
CA PHE A 382 -3.95 -11.70 1.15
C PHE A 382 -4.14 -11.35 2.62
N VAL A 383 -5.26 -11.72 3.21
CA VAL A 383 -5.44 -11.52 4.65
C VAL A 383 -4.40 -12.32 5.41
N VAL A 384 -4.25 -13.60 5.06
CA VAL A 384 -3.26 -14.43 5.75
C VAL A 384 -1.87 -13.88 5.56
N VAL A 385 -1.53 -13.49 4.32
CA VAL A 385 -0.19 -12.99 4.04
C VAL A 385 0.07 -11.72 4.84
N ILE A 386 -0.83 -10.74 4.78
CA ILE A 386 -0.62 -9.50 5.52
C ILE A 386 -0.52 -9.81 7.00
N PHE A 387 -1.62 -10.28 7.60
CA PHE A 387 -1.75 -10.46 9.03
C PHE A 387 -0.80 -11.50 9.61
N LEU A 388 -0.08 -12.27 8.81
CA LEU A 388 0.98 -13.12 9.35
C LEU A 388 2.35 -12.65 8.90
N GLY A 389 2.62 -12.70 7.59
CA GLY A 389 3.91 -12.29 7.09
C GLY A 389 4.19 -10.85 7.45
N SER A 390 3.45 -9.89 6.91
CA SER A 390 3.84 -8.50 7.04
C SER A 390 3.89 -8.10 8.51
N PHE A 391 2.75 -8.17 9.19
CA PHE A 391 2.67 -7.72 10.57
C PHE A 391 3.63 -8.50 11.46
N TYR A 392 3.50 -9.84 11.49
CA TYR A 392 4.26 -10.62 12.45
C TYR A 392 5.76 -10.53 12.19
N LEU A 393 6.19 -10.61 10.92
CA LEU A 393 7.61 -10.56 10.64
C LEU A 393 8.19 -9.17 10.89
N ILE A 394 7.47 -8.11 10.53
CA ILE A 394 7.97 -6.77 10.82
C ILE A 394 8.09 -6.57 12.32
N ASN A 395 7.07 -7.00 13.07
CA ASN A 395 7.13 -6.83 14.52
C ASN A 395 8.16 -7.73 15.15
N LEU A 396 8.51 -8.85 14.51
CA LEU A 396 9.59 -9.68 15.02
C LEU A 396 10.94 -9.02 14.79
N ILE A 397 11.14 -8.44 13.62
CA ILE A 397 12.33 -7.63 13.38
C ILE A 397 12.44 -6.53 14.43
N LEU A 398 11.34 -5.82 14.68
CA LEU A 398 11.35 -4.75 15.67
C LEU A 398 11.65 -5.29 17.06
N ALA A 399 11.06 -6.43 17.43
CA ALA A 399 11.25 -6.97 18.76
C ALA A 399 12.69 -7.42 18.98
N VAL A 400 13.31 -8.02 17.97
CA VAL A 400 14.67 -8.51 18.16
C VAL A 400 15.66 -7.37 18.09
N VAL A 401 15.42 -6.37 17.23
CA VAL A 401 16.24 -5.16 17.26
C VAL A 401 16.14 -4.49 18.62
N ALA A 402 14.93 -4.39 19.17
CA ALA A 402 14.74 -3.76 20.47
C ALA A 402 15.43 -4.53 21.57
N MET A 403 15.28 -5.85 21.58
CA MET A 403 15.94 -6.65 22.61
C MET A 403 17.45 -6.55 22.52
N ALA A 404 17.99 -6.63 21.30
CA ALA A 404 19.44 -6.51 21.11
C ALA A 404 19.93 -5.16 21.59
N TYR A 405 19.30 -4.08 21.14
CA TYR A 405 19.76 -2.74 21.51
C TYR A 405 19.59 -2.48 22.99
N GLU A 406 18.51 -2.98 23.59
CA GLU A 406 18.27 -2.74 25.01
C GLU A 406 19.25 -3.51 25.87
N GLU A 407 19.55 -4.77 25.49
CA GLU A 407 20.56 -5.51 26.25
C GLU A 407 21.94 -4.89 26.04
N GLN A 408 22.20 -4.36 24.84
CA GLN A 408 23.40 -3.58 24.59
C GLN A 408 23.50 -2.41 25.55
N ASN A 409 22.41 -1.65 25.69
CA ASN A 409 22.41 -0.46 26.54
C ASN A 409 22.58 -0.83 28.01
N GLN A 410 21.88 -1.87 28.46
CA GLN A 410 22.02 -2.31 29.85
C GLN A 410 23.43 -2.77 30.15
N ALA A 411 23.98 -3.64 29.31
CA ALA A 411 25.35 -4.10 29.49
C ALA A 411 26.31 -2.91 29.45
N ASN A 412 26.08 -1.96 28.56
CA ASN A 412 26.94 -0.80 28.45
C ASN A 412 26.96 0.00 29.76
N ILE A 413 25.79 0.35 30.28
CA ILE A 413 25.75 1.22 31.45
C ILE A 413 26.21 0.48 32.71
N GLU A 414 25.95 -0.83 32.77
CA GLU A 414 26.41 -1.59 33.93
C GLU A 414 27.91 -1.84 33.90
N GLU A 415 28.49 -2.06 32.72
CA GLU A 415 29.94 -2.16 32.62
C GLU A 415 30.62 -0.81 32.79
N ALA A 416 29.89 0.29 32.52
CA ALA A 416 30.42 1.61 32.80
C ALA A 416 30.44 1.89 34.30
N LYS A 417 29.28 1.79 34.94
CA LYS A 417 29.18 2.09 36.37
C LYS A 417 29.13 0.82 37.21
N CYS A 715 22.20 59.87 35.97
CA CYS A 715 21.09 59.08 35.47
C CYS A 715 21.16 57.63 35.96
N SER A 716 22.30 57.28 36.56
CA SER A 716 22.46 55.92 37.07
C SER A 716 21.53 55.60 38.23
N PRO A 717 21.29 56.49 39.20
CA PRO A 717 20.27 56.16 40.22
C PRO A 717 18.86 56.12 39.65
N TYR A 718 18.54 57.01 38.72
CA TYR A 718 17.28 56.90 38.00
C TYR A 718 17.21 55.57 37.25
N TRP A 719 18.34 55.12 36.71
CA TRP A 719 18.40 53.82 36.05
C TRP A 719 18.12 52.69 37.03
N ILE A 720 18.67 52.78 38.25
CA ILE A 720 18.44 51.74 39.25
C ILE A 720 16.98 51.71 39.67
N LYS A 721 16.38 52.88 39.88
CA LYS A 721 14.97 52.94 40.23
C LYS A 721 14.10 52.37 39.11
N PHE A 722 14.44 52.69 37.86
CA PHE A 722 13.74 52.13 36.71
C PHE A 722 13.86 50.61 36.69
N LYS A 723 15.05 50.09 36.94
CA LYS A 723 15.27 48.66 36.91
C LYS A 723 14.48 47.95 38.00
N LYS A 724 14.49 48.51 39.22
CA LYS A 724 13.72 47.93 40.31
C LYS A 724 12.23 47.97 39.99
N CYS A 725 11.76 49.08 39.42
CA CYS A 725 10.34 49.18 39.07
C CYS A 725 9.97 48.16 38.01
N ILE A 726 10.84 47.92 37.03
CA ILE A 726 10.52 46.96 35.98
C ILE A 726 10.53 45.53 36.53
N TYR A 727 11.54 45.20 37.35
CA TYR A 727 11.56 43.87 37.96
C TYR A 727 10.35 43.64 38.85
N PHE A 728 9.85 44.69 39.50
CA PHE A 728 8.65 44.55 40.30
C PHE A 728 7.40 44.42 39.43
N ILE A 729 7.37 45.11 38.29
CA ILE A 729 6.20 45.09 37.42
C ILE A 729 6.17 43.86 36.51
N VAL A 730 7.25 43.08 36.46
CA VAL A 730 7.18 41.85 35.67
C VAL A 730 6.25 40.83 36.29
N MET A 731 5.89 40.98 37.57
CA MET A 731 4.81 40.22 38.19
C MET A 731 4.95 38.72 37.90
N ASP A 732 6.01 38.14 38.45
CA ASP A 732 6.37 36.73 38.25
C ASP A 732 5.19 35.77 38.14
N PRO A 733 4.17 35.80 39.01
CA PRO A 733 3.07 34.83 38.87
C PRO A 733 2.12 35.12 37.72
N PHE A 734 2.18 36.29 37.09
CA PHE A 734 1.13 36.67 36.15
C PHE A 734 1.60 36.94 34.74
N VAL A 735 2.66 37.72 34.54
CA VAL A 735 2.93 38.19 33.18
C VAL A 735 3.43 37.04 32.32
N ASP A 736 4.08 36.04 32.91
CA ASP A 736 4.46 34.87 32.13
C ASP A 736 3.23 34.14 31.61
N LEU A 737 2.19 34.03 32.43
CA LEU A 737 0.94 33.46 31.95
C LEU A 737 0.27 34.34 30.90
N ALA A 738 0.39 35.66 31.04
CA ALA A 738 -0.12 36.55 30.01
C ALA A 738 0.62 36.33 28.69
N ILE A 739 1.93 36.13 28.75
CA ILE A 739 2.70 35.87 27.53
C ILE A 739 2.35 34.50 26.95
N THR A 740 2.09 33.51 27.80
CA THR A 740 1.68 32.21 27.30
C THR A 740 0.34 32.28 26.58
N ILE A 741 -0.64 32.96 27.17
CA ILE A 741 -1.94 33.08 26.50
C ILE A 741 -1.81 33.94 25.25
N CYS A 742 -0.86 34.89 25.25
CA CYS A 742 -0.63 35.68 24.05
C CYS A 742 -0.04 34.83 22.94
N ILE A 743 0.85 33.90 23.29
CA ILE A 743 1.41 32.98 22.30
C ILE A 743 0.31 32.10 21.72
N VAL A 744 -0.54 31.55 22.59
CA VAL A 744 -1.65 30.72 22.12
C VAL A 744 -2.57 31.51 21.20
N LEU A 745 -2.90 32.74 21.59
CA LEU A 745 -3.75 33.57 20.75
C LEU A 745 -3.08 33.89 19.43
N ASN A 746 -1.77 34.09 19.43
CA ASN A 746 -1.07 34.41 18.19
C ASN A 746 -1.05 33.22 17.23
N THR A 747 -0.85 32.00 17.75
CA THR A 747 -0.89 30.83 16.87
C THR A 747 -2.29 30.59 16.35
N LEU A 748 -3.30 30.66 17.22
CA LEU A 748 -4.67 30.49 16.74
C LEU A 748 -5.11 31.63 15.84
N PHE A 749 -4.39 32.75 15.86
CA PHE A 749 -4.66 33.87 14.96
C PHE A 749 -3.98 33.68 13.61
N MET A 750 -2.81 33.06 13.61
CA MET A 750 -2.16 32.71 12.35
C MET A 750 -2.87 31.55 11.67
N ALA A 751 -3.49 30.66 12.43
CA ALA A 751 -4.18 29.51 11.87
C ALA A 751 -5.47 29.86 11.15
N MET A 752 -5.98 31.08 11.27
CA MET A 752 -7.18 31.45 10.54
C MET A 752 -6.82 32.18 9.24
N GLU A 753 -5.98 31.52 8.45
CA GLU A 753 -5.59 32.02 7.14
C GLU A 753 -5.93 30.97 6.10
N HIS A 754 -6.48 31.43 4.98
CA HIS A 754 -6.87 30.53 3.90
C HIS A 754 -6.53 31.18 2.58
N HIS A 755 -6.74 30.45 1.48
CA HIS A 755 -6.44 31.03 0.17
C HIS A 755 -7.44 32.13 -0.19
N PRO A 756 -8.75 31.87 -0.29
CA PRO A 756 -9.65 32.98 -0.61
C PRO A 756 -9.90 33.82 0.64
N MET A 757 -9.25 34.97 0.73
CA MET A 757 -9.39 35.86 1.87
C MET A 757 -9.89 37.20 1.39
N THR A 758 -10.88 37.74 2.09
CA THR A 758 -11.29 39.10 1.81
C THR A 758 -10.18 40.06 2.27
N GLU A 759 -10.11 41.22 1.61
CA GLU A 759 -9.11 42.21 1.98
C GLU A 759 -9.29 42.65 3.43
N GLU A 760 -10.53 42.66 3.92
CA GLU A 760 -10.77 42.97 5.33
C GLU A 760 -10.10 41.96 6.24
N PHE A 761 -10.31 40.67 5.96
CA PHE A 761 -9.67 39.62 6.75
C PHE A 761 -8.16 39.71 6.63
N LYS A 762 -7.66 40.06 5.45
CA LYS A 762 -6.22 40.16 5.24
C LYS A 762 -5.61 41.25 6.11
N ASN A 763 -6.18 42.47 6.07
CA ASN A 763 -5.59 43.54 6.87
C ASN A 763 -5.84 43.31 8.36
N VAL A 764 -6.92 42.59 8.70
CA VAL A 764 -7.11 42.19 10.09
C VAL A 764 -5.96 41.32 10.57
N LEU A 765 -5.63 40.29 9.79
CA LEU A 765 -4.51 39.43 10.17
C LEU A 765 -3.20 40.20 10.18
N ALA A 766 -3.05 41.16 9.26
CA ALA A 766 -1.82 41.95 9.21
C ALA A 766 -1.64 42.78 10.48
N ILE A 767 -2.66 43.55 10.85
CA ILE A 767 -2.56 44.35 12.06
C ILE A 767 -2.44 43.45 13.28
N GLY A 768 -3.07 42.28 13.26
CA GLY A 768 -2.96 41.37 14.38
C GLY A 768 -1.54 40.86 14.59
N ASN A 769 -0.89 40.40 13.53
CA ASN A 769 0.44 39.84 13.72
C ASN A 769 1.46 40.94 14.00
N LEU A 770 1.26 42.14 13.45
CA LEU A 770 2.16 43.23 13.81
C LEU A 770 1.99 43.63 15.27
N VAL A 771 0.74 43.60 15.77
CA VAL A 771 0.50 43.89 17.18
C VAL A 771 1.14 42.83 18.05
N PHE A 772 1.07 41.57 17.64
CA PHE A 772 1.65 40.50 18.44
C PHE A 772 3.16 40.57 18.47
N THR A 773 3.80 40.82 17.32
CA THR A 773 5.25 40.99 17.32
C THR A 773 5.65 42.24 18.09
N GLY A 774 4.79 43.25 18.14
CA GLY A 774 5.07 44.39 19.00
C GLY A 774 5.03 44.03 20.47
N ILE A 775 4.04 43.24 20.88
CA ILE A 775 3.97 42.78 22.26
C ILE A 775 5.22 41.97 22.61
N PHE A 776 5.64 41.09 21.70
CA PHE A 776 6.79 40.25 22.00
C PHE A 776 8.09 41.05 22.01
N ALA A 777 8.21 42.05 21.14
CA ALA A 777 9.39 42.93 21.19
C ALA A 777 9.41 43.75 22.47
N ALA A 778 8.24 44.22 22.92
CA ALA A 778 8.17 44.94 24.18
C ALA A 778 8.62 44.07 25.34
N GLU A 779 8.14 42.82 25.39
CA GLU A 779 8.59 41.89 26.43
C GLU A 779 10.08 41.62 26.31
N MET A 780 10.58 41.53 25.08
CA MET A 780 12.02 41.35 24.85
C MET A 780 12.83 42.48 25.48
N VAL A 781 12.50 43.73 25.14
CA VAL A 781 13.32 44.85 25.59
C VAL A 781 13.16 45.04 27.10
N LEU A 782 11.94 44.86 27.62
CA LEU A 782 11.74 44.98 29.06
C LEU A 782 12.56 43.93 29.80
N LYS A 783 12.58 42.70 29.29
CA LYS A 783 13.31 41.65 30.00
C LYS A 783 14.81 41.81 29.84
N LEU A 784 15.29 42.39 28.73
CA LEU A 784 16.72 42.60 28.62
C LEU A 784 17.18 43.68 29.59
N ILE A 785 16.44 44.79 29.66
CA ILE A 785 16.83 45.85 30.59
C ILE A 785 16.65 45.39 32.05
N ALA A 786 15.71 44.49 32.32
CA ALA A 786 15.51 44.03 33.70
C ALA A 786 16.46 42.89 34.06
N MET A 787 16.96 42.16 33.05
CA MET A 787 17.75 40.96 33.27
C MET A 787 19.22 41.15 32.96
N ASP A 788 19.64 42.41 32.68
CA ASP A 788 21.08 42.67 32.63
C ASP A 788 20.93 41.92 31.31
N PRO A 789 21.93 42.11 30.44
CA PRO A 789 22.07 41.53 29.12
C PRO A 789 22.95 40.31 29.18
N TYR A 790 23.85 40.33 30.15
CA TYR A 790 24.71 39.16 30.35
C TYR A 790 23.86 38.14 31.09
N GLU A 791 23.36 38.54 32.27
CA GLU A 791 22.46 37.67 33.03
C GLU A 791 21.21 37.35 32.22
N TYR A 792 20.83 38.22 31.28
CA TYR A 792 19.68 37.96 30.43
C TYR A 792 19.93 36.78 29.51
N PHE A 793 20.95 36.88 28.65
CA PHE A 793 21.31 35.80 27.75
C PHE A 793 21.84 34.57 28.47
N GLN A 794 22.02 34.64 29.79
CA GLN A 794 22.31 33.43 30.57
C GLN A 794 21.28 32.31 30.35
N VAL A 795 20.10 32.62 29.82
CA VAL A 795 19.01 31.64 29.71
C VAL A 795 18.85 31.20 28.27
N GLY A 796 18.80 29.89 28.05
CA GLY A 796 18.63 29.36 26.70
C GLY A 796 17.26 29.69 26.13
N TRP A 797 16.21 29.57 26.95
CA TRP A 797 14.89 29.97 26.49
C TRP A 797 14.87 31.43 26.09
N ASN A 798 15.56 32.29 26.84
CA ASN A 798 15.52 33.71 26.53
C ASN A 798 16.33 34.02 25.28
N ILE A 799 17.45 33.32 25.07
CA ILE A 799 18.19 33.56 23.82
C ILE A 799 17.38 33.06 22.62
N PHE A 800 16.61 31.98 22.80
CA PHE A 800 15.74 31.53 21.72
C PHE A 800 14.66 32.57 21.43
N ASP A 801 14.04 33.10 22.49
CA ASP A 801 13.08 34.19 22.33
C ASP A 801 13.71 35.37 21.60
N SER A 802 14.97 35.67 21.90
CA SER A 802 15.66 36.78 21.23
C SER A 802 15.82 36.51 19.74
N LEU A 803 16.27 35.31 19.38
CA LEU A 803 16.37 34.96 17.97
C LEU A 803 15.02 35.09 17.27
N ILE A 804 13.95 34.61 17.93
CA ILE A 804 12.62 34.65 17.31
C ILE A 804 12.16 36.10 17.13
N VAL A 805 12.32 36.95 18.15
CA VAL A 805 11.81 38.30 18.01
C VAL A 805 12.60 39.06 16.97
N THR A 806 13.90 38.79 16.85
CA THR A 806 14.68 39.42 15.80
C THR A 806 14.22 38.97 14.41
N LEU A 807 14.05 37.65 14.23
CA LEU A 807 13.57 37.13 12.97
C LEU A 807 12.15 37.60 12.65
N SER A 808 11.40 38.04 13.66
CA SER A 808 10.07 38.59 13.44
C SER A 808 10.10 40.06 13.05
N LEU A 809 10.86 40.87 13.80
CA LEU A 809 10.98 42.29 13.48
C LEU A 809 11.71 42.54 12.18
N VAL A 810 12.48 41.56 11.69
CA VAL A 810 13.15 41.74 10.40
C VAL A 810 12.15 41.85 9.26
N GLU A 811 10.85 41.66 9.54
CA GLU A 811 9.84 41.58 8.49
C GLU A 811 8.81 42.70 8.58
N LEU A 812 8.93 43.59 9.57
CA LEU A 812 7.88 44.59 9.78
C LEU A 812 7.93 45.68 8.71
N PHE A 813 9.08 46.31 8.53
CA PHE A 813 9.26 47.34 7.51
C PHE A 813 10.33 46.95 6.50
N LEU A 814 10.85 45.72 6.58
CA LEU A 814 11.95 45.30 5.71
C LEU A 814 11.55 44.04 4.93
N LEU A 820 9.74 37.17 1.38
CA LEU A 820 9.59 35.72 1.39
C LEU A 820 8.51 35.28 2.38
N SER A 821 8.16 34.00 2.34
CA SER A 821 7.16 33.43 3.22
C SER A 821 7.76 32.64 4.37
N VAL A 822 8.78 31.82 4.12
CA VAL A 822 9.31 30.93 5.14
C VAL A 822 9.84 31.72 6.32
N LEU A 823 10.45 32.88 6.08
CA LEU A 823 10.90 33.71 7.18
C LEU A 823 9.74 34.21 8.02
N ARG A 824 8.59 34.48 7.38
CA ARG A 824 7.38 34.81 8.12
C ARG A 824 6.79 33.61 8.83
N SER A 825 7.16 32.40 8.42
CA SER A 825 6.65 31.17 9.00
C SER A 825 7.41 30.74 10.25
N PHE A 826 8.16 31.66 10.87
CA PHE A 826 8.99 31.29 12.02
C PHE A 826 8.45 31.78 13.35
N ARG A 827 7.37 32.57 13.35
CA ARG A 827 6.71 32.90 14.62
C ARG A 827 6.17 31.66 15.31
N LEU A 828 5.89 30.60 14.55
CA LEU A 828 5.26 29.40 15.11
C LEU A 828 6.10 28.76 16.20
N LEU A 829 7.42 28.89 16.11
CA LEU A 829 8.29 28.26 17.10
C LEU A 829 8.04 28.80 18.51
N ARG A 830 7.38 29.95 18.63
CA ARG A 830 7.04 30.47 19.95
C ARG A 830 6.14 29.51 20.71
N VAL A 831 5.26 28.79 20.01
CA VAL A 831 4.34 27.88 20.69
C VAL A 831 5.09 26.75 21.37
N PHE A 832 6.38 26.61 21.12
CA PHE A 832 7.19 25.67 21.89
C PHE A 832 7.49 26.19 23.29
N LYS A 833 7.25 27.48 23.55
CA LYS A 833 7.40 28.00 24.90
C LYS A 833 6.43 27.38 25.88
N LEU A 834 5.32 26.82 25.41
CA LEU A 834 4.39 26.13 26.30
C LEU A 834 5.00 24.87 26.90
N ALA A 835 6.29 24.60 26.63
CA ALA A 835 6.88 23.32 27.00
C ALA A 835 7.04 23.19 28.51
N LYS A 836 7.56 24.21 29.19
CA LYS A 836 7.80 24.09 30.62
C LYS A 836 6.52 23.91 31.42
N SER A 837 5.38 24.30 30.86
CA SER A 837 4.09 24.05 31.48
C SER A 837 3.45 22.75 31.00
N TRP A 838 3.76 22.32 29.78
CA TRP A 838 3.16 21.14 29.18
C TRP A 838 4.12 19.97 29.28
N PRO A 839 3.88 18.99 30.14
CA PRO A 839 4.87 17.90 30.27
C PRO A 839 4.99 17.04 29.03
N THR A 840 3.91 16.83 28.28
CA THR A 840 4.01 16.04 27.06
C THR A 840 4.79 16.78 25.98
N LEU A 841 4.56 18.08 25.82
CA LEU A 841 5.39 18.86 24.91
C LEU A 841 6.83 18.88 25.38
N ASN A 842 7.05 18.81 26.69
CA ASN A 842 8.41 18.71 27.19
C ASN A 842 9.05 17.39 26.78
N MET A 843 8.28 16.29 26.80
CA MET A 843 8.81 15.02 26.33
C MET A 843 9.12 15.08 24.85
N LEU A 844 8.29 15.77 24.07
CA LEU A 844 8.58 15.93 22.64
C LEU A 844 9.86 16.72 22.41
N ILE A 845 10.03 17.83 23.16
CA ILE A 845 11.27 18.59 23.09
C ILE A 845 12.47 17.73 23.48
N LYS A 846 12.29 16.88 24.49
CA LYS A 846 13.38 16.02 24.95
C LYS A 846 13.76 15.00 23.89
N ILE A 847 12.77 14.47 23.17
CA ILE A 847 13.07 13.53 22.10
C ILE A 847 13.81 14.22 20.95
N ILE A 848 13.30 15.38 20.52
CA ILE A 848 13.96 16.11 19.44
C ILE A 848 15.36 16.55 19.85
N GLY A 849 15.59 16.77 21.14
CA GLY A 849 16.92 17.14 21.60
C GLY A 849 17.87 15.97 21.74
N ASN A 850 17.36 14.81 22.18
CA ASN A 850 18.18 13.62 22.23
C ASN A 850 18.57 13.17 20.84
N SER A 851 17.76 13.49 19.83
CA SER A 851 18.10 13.12 18.46
C SER A 851 19.43 13.73 18.04
N VAL A 852 19.72 14.96 18.48
CA VAL A 852 20.99 15.62 18.17
C VAL A 852 21.91 15.69 19.39
N GLY A 853 21.56 15.01 20.47
CA GLY A 853 22.41 14.98 21.65
C GLY A 853 23.06 13.63 21.88
N ALA A 854 22.48 12.83 22.78
CA ALA A 854 23.04 11.51 23.07
C ALA A 854 23.04 10.62 21.84
N LEU A 855 22.13 10.86 20.89
CA LEU A 855 22.06 10.11 19.65
C LEU A 855 22.42 10.97 18.45
N GLY A 856 23.17 12.05 18.67
CA GLY A 856 23.66 12.83 17.55
C GLY A 856 24.55 12.02 16.63
N ASN A 857 25.34 11.10 17.21
CA ASN A 857 26.21 10.27 16.39
C ASN A 857 25.41 9.25 15.57
N LEU A 858 24.31 8.74 16.11
CA LEU A 858 23.49 7.82 15.34
C LEU A 858 22.73 8.55 14.23
N THR A 859 22.27 9.78 14.52
CA THR A 859 21.67 10.58 13.46
C THR A 859 22.70 10.93 12.39
N LEU A 860 23.95 11.16 12.79
CA LEU A 860 25.00 11.44 11.82
C LEU A 860 25.32 10.21 10.97
N VAL A 861 25.34 9.04 11.59
CA VAL A 861 25.54 7.81 10.83
C VAL A 861 24.42 7.61 9.83
N LEU A 862 23.17 7.88 10.25
CA LEU A 862 22.05 7.79 9.31
C LEU A 862 22.21 8.77 8.15
N ALA A 863 22.60 10.01 8.44
CA ALA A 863 22.77 10.98 7.37
C ALA A 863 23.89 10.58 6.43
N ILE A 864 24.99 10.05 6.97
CA ILE A 864 26.10 9.61 6.13
C ILE A 864 25.67 8.45 5.24
N ILE A 865 24.89 7.51 5.79
CA ILE A 865 24.42 6.39 5.00
C ILE A 865 23.51 6.87 3.88
N VAL A 866 22.59 7.78 4.18
CA VAL A 866 21.68 8.28 3.16
C VAL A 866 22.44 9.02 2.07
N PHE A 867 23.47 9.78 2.46
CA PHE A 867 24.28 10.49 1.47
C PHE A 867 25.05 9.51 0.60
N ILE A 868 25.66 8.49 1.22
CA ILE A 868 26.41 7.48 0.48
C ILE A 868 25.52 6.81 -0.54
N PHE A 869 24.33 6.39 -0.13
CA PHE A 869 23.43 5.71 -1.04
C PHE A 869 22.91 6.65 -2.12
N ALA A 870 22.69 7.92 -1.78
CA ALA A 870 22.26 8.89 -2.79
C ALA A 870 23.31 9.06 -3.87
N VAL A 871 24.57 9.24 -3.48
CA VAL A 871 25.60 9.47 -4.48
C VAL A 871 25.93 8.18 -5.23
N VAL A 872 25.83 7.02 -4.58
CA VAL A 872 26.05 5.75 -5.28
C VAL A 872 24.97 5.55 -6.34
N GLY A 873 23.70 5.66 -5.95
CA GLY A 873 22.64 5.58 -6.94
C GLY A 873 22.80 6.58 -8.06
N MET A 874 23.19 7.81 -7.73
CA MET A 874 23.38 8.81 -8.77
C MET A 874 24.46 8.38 -9.76
N GLN A 875 25.67 8.10 -9.26
CA GLN A 875 26.76 7.72 -10.13
C GLN A 875 26.41 6.50 -10.98
N LEU A 876 25.69 5.54 -10.42
CA LEU A 876 25.40 4.32 -11.17
C LEU A 876 24.31 4.51 -12.20
N PHE A 877 23.19 5.15 -11.84
CA PHE A 877 21.99 5.12 -12.65
C PHE A 877 21.60 6.43 -13.32
N GLY A 878 22.15 7.56 -12.89
CA GLY A 878 21.76 8.81 -13.50
C GLY A 878 22.17 8.93 -14.93
N LYS A 879 23.23 8.24 -15.34
CA LYS A 879 23.58 8.22 -16.74
C LYS A 879 22.50 7.52 -17.57
N SER A 880 22.02 6.36 -17.12
CA SER A 880 21.04 5.59 -17.88
C SER A 880 19.70 6.32 -17.95
N TYR A 881 19.28 6.90 -16.81
CA TYR A 881 18.03 7.65 -16.78
C TYR A 881 17.98 8.65 -17.93
N LYS A 882 19.04 9.41 -18.12
CA LYS A 882 19.08 10.34 -19.25
C LYS A 882 19.39 9.63 -20.56
N GLU A 883 20.04 8.47 -20.51
CA GLU A 883 20.38 7.75 -21.73
C GLU A 883 19.13 7.48 -22.56
N CYS A 884 18.14 6.82 -21.97
CA CYS A 884 16.77 7.03 -22.49
C CYS A 884 15.75 6.67 -21.41
N VAL A 885 15.20 7.70 -20.78
CA VAL A 885 13.90 7.62 -20.13
C VAL A 885 12.81 7.07 -21.04
N CYS A 886 12.99 7.15 -22.36
CA CYS A 886 11.92 6.77 -23.28
C CYS A 886 11.42 5.34 -23.03
N LYS A 887 12.12 4.61 -22.16
CA LYS A 887 11.62 3.34 -21.66
C LYS A 887 10.59 3.54 -20.55
N ILE A 888 10.83 4.49 -19.64
CA ILE A 888 10.02 4.66 -18.43
C ILE A 888 9.15 5.91 -18.52
N ASN A 889 9.07 6.55 -19.68
CA ASN A 889 8.30 7.75 -19.85
C ASN A 889 8.05 7.92 -21.34
N ASP A 890 6.84 8.37 -21.69
CA ASP A 890 6.49 8.49 -23.10
C ASP A 890 6.77 9.86 -23.69
N ASP A 891 6.78 10.91 -22.88
CA ASP A 891 7.25 12.20 -23.38
C ASP A 891 8.76 12.27 -23.49
N CYS A 892 9.47 11.20 -23.11
CA CYS A 892 10.92 11.13 -23.13
C CYS A 892 11.57 12.22 -22.29
N THR A 893 10.95 12.56 -21.17
CA THR A 893 11.54 13.43 -20.16
C THR A 893 11.71 12.66 -18.87
N LEU A 894 12.57 13.16 -18.00
CA LEU A 894 12.84 12.48 -16.74
C LEU A 894 11.55 12.32 -15.94
N PRO A 895 11.36 11.20 -15.25
CA PRO A 895 10.17 11.05 -14.41
C PRO A 895 10.23 11.95 -13.19
N ARG A 896 9.22 11.83 -12.30
CA ARG A 896 9.25 12.62 -11.08
C ARG A 896 10.36 12.15 -10.15
N TRP A 897 10.56 10.85 -10.05
CA TRP A 897 11.57 10.26 -9.18
C TRP A 897 12.63 9.60 -10.04
N HIS A 898 13.72 10.32 -10.29
CA HIS A 898 14.85 9.78 -11.03
C HIS A 898 16.09 9.85 -10.15
N MET A 899 17.23 9.50 -10.74
CA MET A 899 18.51 9.49 -10.04
C MET A 899 19.57 10.22 -10.84
N ASN A 900 19.14 11.10 -11.73
CA ASN A 900 20.07 11.86 -12.57
C ASN A 900 20.75 12.98 -11.81
N ASP A 901 20.11 13.51 -10.77
CA ASP A 901 20.67 14.56 -9.92
C ASP A 901 20.88 14.01 -8.53
N PHE A 902 21.73 14.69 -7.75
CA PHE A 902 21.94 14.26 -6.38
C PHE A 902 20.70 14.51 -5.54
N PHE A 903 19.99 15.61 -5.78
CA PHE A 903 18.80 15.89 -4.98
C PHE A 903 17.71 14.87 -5.24
N HIS A 904 17.47 14.53 -6.50
CA HIS A 904 16.46 13.52 -6.81
C HIS A 904 16.89 12.13 -6.37
N SER A 905 18.18 11.82 -6.46
CA SER A 905 18.66 10.55 -5.95
C SER A 905 18.49 10.46 -4.44
N PHE A 906 18.76 11.55 -3.72
CA PHE A 906 18.51 11.56 -2.29
C PHE A 906 17.03 11.46 -1.98
N LEU A 907 16.18 12.11 -2.77
CA LEU A 907 14.75 11.98 -2.58
C LEU A 907 14.31 10.53 -2.72
N ILE A 908 14.87 9.83 -3.71
CA ILE A 908 14.56 8.41 -3.89
C ILE A 908 15.03 7.59 -2.70
N VAL A 909 16.22 7.91 -2.17
CA VAL A 909 16.73 7.14 -1.03
C VAL A 909 15.87 7.41 0.21
N PHE A 910 15.40 8.64 0.38
CA PHE A 910 14.49 8.96 1.46
C PHE A 910 13.16 8.22 1.29
N ARG A 911 12.63 8.23 0.08
CA ARG A 911 11.38 7.53 -0.21
C ARG A 911 11.52 6.03 0.01
N VAL A 912 12.72 5.48 -0.17
CA VAL A 912 12.96 4.08 0.15
C VAL A 912 13.15 3.87 1.65
N LEU A 913 13.56 4.91 2.37
CA LEU A 913 13.54 4.84 3.83
C LEU A 913 12.11 4.77 4.34
N CYS A 914 11.21 5.57 3.76
CA CYS A 914 9.80 5.26 3.82
C CYS A 914 9.53 3.99 2.98
N GLY A 915 8.34 3.43 3.12
CA GLY A 915 8.13 2.17 2.43
C GLY A 915 7.67 2.31 0.99
N GLU A 916 8.50 2.89 0.12
CA GLU A 916 8.09 3.20 -1.24
C GLU A 916 9.18 2.83 -2.25
N TRP A 917 9.70 1.62 -2.17
CA TRP A 917 10.85 1.25 -2.99
C TRP A 917 10.46 0.66 -4.34
N ILE A 918 9.30 0.02 -4.46
CA ILE A 918 9.02 -0.79 -5.64
C ILE A 918 8.73 0.08 -6.85
N GLU A 919 8.02 1.20 -6.67
CA GLU A 919 7.61 2.00 -7.82
C GLU A 919 8.80 2.63 -8.51
N THR A 920 9.85 2.95 -7.76
CA THR A 920 11.08 3.46 -8.33
C THR A 920 12.00 2.34 -8.79
N MET A 921 11.95 1.18 -8.13
CA MET A 921 12.76 0.06 -8.58
C MET A 921 12.33 -0.43 -9.94
N TRP A 922 11.04 -0.34 -10.27
CA TRP A 922 10.60 -0.73 -11.62
C TRP A 922 11.27 0.15 -12.68
N ASP A 923 11.19 1.46 -12.51
CA ASP A 923 11.77 2.36 -13.50
C ASP A 923 13.28 2.21 -13.57
N CYS A 924 13.92 2.07 -12.42
CA CYS A 924 15.37 1.94 -12.43
C CYS A 924 15.80 0.61 -13.03
N MET A 925 15.04 -0.46 -12.79
CA MET A 925 15.30 -1.72 -13.47
C MET A 925 15.22 -1.54 -14.97
N GLU A 926 14.11 -0.97 -15.45
CA GLU A 926 13.90 -0.80 -16.88
C GLU A 926 15.05 -0.02 -17.53
N VAL A 927 15.55 1.00 -16.83
CA VAL A 927 16.58 1.82 -17.48
C VAL A 927 17.98 1.23 -17.30
N ALA A 928 18.28 0.57 -16.17
CA ALA A 928 19.66 0.27 -15.85
C ALA A 928 19.86 -1.11 -15.25
N GLY A 929 19.10 -2.11 -15.69
CA GLY A 929 19.49 -3.46 -15.34
C GLY A 929 18.98 -3.98 -14.02
N GLN A 930 18.33 -5.14 -14.09
CA GLN A 930 17.64 -5.70 -12.93
C GLN A 930 18.61 -6.06 -11.82
N ALA A 931 19.75 -6.67 -12.16
CA ALA A 931 20.68 -7.14 -11.14
C ALA A 931 21.22 -5.96 -10.32
N MET A 932 21.72 -4.94 -11.01
CA MET A 932 22.32 -3.80 -10.32
C MET A 932 21.27 -3.03 -9.54
N CYS A 933 20.07 -2.86 -10.11
CA CYS A 933 19.05 -2.11 -9.40
C CYS A 933 18.54 -2.87 -8.18
N LEU A 934 18.43 -4.19 -8.28
CA LEU A 934 18.02 -4.98 -7.12
C LEU A 934 19.08 -4.91 -6.03
N ILE A 935 20.36 -5.05 -6.38
CA ILE A 935 21.41 -4.96 -5.37
C ILE A 935 21.35 -3.61 -4.67
N VAL A 936 21.31 -2.53 -5.45
CA VAL A 936 21.32 -1.18 -4.87
C VAL A 936 20.10 -0.99 -3.96
N TYR A 937 18.90 -1.26 -4.47
CA TYR A 937 17.70 -0.96 -3.68
C TYR A 937 17.57 -1.88 -2.48
N MET A 938 18.02 -3.13 -2.56
CA MET A 938 17.93 -4.00 -1.40
C MET A 938 18.96 -3.62 -0.34
N MET A 939 20.15 -3.20 -0.75
CA MET A 939 21.10 -2.65 0.22
C MET A 939 20.50 -1.43 0.89
N VAL A 940 19.92 -0.52 0.11
CA VAL A 940 19.29 0.67 0.68
C VAL A 940 18.22 0.28 1.68
N MET A 941 17.23 -0.49 1.23
CA MET A 941 16.14 -0.92 2.11
C MET A 941 16.68 -1.53 3.40
N VAL A 942 17.51 -2.57 3.29
CA VAL A 942 17.95 -3.29 4.48
C VAL A 942 18.75 -2.39 5.40
N ILE A 943 19.85 -1.81 4.90
CA ILE A 943 20.75 -1.04 5.76
C ILE A 943 20.04 0.19 6.31
N GLY A 944 19.41 0.97 5.42
CA GLY A 944 18.74 2.18 5.85
C GLY A 944 17.60 1.93 6.82
N ASN A 945 16.76 0.93 6.56
CA ASN A 945 15.69 0.65 7.51
C ASN A 945 16.23 0.10 8.81
N LEU A 946 17.31 -0.68 8.78
CA LEU A 946 17.93 -1.12 10.01
C LEU A 946 18.41 0.05 10.84
N VAL A 947 19.07 1.03 10.21
CA VAL A 947 19.62 2.14 10.99
C VAL A 947 18.50 3.08 11.43
N VAL A 948 17.45 3.25 10.62
CA VAL A 948 16.30 4.05 11.04
C VAL A 948 15.60 3.39 12.21
N LEU A 949 15.43 2.07 12.18
CA LEU A 949 14.81 1.37 13.29
C LEU A 949 15.67 1.44 14.54
N ASN A 950 16.99 1.36 14.37
CA ASN A 950 17.89 1.49 15.52
C ASN A 950 17.78 2.87 16.13
N LEU A 951 17.73 3.91 15.31
CA LEU A 951 17.55 5.27 15.83
C LEU A 951 16.21 5.42 16.53
N PHE A 952 15.15 4.89 15.92
CA PHE A 952 13.82 4.95 16.52
C PHE A 952 13.79 4.28 17.88
N LEU A 953 14.28 3.04 17.97
CA LEU A 953 14.28 2.33 19.24
C LEU A 953 15.20 3.00 20.25
N ALA A 954 16.30 3.60 19.80
CA ALA A 954 17.20 4.27 20.71
C ALA A 954 16.54 5.49 21.33
N LEU A 955 15.95 6.36 20.50
CA LEU A 955 15.21 7.50 21.03
C LEU A 955 14.10 7.05 21.97
N LEU A 956 13.35 6.03 21.55
CA LEU A 956 12.23 5.54 22.35
C LEU A 956 12.68 5.09 23.72
N LEU A 957 13.64 4.15 23.77
CA LEU A 957 14.08 3.60 25.05
C LEU A 957 14.81 4.65 25.88
N SER A 958 15.51 5.59 25.25
CA SER A 958 16.21 6.62 26.00
C SER A 958 15.23 7.56 26.69
N SER A 959 14.17 7.97 25.99
CA SER A 959 13.18 8.81 26.64
C SER A 959 12.36 8.03 27.65
N PHE A 960 12.05 6.77 27.35
CA PHE A 960 11.20 5.98 28.22
C PHE A 960 11.90 5.66 29.54
N SER A 961 13.09 5.09 29.48
CA SER A 961 13.90 4.88 30.68
C SER A 961 15.22 5.66 30.60
N GLY A 1164 -47.14 -7.32 51.19
CA GLY A 1164 -46.76 -8.53 50.48
C GLY A 1164 -45.36 -8.50 49.93
N LYS A 1165 -44.96 -7.32 49.45
CA LYS A 1165 -43.65 -7.12 48.82
C LYS A 1165 -43.41 -8.14 47.72
N ILE A 1166 -44.45 -8.34 46.91
CA ILE A 1166 -44.32 -9.21 45.75
C ILE A 1166 -43.52 -8.51 44.65
N TRP A 1167 -43.40 -7.18 44.74
CA TRP A 1167 -42.51 -6.45 43.84
C TRP A 1167 -41.08 -7.00 43.94
N TRP A 1168 -40.65 -7.34 45.15
CA TRP A 1168 -39.31 -7.91 45.32
C TRP A 1168 -39.21 -9.28 44.67
N ASN A 1169 -40.28 -10.08 44.75
CA ASN A 1169 -40.30 -11.36 44.06
C ASN A 1169 -40.18 -11.16 42.55
N ILE A 1170 -40.94 -10.19 42.01
CA ILE A 1170 -40.87 -9.89 40.59
C ILE A 1170 -39.46 -9.50 40.20
N ARG A 1171 -38.82 -8.67 41.03
CA ARG A 1171 -37.44 -8.25 40.75
C ARG A 1171 -36.49 -9.46 40.76
N LYS A 1172 -36.65 -10.35 41.73
CA LYS A 1172 -35.78 -11.53 41.78
C LYS A 1172 -35.98 -12.42 40.56
N THR A 1173 -37.24 -12.66 40.17
CA THR A 1173 -37.48 -13.48 38.99
C THR A 1173 -36.89 -12.85 37.74
N CYS A 1174 -37.06 -11.53 37.59
CA CYS A 1174 -36.43 -10.84 36.47
C CYS A 1174 -34.91 -10.96 36.54
N TYR A 1175 -34.34 -10.96 37.73
CA TYR A 1175 -32.89 -11.10 37.88
C TYR A 1175 -32.42 -12.47 37.40
N LYS A 1176 -33.08 -13.53 37.87
CA LYS A 1176 -32.72 -14.86 37.41
C LYS A 1176 -32.91 -15.01 35.91
N ILE A 1177 -33.98 -14.43 35.37
CA ILE A 1177 -34.21 -14.53 33.93
C ILE A 1177 -33.09 -13.84 33.16
N VAL A 1178 -32.74 -12.62 33.58
CA VAL A 1178 -31.74 -11.85 32.83
C VAL A 1178 -30.37 -12.50 32.92
N GLU A 1179 -30.01 -13.04 34.09
CA GLU A 1179 -28.69 -13.63 34.23
C GLU A 1179 -28.64 -15.11 33.88
N HIS A 1180 -29.76 -15.71 33.47
CA HIS A 1180 -29.69 -17.08 32.99
C HIS A 1180 -28.84 -17.17 31.71
N SER A 1181 -28.03 -18.23 31.65
CA SER A 1181 -27.17 -18.42 30.48
C SER A 1181 -27.98 -18.66 29.22
N TRP A 1182 -29.16 -19.28 29.35
CA TRP A 1182 -30.04 -19.46 28.20
C TRP A 1182 -30.47 -18.12 27.62
N PHE A 1183 -30.91 -17.20 28.48
CA PHE A 1183 -31.33 -15.89 28.01
C PHE A 1183 -30.15 -15.12 27.44
N GLU A 1184 -28.98 -15.23 28.06
CA GLU A 1184 -27.81 -14.50 27.55
C GLU A 1184 -27.42 -15.01 26.17
N SER A 1185 -27.39 -16.34 25.99
CA SER A 1185 -27.06 -16.91 24.68
C SER A 1185 -28.12 -16.55 23.65
N PHE A 1186 -29.39 -16.52 24.06
CA PHE A 1186 -30.45 -16.10 23.14
C PHE A 1186 -30.23 -14.65 22.71
N ILE A 1187 -29.82 -13.80 23.64
CA ILE A 1187 -29.60 -12.40 23.29
C ILE A 1187 -28.41 -12.24 22.37
N VAL A 1188 -27.33 -13.02 22.60
CA VAL A 1188 -26.19 -12.95 21.70
C VAL A 1188 -26.56 -13.46 20.31
N LEU A 1189 -27.37 -14.52 20.25
CA LEU A 1189 -27.81 -15.02 18.95
C LEU A 1189 -28.64 -14.00 18.21
N MET A 1190 -29.55 -13.31 18.92
CA MET A 1190 -30.35 -12.28 18.27
C MET A 1190 -29.51 -11.08 17.88
N ILE A 1191 -28.46 -10.76 18.66
CA ILE A 1191 -27.56 -9.69 18.25
C ILE A 1191 -26.85 -10.05 16.96
N LEU A 1192 -26.32 -11.27 16.87
CA LEU A 1192 -25.64 -11.70 15.65
C LEU A 1192 -26.60 -11.70 14.46
N LEU A 1193 -27.84 -12.15 14.67
CA LEU A 1193 -28.81 -12.17 13.58
C LEU A 1193 -29.15 -10.75 13.12
N SER A 1194 -29.44 -9.86 14.06
CA SER A 1194 -29.78 -8.48 13.71
C SER A 1194 -28.61 -7.75 13.08
N SER A 1195 -27.38 -8.13 13.42
CA SER A 1195 -26.21 -7.52 12.80
C SER A 1195 -26.00 -8.03 11.38
N GLY A 1196 -26.00 -9.36 11.22
CA GLY A 1196 -25.83 -9.92 9.89
C GLY A 1196 -26.97 -9.56 8.94
N ALA A 1197 -28.15 -9.24 9.47
CA ALA A 1197 -29.25 -8.82 8.63
C ALA A 1197 -29.01 -7.45 7.99
N LEU A 1198 -27.94 -6.75 8.37
CA LEU A 1198 -27.61 -5.49 7.73
C LEU A 1198 -26.72 -5.69 6.51
N ALA A 1199 -25.99 -6.81 6.47
CA ALA A 1199 -25.10 -7.08 5.35
C ALA A 1199 -25.85 -7.27 4.04
N PHE A 1200 -27.14 -7.61 4.10
CA PHE A 1200 -27.90 -7.89 2.89
C PHE A 1200 -28.44 -6.62 2.23
N GLU A 1201 -28.44 -5.50 2.94
CA GLU A 1201 -29.05 -4.27 2.44
C GLU A 1201 -28.00 -3.48 1.66
N ASP A 1202 -27.83 -3.86 0.40
CA ASP A 1202 -26.89 -3.20 -0.51
C ASP A 1202 -27.65 -2.76 -1.75
N ILE A 1203 -26.90 -2.35 -2.77
CA ILE A 1203 -27.52 -1.84 -3.99
C ILE A 1203 -28.30 -2.92 -4.73
N TYR A 1204 -28.01 -4.19 -4.46
CA TYR A 1204 -28.71 -5.31 -5.08
C TYR A 1204 -29.94 -5.75 -4.28
N ILE A 1205 -30.53 -4.84 -3.51
CA ILE A 1205 -31.65 -5.21 -2.64
C ILE A 1205 -33.00 -5.00 -3.32
N GLU A 1206 -33.05 -4.36 -4.48
CA GLU A 1206 -34.31 -4.32 -5.21
C GLU A 1206 -34.54 -5.63 -5.96
N ARG A 1207 -33.46 -6.35 -6.27
CA ARG A 1207 -33.58 -7.77 -6.48
C ARG A 1207 -33.87 -8.44 -5.13
N LYS A 1208 -34.04 -9.76 -5.17
CA LYS A 1208 -34.33 -10.57 -3.98
C LYS A 1208 -35.32 -9.86 -3.05
N LYS A 1209 -36.46 -9.51 -3.63
CA LYS A 1209 -37.50 -8.81 -2.87
C LYS A 1209 -38.05 -9.68 -1.75
N THR A 1210 -38.00 -11.01 -1.92
CA THR A 1210 -38.45 -11.89 -0.85
C THR A 1210 -37.60 -11.72 0.41
N ILE A 1211 -36.28 -11.79 0.27
CA ILE A 1211 -35.43 -11.62 1.45
C ILE A 1211 -35.47 -10.18 1.92
N LYS A 1212 -35.74 -9.23 1.01
CA LYS A 1212 -35.96 -7.85 1.44
C LYS A 1212 -37.12 -7.77 2.43
N ILE A 1213 -38.24 -8.41 2.10
CA ILE A 1213 -39.42 -8.37 2.99
C ILE A 1213 -39.13 -9.13 4.28
N ILE A 1214 -38.48 -10.30 4.17
CA ILE A 1214 -38.18 -11.08 5.36
C ILE A 1214 -37.31 -10.27 6.32
N LEU A 1215 -36.33 -9.54 5.81
CA LEU A 1215 -35.50 -8.71 6.68
C LEU A 1215 -36.30 -7.54 7.23
N GLU A 1216 -37.18 -6.95 6.41
CA GLU A 1216 -37.96 -5.82 6.90
C GLU A 1216 -38.87 -6.21 8.05
N TYR A 1217 -39.27 -7.47 8.13
CA TYR A 1217 -40.07 -7.90 9.27
C TYR A 1217 -39.24 -8.43 10.43
N ALA A 1218 -38.13 -9.12 10.13
CA ALA A 1218 -37.21 -9.51 11.19
C ALA A 1218 -36.66 -8.29 11.91
N ASP A 1219 -36.64 -7.14 11.25
CA ASP A 1219 -36.28 -5.90 11.93
C ASP A 1219 -37.20 -5.63 13.11
N LYS A 1220 -38.51 -5.64 12.86
CA LYS A 1220 -39.48 -5.44 13.95
C LYS A 1220 -39.34 -6.52 15.00
N ILE A 1221 -39.12 -7.77 14.58
CA ILE A 1221 -38.95 -8.84 15.55
C ILE A 1221 -37.78 -8.55 16.48
N PHE A 1222 -36.64 -8.14 15.91
CA PHE A 1222 -35.44 -7.90 16.71
C PHE A 1222 -35.63 -6.72 17.65
N THR A 1223 -36.20 -5.62 17.17
CA THR A 1223 -36.36 -4.47 18.06
C THR A 1223 -37.34 -4.78 19.18
N TYR A 1224 -38.37 -5.60 18.90
CA TYR A 1224 -39.25 -6.04 19.98
C TYR A 1224 -38.49 -6.87 21.00
N ILE A 1225 -37.68 -7.82 20.54
CA ILE A 1225 -36.91 -8.65 21.46
C ILE A 1225 -36.01 -7.79 22.33
N PHE A 1226 -35.39 -6.77 21.73
CA PHE A 1226 -34.43 -5.96 22.49
C PHE A 1226 -35.12 -4.98 23.42
N ILE A 1227 -36.31 -4.49 23.06
CA ILE A 1227 -37.08 -3.70 24.01
C ILE A 1227 -37.49 -4.55 25.20
N LEU A 1228 -37.91 -5.79 24.96
CA LEU A 1228 -38.24 -6.67 26.08
C LEU A 1228 -37.00 -6.95 26.94
N GLU A 1229 -35.84 -7.12 26.30
CA GLU A 1229 -34.61 -7.31 27.06
C GLU A 1229 -34.31 -6.09 27.93
N MET A 1230 -34.47 -4.89 27.38
CA MET A 1230 -34.22 -3.68 28.15
C MET A 1230 -35.16 -3.57 29.34
N LEU A 1231 -36.45 -3.86 29.13
CA LEU A 1231 -37.40 -3.74 30.22
C LEU A 1231 -37.14 -4.79 31.29
N LEU A 1232 -36.79 -6.01 30.88
CA LEU A 1232 -36.42 -7.03 31.86
C LEU A 1232 -35.20 -6.61 32.66
N LYS A 1233 -34.20 -6.03 31.99
CA LYS A 1233 -33.01 -5.58 32.71
C LYS A 1233 -33.35 -4.47 33.68
N TRP A 1234 -34.24 -3.55 33.29
CA TRP A 1234 -34.72 -2.54 34.22
C TRP A 1234 -35.33 -3.20 35.45
N ILE A 1235 -36.38 -3.99 35.26
CA ILE A 1235 -37.07 -4.60 36.40
C ILE A 1235 -36.16 -5.51 37.22
N ALA A 1236 -35.06 -5.99 36.62
CA ALA A 1236 -34.18 -6.91 37.32
C ALA A 1236 -33.05 -6.23 38.07
N TYR A 1237 -32.57 -5.08 37.59
CA TYR A 1237 -31.45 -4.40 38.21
C TYR A 1237 -31.85 -3.17 39.01
N GLY A 1238 -32.79 -2.38 38.51
CA GLY A 1238 -33.03 -1.07 39.07
C GLY A 1238 -32.38 0.00 38.23
N TYR A 1239 -33.04 1.16 38.13
CA TYR A 1239 -32.56 2.24 37.31
C TYR A 1239 -31.16 2.69 37.74
N LYS A 1240 -30.88 2.59 39.04
CA LYS A 1240 -29.58 3.03 39.54
C LYS A 1240 -28.45 2.25 38.87
N THR A 1241 -28.38 0.94 39.12
CA THR A 1241 -27.30 0.16 38.55
C THR A 1241 -27.44 0.01 37.05
N TYR A 1242 -28.62 0.27 36.49
CA TYR A 1242 -28.73 0.25 35.04
C TYR A 1242 -28.03 1.47 34.43
N PHE A 1243 -28.48 2.66 34.78
CA PHE A 1243 -27.94 3.88 34.18
C PHE A 1243 -26.58 4.27 34.74
N THR A 1244 -26.04 3.56 35.73
CA THR A 1244 -24.62 3.68 36.04
C THR A 1244 -23.79 2.55 35.42
N ASN A 1245 -24.19 2.06 34.24
CA ASN A 1245 -23.44 1.05 33.50
C ASN A 1245 -23.21 1.56 32.10
N ALA A 1246 -21.94 1.60 31.68
CA ALA A 1246 -21.63 2.09 30.34
C ALA A 1246 -22.22 1.18 29.26
N TRP A 1247 -22.13 -0.14 29.47
CA TRP A 1247 -22.66 -1.07 28.48
C TRP A 1247 -24.18 -0.99 28.41
N CYS A 1248 -24.83 -0.87 29.56
CA CYS A 1248 -26.27 -0.72 29.58
C CYS A 1248 -26.70 0.59 28.93
N TRP A 1249 -25.92 1.66 29.13
CA TRP A 1249 -26.22 2.91 28.45
C TRP A 1249 -26.08 2.77 26.94
N LEU A 1250 -25.07 2.02 26.49
CA LEU A 1250 -24.89 1.81 25.06
C LEU A 1250 -26.06 1.03 24.46
N ASP A 1251 -26.43 -0.08 25.10
CA ASP A 1251 -27.57 -0.86 24.63
C ASP A 1251 -28.84 -0.04 24.65
N PHE A 1252 -29.01 0.80 25.67
CA PHE A 1252 -30.20 1.62 25.81
C PHE A 1252 -30.27 2.68 24.72
N LEU A 1253 -29.13 3.28 24.36
CA LEU A 1253 -29.11 4.25 23.29
C LEU A 1253 -29.43 3.60 21.94
N ILE A 1254 -28.85 2.42 21.70
CA ILE A 1254 -29.09 1.76 20.42
C ILE A 1254 -30.55 1.33 20.30
N VAL A 1255 -31.12 0.78 21.37
CA VAL A 1255 -32.53 0.39 21.30
C VAL A 1255 -33.43 1.62 21.23
N ASP A 1256 -33.00 2.75 21.79
CA ASP A 1256 -33.78 3.98 21.65
C ASP A 1256 -33.82 4.43 20.20
N VAL A 1257 -32.68 4.41 19.52
CA VAL A 1257 -32.67 4.75 18.09
C VAL A 1257 -33.56 3.79 17.31
N SER A 1258 -33.45 2.49 17.62
CA SER A 1258 -34.28 1.49 16.95
C SER A 1258 -35.76 1.76 17.17
N LEU A 1259 -36.13 2.13 18.39
CA LEU A 1259 -37.53 2.38 18.72
C LEU A 1259 -38.04 3.63 18.02
N VAL A 1260 -37.22 4.69 17.97
CA VAL A 1260 -37.63 5.91 17.29
C VAL A 1260 -37.88 5.61 15.81
N THR A 1261 -36.96 4.87 15.18
CA THR A 1261 -37.14 4.54 13.76
C THR A 1261 -38.38 3.68 13.56
N LEU A 1262 -38.60 2.70 14.44
CA LEU A 1262 -39.79 1.86 14.36
C LEU A 1262 -41.05 2.71 14.41
N VAL A 1263 -41.20 3.51 15.45
CA VAL A 1263 -42.43 4.27 15.65
C VAL A 1263 -42.62 5.25 14.49
N ALA A 1264 -41.54 5.87 14.02
CA ALA A 1264 -41.67 6.81 12.92
C ALA A 1264 -42.17 6.11 11.66
N ASN A 1265 -41.55 4.99 11.29
CA ASN A 1265 -41.92 4.34 10.03
C ASN A 1265 -43.32 3.73 10.12
N THR A 1266 -43.68 3.18 11.29
CA THR A 1266 -45.01 2.60 11.43
C THR A 1266 -46.09 3.67 11.55
N LEU A 1267 -45.73 4.86 12.04
CA LEU A 1267 -46.66 5.97 12.12
C LEU A 1267 -46.82 6.68 10.79
N GLY A 1268 -45.84 6.56 9.90
CA GLY A 1268 -45.90 7.27 8.64
C GLY A 1268 -45.58 8.74 8.84
N TYR A 1269 -45.67 9.49 7.74
CA TYR A 1269 -45.37 10.92 7.73
C TYR A 1269 -43.94 11.18 8.20
N SER A 1270 -43.12 10.14 8.24
CA SER A 1270 -41.75 10.24 8.74
C SER A 1270 -40.81 9.47 7.82
N ASP A 1271 -40.41 10.11 6.71
CA ASP A 1271 -39.28 9.71 5.91
C ASP A 1271 -38.54 10.95 5.44
N LEU A 1272 -38.37 11.92 6.33
CA LEU A 1272 -37.89 13.25 5.97
C LEU A 1272 -36.65 13.58 6.79
N GLY A 1273 -35.56 13.90 6.10
CA GLY A 1273 -34.37 14.44 6.73
C GLY A 1273 -33.82 13.60 7.85
N PRO A 1274 -33.96 14.09 9.09
CA PRO A 1274 -33.37 13.36 10.24
C PRO A 1274 -33.79 11.90 10.35
N ILE A 1275 -34.97 11.54 9.85
CA ILE A 1275 -35.41 10.15 9.95
C ILE A 1275 -34.56 9.26 9.04
N LYS A 1276 -34.42 9.65 7.77
CA LYS A 1276 -33.60 8.86 6.87
C LYS A 1276 -32.12 8.99 7.19
N SER A 1277 -31.73 10.03 7.94
CA SER A 1277 -30.35 10.15 8.39
C SER A 1277 -30.09 9.33 9.65
N LEU A 1278 -31.11 9.06 10.45
CA LEU A 1278 -31.00 8.20 11.61
C LEU A 1278 -31.22 6.74 11.28
N ARG A 1279 -31.84 6.44 10.14
CA ARG A 1279 -31.91 5.06 9.69
C ARG A 1279 -30.51 4.52 9.40
N THR A 1280 -29.60 5.39 8.97
CA THR A 1280 -28.21 5.01 8.75
C THR A 1280 -27.51 4.57 10.03
N LEU A 1281 -28.00 5.00 11.19
CA LEU A 1281 -27.38 4.61 12.45
C LEU A 1281 -27.68 3.16 12.82
N ARG A 1282 -28.43 2.44 11.98
CA ARG A 1282 -28.58 1.00 12.18
C ARG A 1282 -27.23 0.29 12.13
N ALA A 1283 -26.23 0.89 11.49
CA ALA A 1283 -24.91 0.30 11.43
C ALA A 1283 -24.27 0.15 12.79
N LEU A 1284 -24.80 0.79 13.82
CA LEU A 1284 -24.28 0.68 15.16
C LEU A 1284 -24.90 -0.48 15.94
N ARG A 1285 -25.85 -1.20 15.34
CA ARG A 1285 -26.40 -2.37 15.99
C ARG A 1285 -25.36 -3.44 16.33
N PRO A 1286 -24.31 -3.67 15.54
CA PRO A 1286 -23.28 -4.63 15.97
C PRO A 1286 -22.59 -4.26 17.26
N LEU A 1287 -22.64 -2.98 17.66
CA LEU A 1287 -21.96 -2.55 18.87
C LEU A 1287 -22.50 -3.23 20.12
N ARG A 1288 -23.66 -3.88 20.03
CA ARG A 1288 -24.21 -4.60 21.16
C ARG A 1288 -23.46 -5.90 21.45
N ALA A 1289 -22.46 -6.25 20.65
CA ALA A 1289 -21.67 -7.45 20.89
C ALA A 1289 -20.45 -7.20 21.77
N LEU A 1290 -20.03 -5.94 21.90
CA LEU A 1290 -18.94 -5.62 22.81
C LEU A 1290 -19.30 -6.01 24.24
N SER A 1291 -20.54 -5.77 24.64
CA SER A 1291 -20.96 -6.08 26.00
C SER A 1291 -20.98 -7.58 26.24
N ARG A 1292 -21.19 -8.37 25.19
CA ARG A 1292 -21.37 -9.81 25.31
C ARG A 1292 -20.06 -10.58 25.22
N PHE A 1293 -19.26 -10.32 24.19
CA PHE A 1293 -18.02 -11.07 23.96
C PHE A 1293 -16.93 -10.51 24.87
N GLU A 1294 -16.49 -11.34 25.82
CA GLU A 1294 -15.47 -10.91 26.77
C GLU A 1294 -14.14 -10.63 26.09
N GLY A 1295 -13.86 -11.32 24.97
CA GLY A 1295 -12.64 -11.05 24.24
C GLY A 1295 -12.58 -9.64 23.68
N MET A 1296 -13.69 -9.15 23.13
CA MET A 1296 -13.75 -7.77 22.69
C MET A 1296 -13.86 -6.81 23.87
N ARG A 1297 -14.51 -7.24 24.95
CA ARG A 1297 -14.68 -6.35 26.10
C ARG A 1297 -13.34 -6.03 26.75
N VAL A 1298 -12.45 -7.03 26.86
CA VAL A 1298 -11.19 -6.77 27.54
C VAL A 1298 -10.29 -5.86 26.69
N VAL A 1299 -10.35 -6.00 25.36
CA VAL A 1299 -9.53 -5.14 24.52
C VAL A 1299 -10.11 -3.72 24.51
N VAL A 1300 -11.44 -3.59 24.55
CA VAL A 1300 -12.04 -2.27 24.67
C VAL A 1300 -11.66 -1.63 26.00
N ASN A 1301 -11.56 -2.44 27.06
CA ASN A 1301 -11.13 -1.90 28.35
C ASN A 1301 -9.69 -1.43 28.30
N ALA A 1302 -8.83 -2.18 27.61
CA ALA A 1302 -7.44 -1.74 27.46
C ALA A 1302 -7.36 -0.42 26.69
N LEU A 1303 -8.09 -0.31 25.58
CA LEU A 1303 -8.09 0.93 24.82
C LEU A 1303 -8.64 2.10 25.64
N ILE A 1304 -9.70 1.86 26.41
CA ILE A 1304 -10.28 2.91 27.22
C ILE A 1304 -9.30 3.36 28.30
N GLY A 1305 -8.64 2.41 28.96
CA GLY A 1305 -7.65 2.78 29.95
C GLY A 1305 -6.48 3.54 29.37
N ALA A 1306 -6.14 3.27 28.12
CA ALA A 1306 -5.02 3.99 27.49
C ALA A 1306 -5.44 5.29 26.85
N ILE A 1307 -6.73 5.55 26.69
CA ILE A 1307 -7.19 6.72 25.94
C ILE A 1307 -6.81 8.08 26.54
N PRO A 1308 -6.58 8.25 27.88
CA PRO A 1308 -6.16 9.59 28.35
C PRO A 1308 -4.78 10.00 27.87
N SER A 1309 -3.80 9.11 27.98
CA SER A 1309 -2.48 9.39 27.42
C SER A 1309 -2.54 9.56 25.91
N ILE A 1310 -3.40 8.79 25.25
CA ILE A 1310 -3.66 9.01 23.83
C ILE A 1310 -4.08 10.46 23.61
N MET A 1311 -4.98 10.98 24.44
CA MET A 1311 -5.46 12.34 24.24
C MET A 1311 -4.36 13.37 24.48
N ASN A 1312 -3.54 13.15 25.50
CA ASN A 1312 -2.43 14.06 25.76
C ASN A 1312 -1.47 14.12 24.58
N VAL A 1313 -0.97 12.95 24.15
CA VAL A 1313 -0.02 12.91 23.06
C VAL A 1313 -0.65 13.38 21.76
N LEU A 1314 -1.93 13.09 21.55
CA LEU A 1314 -2.60 13.58 20.35
C LEU A 1314 -2.77 15.09 20.39
N LEU A 1315 -2.87 15.68 21.59
CA LEU A 1315 -2.90 17.13 21.70
C LEU A 1315 -1.56 17.73 21.32
N VAL A 1316 -0.47 17.15 21.82
CA VAL A 1316 0.87 17.62 21.43
C VAL A 1316 1.07 17.47 19.93
N CYS A 1317 0.63 16.34 19.37
CA CYS A 1317 0.79 16.10 17.94
C CYS A 1317 -0.08 17.06 17.14
N LEU A 1318 -1.26 17.40 17.66
CA LEU A 1318 -2.10 18.39 17.00
C LEU A 1318 -1.42 19.76 16.99
N ILE A 1319 -0.74 20.12 18.07
CA ILE A 1319 -0.08 21.42 18.10
C ILE A 1319 1.12 21.44 17.15
N PHE A 1320 1.86 20.34 17.07
CA PHE A 1320 2.99 20.28 16.16
C PHE A 1320 2.54 20.31 14.71
N TRP A 1321 1.57 19.46 14.36
CA TRP A 1321 1.03 19.48 13.02
C TRP A 1321 0.28 20.77 12.72
N LEU A 1322 -0.12 21.52 13.75
CA LEU A 1322 -0.67 22.85 13.51
C LEU A 1322 0.41 23.83 13.10
N ILE A 1323 1.56 23.77 13.77
CA ILE A 1323 2.73 24.51 13.28
C ILE A 1323 2.97 24.19 11.82
N PHE A 1324 3.05 22.89 11.51
CA PHE A 1324 3.42 22.48 10.15
C PHE A 1324 2.33 22.82 9.14
N SER A 1325 1.06 22.81 9.54
CA SER A 1325 0.00 23.13 8.60
C SER A 1325 -0.16 24.62 8.40
N ILE A 1326 0.16 25.44 9.41
CA ILE A 1326 0.22 26.89 9.19
C ILE A 1326 1.38 27.22 8.27
N MET A 1327 2.52 26.58 8.46
CA MET A 1327 3.63 26.76 7.53
C MET A 1327 3.24 26.33 6.12
N GLY A 1328 2.60 25.17 6.00
CA GLY A 1328 2.18 24.70 4.70
C GLY A 1328 1.14 25.60 4.05
N VAL A 1329 0.26 26.18 4.85
CA VAL A 1329 -0.74 27.11 4.30
C VAL A 1329 -0.05 28.38 3.80
N ASN A 1330 0.93 28.88 4.55
CA ASN A 1330 1.68 30.04 4.09
C ASN A 1330 2.42 29.74 2.79
N LEU A 1331 2.98 28.53 2.69
CA LEU A 1331 3.75 28.18 1.50
C LEU A 1331 2.84 27.94 0.30
N PHE A 1332 1.87 27.03 0.43
CA PHE A 1332 1.04 26.57 -0.67
C PHE A 1332 -0.44 26.89 -0.48
N ALA A 1333 -0.78 28.08 -0.02
CA ALA A 1333 -2.19 28.42 0.13
C ALA A 1333 -2.73 28.91 -1.20
N GLY A 1334 -3.41 28.02 -1.93
CA GLY A 1334 -4.03 28.40 -3.18
C GLY A 1334 -3.16 28.29 -4.40
N LYS A 1335 -2.03 27.58 -4.30
CA LYS A 1335 -1.11 27.44 -5.41
C LYS A 1335 -1.25 26.12 -6.14
N PHE A 1336 -2.14 25.24 -5.69
CA PHE A 1336 -2.32 23.93 -6.30
C PHE A 1336 -3.32 23.96 -7.45
N TYR A 1337 -3.92 25.11 -7.73
CA TYR A 1337 -4.84 25.21 -8.85
C TYR A 1337 -4.10 25.09 -10.16
N GLU A 1338 -4.60 24.22 -11.03
CA GLU A 1338 -4.09 24.02 -12.37
C GLU A 1338 -5.30 23.80 -13.26
N CYS A 1339 -5.14 24.02 -14.56
CA CYS A 1339 -6.25 23.73 -15.46
C CYS A 1339 -5.88 22.58 -16.40
N ILE A 1340 -6.13 21.38 -15.89
CA ILE A 1340 -5.91 20.15 -16.65
C ILE A 1340 -6.84 20.10 -17.83
N ASN A 1341 -6.44 19.34 -18.84
CA ASN A 1341 -7.28 19.04 -20.00
C ASN A 1341 -8.06 17.77 -19.66
N THR A 1342 -9.37 17.92 -19.46
CA THR A 1342 -10.16 16.89 -18.81
C THR A 1342 -10.21 15.58 -19.58
N THR A 1343 -9.95 15.59 -20.89
CA THR A 1343 -9.97 14.35 -21.66
C THR A 1343 -8.91 13.38 -21.15
N ASP A 1344 -7.65 13.80 -21.17
CA ASP A 1344 -6.56 12.97 -20.65
C ASP A 1344 -6.13 13.38 -19.25
N GLY A 1345 -6.52 14.55 -18.76
CA GLY A 1345 -6.12 14.98 -17.44
C GLY A 1345 -4.67 15.39 -17.37
N SER A 1346 -4.26 16.29 -18.28
CA SER A 1346 -2.87 16.69 -18.40
C SER A 1346 -2.77 18.20 -18.26
N ARG A 1347 -1.91 18.65 -17.36
CA ARG A 1347 -1.67 20.08 -17.19
C ARG A 1347 -1.27 20.70 -18.52
N PHE A 1348 -1.68 21.94 -18.73
CA PHE A 1348 -1.33 22.64 -19.95
C PHE A 1348 0.14 23.08 -19.88
N PRO A 1349 0.79 23.24 -21.03
CA PRO A 1349 2.27 23.35 -21.02
C PRO A 1349 2.82 24.57 -20.31
N ALA A 1350 1.97 25.45 -19.79
CA ALA A 1350 2.39 26.59 -18.95
C ALA A 1350 3.13 27.65 -19.77
N SER A 1351 3.40 27.36 -21.05
CA SER A 1351 3.87 28.39 -21.95
C SER A 1351 2.70 29.15 -22.53
N GLN A 1352 1.79 28.43 -23.20
CA GLN A 1352 0.43 28.91 -23.33
C GLN A 1352 -0.32 28.64 -22.02
N VAL A 1353 -1.36 29.43 -21.77
CA VAL A 1353 -2.11 29.37 -20.53
C VAL A 1353 -1.16 29.51 -19.34
N PRO A 1354 -0.63 30.71 -19.09
CA PRO A 1354 0.28 30.86 -17.95
C PRO A 1354 -0.41 31.16 -16.63
N ASN A 1355 -1.67 31.59 -16.64
CA ASN A 1355 -2.35 31.97 -15.42
C ASN A 1355 -3.85 31.76 -15.58
N ARG A 1356 -4.59 32.03 -14.50
CA ARG A 1356 -6.00 31.69 -14.44
C ARG A 1356 -6.83 32.49 -15.44
N SER A 1357 -6.52 33.78 -15.60
CA SER A 1357 -7.29 34.60 -16.52
C SER A 1357 -7.12 34.12 -17.96
N GLU A 1358 -5.96 33.55 -18.27
CA GLU A 1358 -5.76 32.99 -19.60
C GLU A 1358 -6.41 31.62 -19.74
N CYS A 1359 -6.41 30.81 -18.69
CA CYS A 1359 -7.12 29.54 -18.79
C CYS A 1359 -8.62 29.74 -18.91
N PHE A 1360 -9.16 30.83 -18.37
CA PHE A 1360 -10.59 31.06 -18.53
C PHE A 1360 -10.93 31.45 -19.97
N ALA A 1361 -10.04 32.19 -20.64
CA ALA A 1361 -10.23 32.42 -22.06
C ALA A 1361 -10.10 31.12 -22.84
N LEU A 1362 -9.16 30.26 -22.42
CA LEU A 1362 -9.06 28.94 -23.03
C LEU A 1362 -10.32 28.13 -22.83
N MET A 1363 -10.97 28.28 -21.68
CA MET A 1363 -12.20 27.55 -21.38
C MET A 1363 -13.38 28.12 -22.14
N ASN A 1364 -13.34 29.41 -22.47
CA ASN A 1364 -14.34 29.95 -23.39
C ASN A 1364 -14.10 29.44 -24.82
N VAL A 1365 -12.84 29.22 -25.20
CA VAL A 1365 -12.56 28.78 -26.56
C VAL A 1365 -12.88 27.29 -26.72
N SER A 1366 -12.33 26.43 -25.87
CA SER A 1366 -12.59 25.00 -25.91
C SER A 1366 -13.21 24.58 -24.58
N GLN A 1367 -13.91 23.45 -24.60
CA GLN A 1367 -14.75 23.08 -23.47
C GLN A 1367 -14.11 22.08 -22.52
N ASN A 1368 -13.04 21.39 -22.93
CA ASN A 1368 -12.48 20.29 -22.16
C ASN A 1368 -11.37 20.72 -21.21
N VAL A 1369 -11.25 22.01 -20.91
CA VAL A 1369 -10.27 22.49 -19.95
C VAL A 1369 -11.01 22.97 -18.70
N ARG A 1370 -10.35 22.90 -17.55
CA ARG A 1370 -11.03 23.18 -16.30
C ARG A 1370 -10.01 23.50 -15.22
N TRP A 1371 -10.08 24.72 -14.68
CA TRP A 1371 -9.15 25.18 -13.65
C TRP A 1371 -9.47 24.51 -12.33
N LYS A 1372 -8.79 23.39 -12.02
CA LYS A 1372 -9.20 22.52 -10.93
C LYS A 1372 -8.13 22.46 -9.85
N ASN A 1373 -8.59 22.22 -8.62
CA ASN A 1373 -7.76 22.16 -7.43
C ASN A 1373 -7.37 20.70 -7.17
N LEU A 1374 -6.83 20.41 -5.98
CA LEU A 1374 -6.39 19.06 -5.65
C LEU A 1374 -7.31 18.32 -4.69
N LYS A 1375 -8.20 19.03 -4.01
CA LYS A 1375 -9.21 18.47 -3.10
C LYS A 1375 -8.62 17.96 -1.79
N VAL A 1376 -7.30 17.80 -1.74
CA VAL A 1376 -6.58 17.59 -0.47
C VAL A 1376 -5.32 18.42 -0.55
N ASN A 1377 -5.36 19.63 -0.01
CA ASN A 1377 -4.32 20.61 -0.25
C ASN A 1377 -4.09 21.39 1.03
N PHE A 1378 -3.39 22.52 0.91
CA PHE A 1378 -3.12 23.41 2.02
C PHE A 1378 -3.84 24.75 1.85
N ASP A 1379 -5.11 24.70 1.47
CA ASP A 1379 -5.87 25.93 1.28
C ASP A 1379 -6.30 26.55 2.61
N ASN A 1380 -6.43 25.75 3.66
CA ASN A 1380 -6.64 26.24 5.01
C ASN A 1380 -6.04 25.22 5.96
N VAL A 1381 -6.24 25.43 7.27
CA VAL A 1381 -5.60 24.54 8.24
C VAL A 1381 -6.31 23.19 8.33
N GLY A 1382 -7.61 23.11 8.03
CA GLY A 1382 -8.26 21.81 8.02
C GLY A 1382 -7.77 20.93 6.89
N LEU A 1383 -7.85 21.44 5.66
CA LEU A 1383 -7.27 20.73 4.53
C LEU A 1383 -5.78 20.50 4.73
N GLY A 1384 -5.09 21.42 5.40
CA GLY A 1384 -3.69 21.21 5.71
C GLY A 1384 -3.49 20.02 6.63
N TYR A 1385 -4.36 19.86 7.62
CA TYR A 1385 -4.29 18.71 8.51
C TYR A 1385 -4.53 17.42 7.75
N LEU A 1386 -5.47 17.45 6.80
CA LEU A 1386 -5.72 16.27 5.98
C LEU A 1386 -4.50 15.94 5.12
N SER A 1387 -3.91 16.94 4.48
CA SER A 1387 -2.75 16.72 3.62
C SER A 1387 -1.55 16.25 4.42
N LEU A 1388 -1.38 16.77 5.63
CA LEU A 1388 -0.31 16.28 6.50
C LEU A 1388 -0.56 14.85 6.96
N LEU A 1389 -1.82 14.49 7.20
CA LEU A 1389 -2.13 13.10 7.51
C LEU A 1389 -1.76 12.19 6.34
N GLN A 1390 -2.03 12.63 5.12
CA GLN A 1390 -1.68 11.82 3.96
C GLN A 1390 -0.16 11.72 3.81
N VAL A 1391 0.56 12.82 3.96
CA VAL A 1391 2.01 12.81 3.84
C VAL A 1391 2.66 12.01 4.96
N ALA A 1392 2.06 11.98 6.14
CA ALA A 1392 2.63 11.25 7.28
C ALA A 1392 2.28 9.78 7.29
N THR A 1393 1.15 9.39 6.70
CA THR A 1393 0.86 7.99 6.48
C THR A 1393 1.50 7.46 5.20
N PHE A 1394 1.99 8.35 4.33
CA PHE A 1394 2.71 8.06 3.10
C PHE A 1394 1.79 7.54 2.01
N LYS A 1395 0.48 7.61 2.19
CA LYS A 1395 -0.49 7.09 1.23
C LYS A 1395 -1.24 8.28 0.65
N GLY A 1396 -0.72 8.84 -0.43
CA GLY A 1396 -1.37 9.94 -1.12
C GLY A 1396 -0.52 11.17 -1.13
N TRP A 1397 0.70 11.05 -0.62
CA TRP A 1397 1.60 12.18 -0.47
C TRP A 1397 2.20 12.64 -1.78
N THR A 1398 2.36 11.74 -2.76
CA THR A 1398 3.07 12.11 -3.97
C THR A 1398 2.27 13.09 -4.81
N ILE A 1399 0.95 12.93 -4.88
CA ILE A 1399 0.15 13.86 -5.66
C ILE A 1399 0.15 15.24 -5.02
N ILE A 1400 0.36 15.32 -3.71
CA ILE A 1400 0.52 16.60 -3.04
C ILE A 1400 1.90 17.19 -3.30
N MET A 1401 2.95 16.38 -3.11
CA MET A 1401 4.31 16.86 -3.32
C MET A 1401 4.53 17.35 -4.73
N TYR A 1402 3.93 16.68 -5.72
CA TYR A 1402 4.12 17.08 -7.10
C TYR A 1402 3.59 18.49 -7.33
N ALA A 1403 2.37 18.76 -6.89
CA ALA A 1403 1.79 20.09 -7.09
C ALA A 1403 2.47 21.13 -6.21
N ALA A 1404 2.96 20.72 -5.04
CA ALA A 1404 3.69 21.65 -4.18
C ALA A 1404 4.96 22.12 -4.88
N VAL A 1405 5.79 21.18 -5.33
CA VAL A 1405 7.02 21.55 -6.02
C VAL A 1405 6.77 22.11 -7.41
N ASP A 1406 5.58 21.95 -7.96
CA ASP A 1406 5.22 22.65 -9.18
C ASP A 1406 4.68 24.04 -8.93
N SER A 1407 4.32 24.36 -7.68
CA SER A 1407 3.65 25.61 -7.39
C SER A 1407 4.47 26.81 -7.84
N VAL A 1408 3.79 27.87 -8.26
CA VAL A 1408 4.44 29.11 -8.67
C VAL A 1408 3.94 30.26 -7.80
N ASN A 1409 2.65 30.57 -7.92
CA ASN A 1409 2.04 31.65 -7.15
C ASN A 1409 0.57 31.31 -6.95
N VAL A 1410 -0.23 32.32 -6.61
CA VAL A 1410 -1.60 32.05 -6.17
C VAL A 1410 -2.52 31.82 -7.36
N ASP A 1411 -2.39 32.60 -8.43
CA ASP A 1411 -3.20 32.42 -9.62
C ASP A 1411 -2.31 32.21 -10.83
N LYS A 1412 -1.28 31.40 -10.68
CA LYS A 1412 -0.34 31.11 -11.75
C LYS A 1412 -0.32 29.62 -12.03
N GLN A 1413 -0.25 29.29 -13.32
CA GLN A 1413 -0.21 27.90 -13.73
C GLN A 1413 1.07 27.25 -13.23
N PRO A 1414 0.99 26.12 -12.54
CA PRO A 1414 2.21 25.48 -12.04
C PRO A 1414 3.16 25.12 -13.17
N LYS A 1415 4.45 25.34 -12.91
CA LYS A 1415 5.50 24.92 -13.81
C LYS A 1415 6.15 23.67 -13.24
N TYR A 1416 6.73 22.85 -14.13
CA TYR A 1416 7.23 21.56 -13.71
C TYR A 1416 8.42 21.74 -12.78
N GLU A 1417 8.29 21.27 -11.55
CA GLU A 1417 9.32 21.37 -10.52
C GLU A 1417 9.89 22.78 -10.45
N TYR A 1418 8.99 23.77 -10.44
CA TYR A 1418 9.41 25.16 -10.35
C TYR A 1418 9.99 25.47 -8.99
N SER A 1419 9.36 24.99 -7.92
CA SER A 1419 9.95 25.12 -6.60
C SER A 1419 11.05 24.09 -6.40
N LEU A 1420 10.67 22.81 -6.43
CA LEU A 1420 11.60 21.69 -6.49
C LEU A 1420 12.34 21.52 -5.17
N TYR A 1421 12.24 22.51 -4.28
CA TYR A 1421 12.90 22.42 -3.00
C TYR A 1421 11.91 22.49 -1.85
N MET A 1422 10.62 22.57 -2.14
CA MET A 1422 9.61 22.27 -1.13
C MET A 1422 9.63 20.80 -0.75
N TYR A 1423 10.24 19.96 -1.59
CA TYR A 1423 10.59 18.62 -1.17
C TYR A 1423 11.34 18.63 0.15
N ILE A 1424 12.07 19.70 0.42
CA ILE A 1424 12.72 19.85 1.72
C ILE A 1424 11.68 20.09 2.80
N TYR A 1425 10.65 20.87 2.50
CA TYR A 1425 9.56 21.05 3.46
C TYR A 1425 8.94 19.72 3.83
N PHE A 1426 8.69 18.87 2.83
CA PHE A 1426 8.09 17.58 3.12
C PHE A 1426 9.06 16.61 3.79
N VAL A 1427 10.35 16.69 3.49
CA VAL A 1427 11.33 15.87 4.18
C VAL A 1427 11.38 16.26 5.65
N VAL A 1428 11.44 17.56 5.93
CA VAL A 1428 11.46 18.04 7.30
C VAL A 1428 10.18 17.64 8.02
N PHE A 1429 9.04 17.77 7.36
CA PHE A 1429 7.79 17.38 8.01
C PHE A 1429 7.78 15.89 8.32
N ILE A 1430 8.14 15.06 7.35
CA ILE A 1430 8.17 13.62 7.62
C ILE A 1430 9.07 13.35 8.83
N ILE A 1431 10.33 13.77 8.75
CA ILE A 1431 11.30 13.50 9.81
C ILE A 1431 10.78 13.94 11.17
N PHE A 1432 10.25 15.16 11.26
CA PHE A 1432 9.82 15.64 12.58
C PHE A 1432 8.42 15.12 12.92
N GLY A 1433 7.41 15.58 12.19
CA GLY A 1433 6.06 15.14 12.43
C GLY A 1433 5.91 13.64 12.43
N SER A 1434 6.04 12.97 11.29
CA SER A 1434 5.71 11.55 11.26
C SER A 1434 6.64 10.76 12.17
N PHE A 1435 7.95 10.82 11.92
CA PHE A 1435 8.89 10.01 12.67
C PHE A 1435 8.84 10.33 14.15
N PHE A 1436 9.11 11.58 14.54
CA PHE A 1436 9.23 11.89 15.96
C PHE A 1436 7.89 11.76 16.69
N THR A 1437 6.79 12.23 16.08
CA THR A 1437 5.53 12.17 16.79
C THR A 1437 4.98 10.76 16.88
N LEU A 1438 5.22 9.91 15.88
CA LEU A 1438 4.80 8.52 16.04
C LEU A 1438 5.75 7.76 16.94
N ASN A 1439 7.00 8.25 17.08
CA ASN A 1439 7.87 7.74 18.12
C ASN A 1439 7.30 8.05 19.50
N LEU A 1440 6.91 9.29 19.73
CA LEU A 1440 6.26 9.67 20.98
C LEU A 1440 4.98 8.86 21.19
N PHE A 1441 4.18 8.72 20.14
CA PHE A 1441 2.96 7.91 20.20
C PHE A 1441 3.26 6.51 20.71
N ILE A 1442 4.10 5.77 19.99
CA ILE A 1442 4.37 4.38 20.34
C ILE A 1442 5.02 4.29 21.72
N GLY A 1443 5.94 5.20 22.02
CA GLY A 1443 6.59 5.14 23.32
C GLY A 1443 5.63 5.32 24.47
N VAL A 1444 4.77 6.34 24.39
CA VAL A 1444 3.83 6.59 25.46
C VAL A 1444 2.77 5.49 25.51
N ILE A 1445 2.45 4.86 24.38
CA ILE A 1445 1.43 3.83 24.40
C ILE A 1445 1.97 2.56 25.03
N ILE A 1446 3.21 2.18 24.72
CA ILE A 1446 3.81 1.04 25.39
C ILE A 1446 4.02 1.34 26.87
N ASP A 1447 4.36 2.58 27.20
CA ASP A 1447 4.52 2.94 28.61
C ASP A 1447 3.18 2.81 29.34
N ASN A 1448 2.10 3.27 28.73
CA ASN A 1448 0.78 3.16 29.33
C ASN A 1448 0.37 1.70 29.47
N PHE A 1449 0.63 0.88 28.45
CA PHE A 1449 0.28 -0.53 28.54
C PHE A 1449 1.09 -1.24 29.61
N ASN A 1450 2.35 -0.83 29.80
CA ASN A 1450 3.15 -1.44 30.86
C ASN A 1450 2.66 -1.01 32.23
N GLN A 1451 2.23 0.24 32.37
CA GLN A 1451 1.61 0.65 33.63
C GLN A 1451 0.33 -0.12 33.91
N GLN A 1452 -0.51 -0.29 32.89
CA GLN A 1452 -1.74 -1.07 33.04
C GLN A 1452 -1.42 -2.51 33.43
N LYS A 1453 -0.41 -3.12 32.80
CA LYS A 1453 -0.05 -4.50 33.10
C LYS A 1453 0.50 -4.63 34.51
N LYS A 1454 1.28 -3.65 34.98
CA LYS A 1454 1.75 -3.68 36.35
C LYS A 1454 0.59 -3.49 37.33
N LYS A 1455 -0.41 -2.70 36.94
CA LYS A 1455 -1.60 -2.56 37.77
C LYS A 1455 -2.37 -3.88 37.86
N LEU A 1456 -2.51 -4.59 36.74
CA LEU A 1456 -3.29 -5.82 36.70
C LEU A 1456 -2.48 -7.01 37.21
N GLY A 1457 -1.89 -6.87 38.40
CA GLY A 1457 -1.15 -7.95 39.03
C GLY A 1457 -0.06 -8.57 38.20
N GLY A 1458 0.36 -7.92 37.12
CA GLY A 1458 1.34 -8.51 36.22
C GLY A 1458 0.77 -9.46 35.20
N GLN A 1459 -0.54 -9.40 34.93
CA GLN A 1459 -1.17 -10.29 33.97
C GLN A 1459 -1.27 -9.60 32.61
N ASP A 1460 -1.42 -10.42 31.56
CA ASP A 1460 -1.63 -9.88 30.23
C ASP A 1460 -3.00 -9.21 30.16
N ILE A 1461 -3.07 -8.13 29.39
CA ILE A 1461 -4.24 -7.27 29.38
C ILE A 1461 -5.10 -7.44 28.15
N PHE A 1462 -4.84 -8.45 27.33
CA PHE A 1462 -5.68 -8.74 26.17
C PHE A 1462 -6.32 -10.12 26.22
N MET A 1463 -6.12 -10.85 27.30
CA MET A 1463 -6.60 -12.22 27.40
C MET A 1463 -7.57 -12.36 28.57
N THR A 1464 -8.65 -13.10 28.34
CA THR A 1464 -9.65 -13.36 29.36
C THR A 1464 -9.16 -14.46 30.29
N GLU A 1465 -10.08 -15.00 31.11
CA GLU A 1465 -9.69 -16.07 32.02
C GLU A 1465 -9.49 -17.39 31.29
N GLU A 1466 -10.43 -17.76 30.42
CA GLU A 1466 -10.27 -18.94 29.58
C GLU A 1466 -8.99 -18.83 28.75
N GLN A 1467 -8.75 -17.66 28.15
CA GLN A 1467 -7.56 -17.47 27.34
C GLN A 1467 -6.30 -17.49 28.18
N LYS A 1468 -6.35 -17.02 29.43
CA LYS A 1468 -5.17 -17.10 30.29
C LYS A 1468 -4.87 -18.53 30.68
N LYS A 1469 -5.90 -19.33 30.93
CA LYS A 1469 -5.67 -20.74 31.24
C LYS A 1469 -5.07 -21.47 30.04
N TYR A 1470 -5.63 -21.24 28.85
CA TYR A 1470 -5.04 -21.82 27.64
C TYR A 1470 -3.62 -21.30 27.41
N TYR A 1471 -3.37 -20.04 27.75
CA TYR A 1471 -2.05 -19.45 27.57
C TYR A 1471 -1.03 -20.10 28.48
N ASN A 1472 -1.40 -20.39 29.72
CA ASN A 1472 -0.47 -21.09 30.61
C ASN A 1472 -0.26 -22.54 30.18
N ALA A 1473 -1.34 -23.25 29.88
CA ALA A 1473 -1.21 -24.63 29.42
C ALA A 1473 -0.42 -24.72 28.13
N MET A 1474 -0.41 -23.66 27.32
CA MET A 1474 0.37 -23.64 26.10
C MET A 1474 1.82 -23.25 26.37
N LYS A 1475 2.05 -22.30 27.28
CA LYS A 1475 3.39 -21.89 27.61
C LYS A 1475 4.16 -22.99 28.32
N LYS A 1476 3.43 -23.96 28.89
CA LYS A 1476 4.12 -25.14 29.42
C LYS A 1476 4.82 -25.94 28.32
N LEU A 1477 4.37 -25.80 27.07
CA LEU A 1477 5.00 -26.50 25.95
C LEU A 1477 6.42 -26.00 25.67
N GLY A 1478 6.88 -24.95 26.34
CA GLY A 1478 8.25 -24.52 26.29
C GLY A 1478 9.20 -25.34 27.13
N SER A 1479 8.87 -26.61 27.37
CA SER A 1479 9.63 -27.45 28.26
C SER A 1479 11.08 -27.58 27.81
N LYS A 1480 11.99 -27.59 28.78
CA LYS A 1480 13.41 -27.83 28.52
C LYS A 1480 13.84 -29.24 28.89
N LYS A 1481 12.92 -30.07 29.38
CA LYS A 1481 13.28 -31.39 29.84
C LYS A 1481 13.28 -32.38 28.68
N PRO A 1482 14.36 -33.16 28.48
CA PRO A 1482 14.40 -34.12 27.38
C PRO A 1482 13.64 -35.40 27.74
N GLN A 1483 12.71 -35.78 26.88
CA GLN A 1483 11.88 -36.96 27.14
C GLN A 1483 12.70 -38.23 27.00
N LYS A 1484 12.16 -39.31 27.54
CA LYS A 1484 12.72 -40.64 27.32
C LYS A 1484 12.59 -40.99 25.84
N PRO A 1485 13.68 -41.33 25.14
CA PRO A 1485 13.61 -41.41 23.68
C PRO A 1485 12.59 -42.41 23.17
N ILE A 1486 12.82 -43.70 23.46
CA ILE A 1486 11.89 -44.78 23.15
C ILE A 1486 12.50 -46.08 23.67
N PRO A 1487 11.70 -47.10 23.99
CA PRO A 1487 12.28 -48.41 24.32
C PRO A 1487 12.55 -49.23 23.06
N ARG A 1488 13.80 -49.67 22.89
CA ARG A 1488 14.17 -50.37 21.68
C ARG A 1488 13.55 -51.77 21.65
N PRO A 1489 13.16 -52.26 20.48
CA PRO A 1489 12.54 -53.59 20.41
C PRO A 1489 13.55 -54.70 20.64
N GLY A 1490 13.02 -55.92 20.80
CA GLY A 1490 13.87 -57.07 21.01
C GLY A 1490 14.35 -57.71 19.72
N ASN A 1491 13.58 -57.58 18.65
CA ASN A 1491 13.97 -58.18 17.37
C ASN A 1491 15.26 -57.55 16.86
N LYS A 1492 16.09 -58.37 16.23
CA LYS A 1492 17.39 -57.91 15.73
C LYS A 1492 17.19 -56.96 14.56
N ILE A 1493 16.42 -57.37 13.55
CA ILE A 1493 16.21 -56.51 12.38
C ILE A 1493 15.44 -55.26 12.77
N GLN A 1494 14.53 -55.37 13.74
CA GLN A 1494 13.75 -54.20 14.15
C GLN A 1494 14.63 -53.24 14.95
N GLY A 1495 15.56 -53.75 15.74
CA GLY A 1495 16.52 -52.89 16.40
C GLY A 1495 17.47 -52.21 15.43
N CYS A 1496 17.90 -52.93 14.40
CA CYS A 1496 18.69 -52.31 13.34
C CYS A 1496 17.92 -51.16 12.68
N ILE A 1497 16.67 -51.41 12.32
CA ILE A 1497 15.84 -50.35 11.76
C ILE A 1497 15.66 -49.22 12.76
N PHE A 1498 15.61 -49.55 14.06
CA PHE A 1498 15.44 -48.52 15.07
C PHE A 1498 16.62 -47.57 15.10
N ASP A 1499 17.84 -48.10 15.14
CA ASP A 1499 18.99 -47.20 15.12
C ASP A 1499 19.08 -46.47 13.79
N LEU A 1500 18.68 -47.13 12.70
CA LEU A 1500 18.70 -46.48 11.40
C LEU A 1500 17.78 -45.27 11.36
N VAL A 1501 16.61 -45.37 12.00
CA VAL A 1501 15.71 -44.22 12.01
C VAL A 1501 16.17 -43.18 13.02
N THR A 1502 16.77 -43.61 14.13
CA THR A 1502 17.13 -42.67 15.19
C THR A 1502 18.39 -41.88 14.90
N ASN A 1503 19.26 -42.37 14.01
CA ASN A 1503 20.54 -41.71 13.79
C ASN A 1503 20.39 -40.28 13.28
N GLN A 1504 21.24 -39.40 13.84
CA GLN A 1504 21.24 -37.99 13.43
C GLN A 1504 21.57 -37.85 11.96
N ALA A 1505 22.43 -38.72 11.42
CA ALA A 1505 22.68 -38.71 9.99
C ALA A 1505 21.41 -38.98 9.22
N PHE A 1506 20.58 -39.90 9.71
CA PHE A 1506 19.31 -40.19 9.06
C PHE A 1506 18.39 -38.97 9.06
N ASP A 1507 18.21 -38.33 10.21
CA ASP A 1507 17.30 -37.19 10.24
C ASP A 1507 17.84 -36.02 9.42
N ILE A 1508 19.15 -35.79 9.44
CA ILE A 1508 19.67 -34.68 8.64
C ILE A 1508 19.56 -35.00 7.15
N SER A 1509 19.71 -36.27 6.77
CA SER A 1509 19.47 -36.65 5.38
C SER A 1509 18.02 -36.38 5.00
N ILE A 1510 17.09 -36.66 5.92
CA ILE A 1510 15.69 -36.38 5.66
C ILE A 1510 15.46 -34.89 5.47
N MET A 1511 16.08 -34.06 6.31
CA MET A 1511 15.94 -32.62 6.14
C MET A 1511 16.54 -32.17 4.81
N VAL A 1512 17.64 -32.79 4.39
CA VAL A 1512 18.23 -32.44 3.10
C VAL A 1512 17.28 -32.80 1.96
N LEU A 1513 16.62 -33.94 2.05
CA LEU A 1513 15.61 -34.28 1.04
C LEU A 1513 14.46 -33.30 1.08
N ILE A 1514 14.12 -32.77 2.26
CA ILE A 1514 13.07 -31.76 2.35
C ILE A 1514 13.49 -30.49 1.61
N CYS A 1515 14.73 -30.05 1.81
CA CYS A 1515 15.21 -28.88 1.08
C CYS A 1515 15.26 -29.14 -0.42
N LEU A 1516 15.61 -30.36 -0.82
CA LEU A 1516 15.59 -30.69 -2.24
C LEU A 1516 14.18 -30.67 -2.80
N ASN A 1517 13.20 -31.08 -2.00
CA ASN A 1517 11.80 -30.94 -2.40
C ASN A 1517 11.42 -29.48 -2.56
N MET A 1518 11.86 -28.65 -1.62
CA MET A 1518 11.64 -27.21 -1.72
C MET A 1518 12.19 -26.67 -3.03
N VAL A 1519 13.40 -27.10 -3.40
CA VAL A 1519 14.01 -26.62 -4.64
C VAL A 1519 13.26 -27.16 -5.86
N THR A 1520 12.76 -28.40 -5.78
CA THR A 1520 11.97 -28.95 -6.87
C THR A 1520 10.70 -28.13 -7.09
N MET A 1521 10.07 -27.67 -6.02
CA MET A 1521 8.91 -26.80 -6.16
C MET A 1521 9.32 -25.40 -6.61
N MET A 1522 10.53 -24.97 -6.27
CA MET A 1522 10.99 -23.65 -6.66
C MET A 1522 11.22 -23.55 -8.15
N VAL A 1523 11.85 -24.57 -8.76
CA VAL A 1523 12.18 -24.49 -10.18
C VAL A 1523 10.95 -24.53 -11.08
N GLU A 1524 9.76 -24.73 -10.52
CA GLU A 1524 8.53 -24.63 -11.30
C GLU A 1524 8.31 -23.19 -11.75
N LYS A 1525 7.66 -23.03 -12.90
CA LYS A 1525 7.40 -21.69 -13.41
C LYS A 1525 6.27 -21.77 -14.42
N GLU A 1526 5.93 -20.62 -14.99
CA GLU A 1526 4.85 -20.52 -15.96
C GLU A 1526 5.40 -20.59 -17.37
N GLY A 1527 4.74 -21.37 -18.22
CA GLY A 1527 5.17 -21.49 -19.61
C GLY A 1527 6.25 -22.50 -19.83
N GLN A 1528 6.38 -23.48 -18.95
CA GLN A 1528 7.40 -24.50 -19.12
C GLN A 1528 6.96 -25.54 -20.15
N SER A 1529 7.92 -26.31 -20.63
CA SER A 1529 7.64 -27.35 -21.61
C SER A 1529 7.06 -28.59 -20.94
N GLN A 1530 6.42 -29.44 -21.75
CA GLN A 1530 5.77 -30.62 -21.20
C GLN A 1530 6.79 -31.60 -20.65
N HIS A 1531 7.97 -31.68 -21.26
CA HIS A 1531 9.05 -32.51 -20.71
C HIS A 1531 9.43 -32.03 -19.31
N MET A 1532 9.57 -30.72 -19.14
CA MET A 1532 9.85 -30.16 -17.82
C MET A 1532 8.73 -30.50 -16.84
N THR A 1533 7.48 -30.36 -17.29
CA THR A 1533 6.35 -30.64 -16.40
C THR A 1533 6.34 -32.09 -15.95
N GLU A 1534 6.61 -33.02 -16.86
CA GLU A 1534 6.53 -34.43 -16.49
C GLU A 1534 7.74 -34.86 -15.67
N VAL A 1535 8.92 -34.30 -15.92
CA VAL A 1535 10.06 -34.66 -15.08
C VAL A 1535 9.86 -34.09 -13.67
N LEU A 1536 9.26 -32.90 -13.57
CA LEU A 1536 8.92 -32.37 -12.25
C LEU A 1536 7.88 -33.26 -11.57
N TYR A 1537 6.86 -33.69 -12.32
CA TYR A 1537 5.90 -34.66 -11.83
C TYR A 1537 6.60 -35.87 -11.20
N TRP A 1538 7.54 -36.47 -11.93
CA TRP A 1538 8.13 -37.71 -11.46
C TRP A 1538 9.12 -37.49 -10.32
N ILE A 1539 9.81 -36.35 -10.30
CA ILE A 1539 10.65 -36.04 -9.14
C ILE A 1539 9.78 -35.87 -7.90
N ASN A 1540 8.65 -35.17 -8.03
CA ASN A 1540 7.75 -35.05 -6.89
C ASN A 1540 7.21 -36.40 -6.47
N VAL A 1541 6.95 -37.29 -7.43
CA VAL A 1541 6.42 -38.61 -7.09
C VAL A 1541 7.44 -39.42 -6.31
N VAL A 1542 8.70 -39.42 -6.76
CA VAL A 1542 9.71 -40.19 -6.05
C VAL A 1542 9.98 -39.56 -4.68
N PHE A 1543 9.90 -38.23 -4.58
CA PHE A 1543 10.02 -37.59 -3.27
C PHE A 1543 8.92 -38.07 -2.34
N ILE A 1544 7.68 -38.09 -2.82
CA ILE A 1544 6.56 -38.54 -1.99
C ILE A 1544 6.75 -39.99 -1.58
N ILE A 1545 7.22 -40.83 -2.50
CA ILE A 1545 7.33 -42.26 -2.19
C ILE A 1545 8.43 -42.51 -1.18
N LEU A 1546 9.54 -41.76 -1.26
CA LEU A 1546 10.61 -41.95 -0.29
C LEU A 1546 10.23 -41.36 1.07
N PHE A 1547 9.48 -40.25 1.08
CA PHE A 1547 8.97 -39.72 2.33
C PHE A 1547 8.03 -40.71 3.01
N THR A 1548 7.09 -41.26 2.24
CA THR A 1548 6.22 -42.30 2.78
C THR A 1548 7.00 -43.51 3.24
N GLY A 1549 8.09 -43.85 2.54
CA GLY A 1549 8.87 -45.00 2.93
C GLY A 1549 9.57 -44.79 4.26
N GLU A 1550 10.22 -43.64 4.43
CA GLU A 1550 10.84 -43.36 5.72
C GLU A 1550 9.80 -43.28 6.82
N CYS A 1551 8.60 -42.78 6.50
CA CYS A 1551 7.54 -42.74 7.51
C CYS A 1551 7.14 -44.15 7.94
N VAL A 1552 6.89 -45.03 6.97
CA VAL A 1552 6.42 -46.37 7.33
C VAL A 1552 7.51 -47.18 7.98
N LEU A 1553 8.78 -46.94 7.66
CA LEU A 1553 9.83 -47.70 8.34
C LEU A 1553 10.06 -47.16 9.76
N LYS A 1554 9.99 -45.84 9.93
CA LYS A 1554 9.95 -45.29 11.29
C LYS A 1554 8.81 -45.90 12.08
N LEU A 1555 7.66 -46.11 11.43
CA LEU A 1555 6.54 -46.76 12.12
C LEU A 1555 6.89 -48.19 12.51
N ILE A 1556 7.17 -49.05 11.52
CA ILE A 1556 7.42 -50.46 11.85
C ILE A 1556 8.60 -50.60 12.82
N SER A 1557 9.35 -49.51 13.05
CA SER A 1557 10.30 -49.51 14.15
C SER A 1557 9.66 -49.08 15.47
N LEU A 1558 8.72 -48.13 15.43
CA LEU A 1558 8.14 -47.58 16.66
C LEU A 1558 6.62 -47.69 16.71
N ARG A 1559 6.11 -48.87 16.33
CA ARG A 1559 4.68 -49.13 16.13
C ARG A 1559 3.75 -48.41 17.10
N HIS A 1560 4.04 -48.46 18.39
CA HIS A 1560 3.12 -47.91 19.38
C HIS A 1560 3.45 -46.48 19.77
N TYR A 1561 4.73 -46.12 19.88
CA TYR A 1561 5.14 -44.84 20.40
C TYR A 1561 5.50 -43.84 19.32
N TYR A 1562 5.17 -44.12 18.06
CA TYR A 1562 5.43 -43.13 17.01
C TYR A 1562 4.57 -41.90 17.20
N PHE A 1563 3.33 -42.07 17.66
CA PHE A 1563 2.36 -40.98 17.67
C PHE A 1563 2.38 -40.14 18.95
N THR A 1564 3.27 -40.41 19.89
CA THR A 1564 3.30 -39.62 21.11
C THR A 1564 3.98 -38.27 20.93
N VAL A 1565 4.42 -37.94 19.71
CA VAL A 1565 5.15 -36.71 19.44
C VAL A 1565 4.35 -35.88 18.44
N GLY A 1566 4.26 -34.58 18.70
CA GLY A 1566 3.52 -33.70 17.82
C GLY A 1566 4.13 -33.59 16.44
N TRP A 1567 5.47 -33.55 16.35
CA TRP A 1567 6.10 -33.44 15.05
C TRP A 1567 5.98 -34.74 14.25
N ASN A 1568 6.00 -35.88 14.95
CA ASN A 1568 5.75 -37.14 14.26
C ASN A 1568 4.32 -37.22 13.76
N ILE A 1569 3.37 -36.73 14.55
CA ILE A 1569 1.98 -36.65 14.12
C ILE A 1569 1.88 -35.75 12.88
N PHE A 1570 2.59 -34.63 12.89
CA PHE A 1570 2.56 -33.74 11.73
C PHE A 1570 3.16 -34.42 10.51
N ASP A 1571 4.24 -35.18 10.69
CA ASP A 1571 4.83 -35.93 9.58
C ASP A 1571 3.81 -36.90 8.99
N PHE A 1572 3.11 -37.64 9.85
CA PHE A 1572 2.10 -38.58 9.35
C PHE A 1572 0.98 -37.85 8.62
N VAL A 1573 0.54 -36.72 9.16
CA VAL A 1573 -0.53 -35.96 8.53
C VAL A 1573 -0.11 -35.48 7.15
N VAL A 1574 1.14 -35.00 7.03
CA VAL A 1574 1.57 -34.48 5.75
C VAL A 1574 1.79 -35.61 4.75
N VAL A 1575 2.28 -36.76 5.20
CA VAL A 1575 2.38 -37.90 4.30
C VAL A 1575 1.00 -38.28 3.77
N ILE A 1576 0.01 -38.35 4.66
CA ILE A 1576 -1.34 -38.72 4.26
C ILE A 1576 -1.89 -37.71 3.26
N ILE A 1577 -1.71 -36.42 3.53
CA ILE A 1577 -2.33 -35.42 2.67
C ILE A 1577 -1.60 -35.32 1.34
N SER A 1578 -0.30 -35.59 1.30
CA SER A 1578 0.41 -35.65 0.02
C SER A 1578 -0.08 -36.83 -0.82
N ILE A 1579 -0.26 -37.99 -0.19
CA ILE A 1579 -0.74 -39.15 -0.92
C ILE A 1579 -2.15 -38.89 -1.46
N VAL A 1580 -3.01 -38.29 -0.64
CA VAL A 1580 -4.36 -38.02 -1.13
C VAL A 1580 -4.33 -36.91 -2.17
N GLY A 1581 -3.34 -36.02 -2.12
CA GLY A 1581 -3.23 -35.01 -3.16
C GLY A 1581 -2.91 -35.61 -4.52
N MET A 1582 -1.93 -36.53 -4.56
CA MET A 1582 -1.60 -37.17 -5.83
C MET A 1582 -2.75 -38.07 -6.30
N PHE A 1583 -3.39 -38.79 -5.37
CA PHE A 1583 -4.51 -39.64 -5.74
C PHE A 1583 -5.69 -38.80 -6.24
N LEU A 1584 -5.88 -37.60 -5.67
CA LEU A 1584 -6.97 -36.75 -6.11
C LEU A 1584 -6.65 -36.11 -7.46
N ALA A 1585 -5.37 -35.85 -7.73
CA ALA A 1585 -5.00 -35.46 -9.08
C ALA A 1585 -5.35 -36.56 -10.08
N ASP A 1586 -5.05 -37.81 -9.72
CA ASP A 1586 -5.45 -38.96 -10.54
C ASP A 1586 -6.96 -38.95 -10.77
N LEU A 1587 -7.73 -38.86 -9.70
CA LEU A 1587 -9.18 -38.93 -9.82
C LEU A 1587 -9.75 -37.73 -10.58
N ILE A 1588 -9.08 -36.57 -10.50
CA ILE A 1588 -9.52 -35.41 -11.28
C ILE A 1588 -9.32 -35.69 -12.76
N GLU A 1589 -8.10 -36.07 -13.15
CA GLU A 1589 -7.87 -36.41 -14.56
C GLU A 1589 -8.79 -37.54 -15.03
N THR A 1590 -9.27 -38.37 -14.11
CA THR A 1590 -10.14 -39.48 -14.49
C THR A 1590 -11.60 -39.05 -14.65
N TYR A 1591 -12.08 -38.19 -13.75
CA TYR A 1591 -13.51 -37.99 -13.59
C TYR A 1591 -13.99 -36.54 -13.60
N PHE A 1592 -13.13 -35.56 -13.33
CA PHE A 1592 -13.59 -34.20 -13.09
C PHE A 1592 -12.76 -33.19 -13.89
N VAL A 1593 -13.27 -31.97 -13.94
CA VAL A 1593 -12.57 -30.83 -14.55
C VAL A 1593 -12.72 -29.65 -13.60
N SER A 1594 -11.64 -29.33 -12.88
CA SER A 1594 -11.65 -28.22 -11.93
C SER A 1594 -10.22 -27.76 -11.72
N PRO A 1595 -9.75 -26.78 -12.51
CA PRO A 1595 -8.37 -26.30 -12.32
C PRO A 1595 -8.16 -25.57 -11.01
N THR A 1596 -9.14 -24.80 -10.55
CA THR A 1596 -9.00 -24.08 -9.28
C THR A 1596 -8.86 -25.06 -8.11
N LEU A 1597 -9.74 -26.07 -8.05
CA LEU A 1597 -9.60 -27.08 -7.01
C LEU A 1597 -8.33 -27.88 -7.18
N PHE A 1598 -7.89 -28.09 -8.42
CA PHE A 1598 -6.63 -28.80 -8.64
C PHE A 1598 -5.47 -28.03 -8.02
N ARG A 1599 -5.42 -26.72 -8.23
CA ARG A 1599 -4.36 -25.91 -7.64
C ARG A 1599 -4.46 -25.89 -6.12
N VAL A 1600 -5.67 -25.71 -5.60
CA VAL A 1600 -5.83 -25.62 -4.15
C VAL A 1600 -5.53 -26.96 -3.48
N ILE A 1601 -5.66 -28.06 -4.20
CA ILE A 1601 -5.29 -29.36 -3.64
C ILE A 1601 -3.79 -29.56 -3.74
N ARG A 1602 -3.20 -29.27 -4.91
CA ARG A 1602 -1.74 -29.32 -5.04
C ARG A 1602 -1.04 -28.47 -3.99
N LEU A 1603 -1.73 -27.45 -3.46
CA LEU A 1603 -1.18 -26.66 -2.37
C LEU A 1603 -0.77 -27.50 -1.16
N ALA A 1604 -1.21 -28.76 -1.10
CA ALA A 1604 -0.96 -29.56 0.10
C ALA A 1604 0.49 -30.00 0.21
N ARG A 1605 1.22 -30.04 -0.91
CA ARG A 1605 2.60 -30.51 -0.86
C ARG A 1605 3.52 -29.57 -0.09
N ILE A 1606 3.11 -28.33 0.13
CA ILE A 1606 3.91 -27.40 0.92
C ILE A 1606 3.95 -27.82 2.38
N GLY A 1607 3.11 -28.78 2.77
CA GLY A 1607 3.23 -29.34 4.12
C GLY A 1607 4.60 -29.97 4.33
N ARG A 1608 5.08 -30.73 3.36
CA ARG A 1608 6.39 -31.35 3.49
C ARG A 1608 7.48 -30.31 3.66
N ILE A 1609 7.33 -29.17 3.01
CA ILE A 1609 8.26 -28.06 3.18
C ILE A 1609 8.18 -27.49 4.59
N LEU A 1610 6.96 -27.35 5.11
CA LEU A 1610 6.79 -26.83 6.45
C LEU A 1610 7.43 -27.70 7.53
N ARG A 1611 7.90 -28.89 7.18
CA ARG A 1611 8.61 -29.74 8.13
C ARG A 1611 10.03 -29.26 8.41
N LEU A 1612 10.51 -28.25 7.68
CA LEU A 1612 11.85 -27.72 7.93
C LEU A 1612 11.97 -27.11 9.31
N VAL A 1613 10.84 -26.73 9.91
CA VAL A 1613 10.83 -26.00 11.18
C VAL A 1613 11.27 -26.94 12.29
N LYS A 1614 11.13 -28.25 12.08
CA LYS A 1614 11.38 -29.21 13.14
C LYS A 1614 12.82 -29.14 13.63
N GLY A 1615 13.77 -28.88 12.72
CA GLY A 1615 15.17 -28.85 13.10
C GLY A 1615 15.69 -27.49 13.49
N ALA A 1616 15.17 -26.44 12.85
CA ALA A 1616 15.65 -25.09 13.08
C ALA A 1616 15.05 -24.56 14.38
N LYS A 1617 15.85 -24.60 15.45
CA LYS A 1617 15.36 -24.17 16.75
C LYS A 1617 15.10 -22.67 16.79
N GLY A 1618 15.88 -21.88 16.06
CA GLY A 1618 15.65 -20.45 16.04
C GLY A 1618 14.33 -20.09 15.40
N ILE A 1619 13.93 -20.82 14.36
CA ILE A 1619 12.60 -20.63 13.78
C ILE A 1619 11.53 -21.21 14.68
N ARG A 1620 11.81 -22.31 15.37
CA ARG A 1620 10.83 -22.91 16.25
C ARG A 1620 10.47 -21.98 17.40
N THR A 1621 11.44 -21.25 17.93
CA THR A 1621 11.15 -20.37 19.05
C THR A 1621 10.27 -19.19 18.63
N LEU A 1622 10.52 -18.61 17.46
CA LEU A 1622 9.70 -17.50 17.02
C LEU A 1622 8.31 -17.98 16.58
N LEU A 1623 8.21 -19.18 16.01
CA LEU A 1623 6.89 -19.73 15.74
C LEU A 1623 6.13 -20.00 17.03
N PHE A 1624 6.84 -20.44 18.08
CA PHE A 1624 6.19 -20.60 19.38
C PHE A 1624 5.77 -19.26 19.94
N ALA A 1625 6.52 -18.19 19.64
CA ALA A 1625 6.08 -16.85 20.03
C ALA A 1625 4.78 -16.49 19.33
N LEU A 1626 4.66 -16.82 18.04
CA LEU A 1626 3.42 -16.56 17.32
C LEU A 1626 2.26 -17.34 17.93
N MET A 1627 2.48 -18.61 18.24
CA MET A 1627 1.42 -19.41 18.87
C MET A 1627 1.06 -18.88 20.25
N MET A 1628 2.04 -18.35 20.98
CA MET A 1628 1.75 -17.70 22.26
C MET A 1628 0.90 -16.47 22.08
N SER A 1629 1.20 -15.66 21.07
CA SER A 1629 0.48 -14.43 20.84
C SER A 1629 -0.84 -14.62 20.12
N LEU A 1630 -1.15 -15.84 19.68
CA LEU A 1630 -2.40 -16.06 18.97
C LEU A 1630 -3.67 -15.74 19.75
N PRO A 1631 -3.79 -16.01 21.07
CA PRO A 1631 -5.03 -15.65 21.76
C PRO A 1631 -5.32 -14.16 21.81
N ALA A 1632 -4.34 -13.37 22.25
CA ALA A 1632 -4.53 -11.92 22.28
C ALA A 1632 -4.76 -11.38 20.89
N LEU A 1633 -4.06 -11.92 19.89
CA LEU A 1633 -4.30 -11.52 18.52
C LEU A 1633 -5.71 -11.88 18.07
N PHE A 1634 -6.27 -12.96 18.60
CA PHE A 1634 -7.63 -13.34 18.24
C PHE A 1634 -8.64 -12.39 18.87
N ASN A 1635 -8.40 -11.97 20.11
CA ASN A 1635 -9.28 -10.98 20.73
C ASN A 1635 -9.24 -9.65 19.98
N ILE A 1636 -8.04 -9.18 19.65
CA ILE A 1636 -7.92 -7.94 18.91
C ILE A 1636 -8.49 -8.09 17.51
N GLY A 1637 -8.41 -9.29 16.93
CA GLY A 1637 -9.02 -9.53 15.64
C GLY A 1637 -10.53 -9.55 15.70
N LEU A 1638 -11.10 -10.06 16.78
CA LEU A 1638 -12.54 -9.95 17.00
C LEU A 1638 -12.97 -8.50 17.04
N LEU A 1639 -12.28 -7.69 17.85
CA LEU A 1639 -12.65 -6.28 17.95
C LEU A 1639 -12.46 -5.57 16.61
N LEU A 1640 -11.35 -5.84 15.92
CA LEU A 1640 -11.11 -5.21 14.64
C LEU A 1640 -12.13 -5.64 13.60
N PHE A 1641 -12.59 -6.89 13.65
CA PHE A 1641 -13.60 -7.33 12.70
C PHE A 1641 -14.95 -6.71 13.00
N LEU A 1642 -15.26 -6.48 14.29
CA LEU A 1642 -16.50 -5.79 14.61
C LEU A 1642 -16.47 -4.34 14.16
N VAL A 1643 -15.33 -3.67 14.38
CA VAL A 1643 -15.17 -2.30 13.89
C VAL A 1643 -15.26 -2.27 12.37
N MET A 1644 -14.64 -3.25 11.71
CA MET A 1644 -14.69 -3.34 10.26
C MET A 1644 -16.10 -3.60 9.77
N PHE A 1645 -16.88 -4.39 10.51
CA PHE A 1645 -18.27 -4.64 10.13
C PHE A 1645 -19.10 -3.37 10.23
N ILE A 1646 -18.97 -2.65 11.35
CA ILE A 1646 -19.70 -1.39 11.52
C ILE A 1646 -19.34 -0.42 10.40
N TYR A 1647 -18.05 -0.26 10.13
CA TYR A 1647 -17.63 0.64 9.08
C TYR A 1647 -18.07 0.15 7.71
N ALA A 1648 -18.17 -1.17 7.52
CA ALA A 1648 -18.62 -1.71 6.24
C ALA A 1648 -20.09 -1.41 6.01
N ILE A 1649 -20.91 -1.49 7.06
CA ILE A 1649 -22.31 -1.14 6.92
C ILE A 1649 -22.46 0.36 6.68
N PHE A 1650 -21.66 1.17 7.38
CA PHE A 1650 -21.70 2.61 7.13
C PHE A 1650 -21.29 2.92 5.70
N GLY A 1651 -20.29 2.22 5.18
CA GLY A 1651 -19.86 2.37 3.81
C GLY A 1651 -20.95 1.99 2.84
N MET A 1652 -21.51 0.80 2.98
CA MET A 1652 -22.61 0.39 2.10
C MET A 1652 -23.73 1.40 2.11
N SER A 1653 -24.04 2.00 3.25
CA SER A 1653 -25.14 2.95 3.30
C SER A 1653 -24.79 4.27 2.62
N ASN A 1654 -23.65 4.87 2.98
CA ASN A 1654 -23.32 6.19 2.44
C ASN A 1654 -22.60 6.11 1.10
N PHE A 1655 -21.45 5.44 1.06
CA PHE A 1655 -20.49 5.52 -0.02
C PHE A 1655 -20.78 4.61 -1.20
N ALA A 1656 -21.87 3.85 -1.16
CA ALA A 1656 -22.35 3.27 -2.40
C ALA A 1656 -22.90 4.39 -3.27
N TYR A 1657 -22.94 4.14 -4.57
CA TYR A 1657 -23.38 5.08 -5.59
C TYR A 1657 -22.47 6.30 -5.74
N VAL A 1658 -21.36 6.39 -5.00
CA VAL A 1658 -20.39 7.43 -5.31
C VAL A 1658 -19.75 7.13 -6.65
N LYS A 1659 -19.12 8.15 -7.23
CA LYS A 1659 -18.48 7.98 -8.52
C LYS A 1659 -17.31 7.02 -8.41
N LYS A 1660 -17.00 6.35 -9.51
CA LYS A 1660 -15.88 5.41 -9.57
C LYS A 1660 -14.73 6.15 -10.25
N GLU A 1661 -13.99 6.92 -9.46
CA GLU A 1661 -12.98 7.83 -9.97
C GLU A 1661 -11.58 7.25 -9.90
N ASP A 1662 -11.11 6.96 -8.68
CA ASP A 1662 -9.77 6.45 -8.50
C ASP A 1662 -9.65 5.76 -7.16
N GLY A 1663 -9.47 4.45 -7.21
CA GLY A 1663 -9.36 3.62 -6.02
C GLY A 1663 -10.69 2.95 -5.71
N ILE A 1664 -11.75 3.45 -6.33
CA ILE A 1664 -13.07 2.90 -6.23
C ILE A 1664 -13.38 2.57 -7.67
N ASN A 1665 -13.58 1.29 -7.93
CA ASN A 1665 -13.83 0.76 -9.25
C ASN A 1665 -14.86 -0.34 -9.17
N ASP A 1666 -15.30 -0.89 -10.29
CA ASP A 1666 -16.34 -1.92 -10.21
C ASP A 1666 -15.93 -3.13 -9.39
N MET A 1667 -14.64 -3.43 -9.35
CA MET A 1667 -14.16 -4.53 -8.53
C MET A 1667 -14.16 -4.14 -7.06
N PHE A 1668 -13.58 -2.98 -6.73
CA PHE A 1668 -13.51 -2.51 -5.35
C PHE A 1668 -14.31 -1.24 -5.13
N ASN A 1669 -15.33 -1.35 -4.28
CA ASN A 1669 -16.23 -0.26 -3.93
C ASN A 1669 -17.03 -0.66 -2.72
N PHE A 1670 -17.91 0.22 -2.27
CA PHE A 1670 -18.74 -0.06 -1.11
C PHE A 1670 -20.13 -0.48 -1.54
N GLU A 1671 -20.29 -0.87 -2.79
CA GLU A 1671 -21.61 -1.26 -3.28
C GLU A 1671 -22.22 -2.45 -2.56
N THR A 1672 -21.44 -3.47 -2.23
CA THR A 1672 -21.96 -4.63 -1.51
C THR A 1672 -21.05 -4.95 -0.34
N PHE A 1673 -21.53 -5.75 0.59
CA PHE A 1673 -20.75 -6.11 1.77
C PHE A 1673 -19.38 -6.72 1.46
N GLY A 1674 -19.29 -7.53 0.41
CA GLY A 1674 -18.02 -8.09 0.03
C GLY A 1674 -17.04 -7.03 -0.42
N ASN A 1675 -17.47 -6.18 -1.35
CA ASN A 1675 -16.63 -5.08 -1.81
C ASN A 1675 -16.22 -4.17 -0.66
N SER A 1676 -17.17 -3.85 0.23
CA SER A 1676 -16.88 -2.91 1.29
C SER A 1676 -15.89 -3.49 2.29
N MET A 1677 -16.07 -4.75 2.68
CA MET A 1677 -15.11 -5.37 3.59
C MET A 1677 -13.75 -5.58 2.93
N ILE A 1678 -13.71 -5.72 1.61
CA ILE A 1678 -12.43 -5.81 0.93
C ILE A 1678 -11.69 -4.49 0.99
N CYS A 1679 -12.37 -3.40 0.62
CA CYS A 1679 -11.76 -2.07 0.74
C CYS A 1679 -11.35 -1.77 2.17
N LEU A 1680 -12.14 -2.22 3.15
CA LEU A 1680 -11.81 -1.93 4.54
C LEU A 1680 -10.61 -2.74 5.01
N PHE A 1681 -10.48 -4.00 4.57
CA PHE A 1681 -9.26 -4.72 4.90
C PHE A 1681 -8.05 -4.08 4.23
N GLN A 1682 -8.23 -3.55 3.03
CA GLN A 1682 -7.15 -2.80 2.40
C GLN A 1682 -6.74 -1.61 3.27
N ILE A 1683 -7.72 -0.84 3.75
CA ILE A 1683 -7.44 0.37 4.52
C ILE A 1683 -6.87 0.05 5.89
N THR A 1684 -7.21 -1.11 6.46
CA THR A 1684 -6.72 -1.46 7.78
C THR A 1684 -5.22 -1.27 7.90
N THR A 1685 -4.48 -1.46 6.80
CA THR A 1685 -3.05 -1.19 6.74
C THR A 1685 -2.74 0.18 6.17
N SER A 1686 -3.70 1.11 6.22
CA SER A 1686 -3.55 2.48 5.76
C SER A 1686 -3.34 2.55 4.26
N ALA A 1687 -3.43 1.43 3.56
CA ALA A 1687 -3.07 1.38 2.16
C ALA A 1687 -4.19 1.93 1.28
N GLY A 1688 -3.88 2.94 0.48
CA GLY A 1688 -4.81 3.41 -0.53
C GLY A 1688 -6.02 4.14 0.02
N TRP A 1689 -5.99 4.53 1.30
CA TRP A 1689 -7.12 5.25 1.84
C TRP A 1689 -7.30 6.61 1.19
N ASP A 1690 -6.21 7.22 0.72
CA ASP A 1690 -6.34 8.44 -0.07
C ASP A 1690 -7.11 8.19 -1.36
N GLY A 1691 -6.81 7.09 -2.04
CA GLY A 1691 -7.51 6.78 -3.27
C GLY A 1691 -8.98 6.49 -3.03
N LEU A 1692 -9.29 5.76 -1.95
CA LEU A 1692 -10.68 5.48 -1.63
C LEU A 1692 -11.42 6.76 -1.26
N LEU A 1693 -10.77 7.68 -0.54
CA LEU A 1693 -11.44 8.91 -0.12
C LEU A 1693 -11.55 9.91 -1.25
N ALA A 1694 -10.73 9.80 -2.29
CA ALA A 1694 -10.74 10.80 -3.35
C ALA A 1694 -12.08 10.90 -4.10
N PRO A 1695 -12.79 9.81 -4.43
CA PRO A 1695 -14.09 9.99 -5.09
C PRO A 1695 -15.21 10.36 -4.14
N ILE A 1696 -15.02 10.17 -2.84
CA ILE A 1696 -16.02 10.61 -1.87
C ILE A 1696 -15.91 12.10 -1.62
N LEU A 1697 -14.70 12.64 -1.65
CA LEU A 1697 -14.49 14.05 -1.34
C LEU A 1697 -15.14 14.97 -2.36
N ASN A 1698 -15.48 14.46 -3.55
CA ASN A 1698 -15.98 15.36 -4.58
C ASN A 1698 -17.48 15.56 -4.45
N SER A 1699 -17.91 16.76 -4.83
CA SER A 1699 -19.30 17.19 -4.90
C SER A 1699 -19.28 18.40 -5.81
N LYS A 1700 -20.38 19.16 -5.83
CA LYS A 1700 -20.33 20.46 -6.47
C LYS A 1700 -19.93 20.35 -7.94
N PRO A 1701 -20.82 19.90 -8.82
CA PRO A 1701 -20.48 19.66 -10.23
C PRO A 1701 -19.60 20.75 -10.80
N PRO A 1702 -18.73 20.42 -11.79
CA PRO A 1702 -18.66 19.15 -12.52
C PRO A 1702 -17.77 18.07 -11.92
N ASP A 1703 -17.58 18.05 -10.61
CA ASP A 1703 -16.92 16.92 -9.98
C ASP A 1703 -17.80 15.68 -9.90
N CYS A 1704 -19.11 15.86 -9.95
CA CYS A 1704 -20.07 14.76 -9.83
C CYS A 1704 -21.36 15.17 -10.53
N ASP A 1705 -22.42 14.44 -10.24
CA ASP A 1705 -23.76 14.76 -10.73
C ASP A 1705 -24.73 14.60 -9.57
N PRO A 1706 -25.39 15.67 -9.12
CA PRO A 1706 -26.24 15.57 -7.93
C PRO A 1706 -27.57 14.87 -8.19
N LYS A 1707 -27.98 14.74 -9.44
CA LYS A 1707 -29.19 14.02 -9.81
C LYS A 1707 -28.84 13.03 -10.92
N LYS A 1708 -28.37 11.86 -10.53
CA LYS A 1708 -28.10 10.77 -11.45
C LYS A 1708 -29.17 9.70 -11.24
N VAL A 1709 -29.48 8.96 -12.30
CA VAL A 1709 -30.63 8.09 -12.27
C VAL A 1709 -30.33 6.77 -11.57
N HIS A 1710 -29.16 6.17 -11.81
CA HIS A 1710 -28.79 4.90 -11.21
C HIS A 1710 -29.86 3.84 -11.46
N PRO A 1711 -29.98 3.34 -12.69
CA PRO A 1711 -31.07 2.40 -12.99
C PRO A 1711 -31.01 1.17 -12.11
N GLY A 1712 -32.18 0.70 -11.70
CA GLY A 1712 -32.28 -0.38 -10.74
C GLY A 1712 -32.46 0.06 -9.30
N SER A 1713 -32.44 1.36 -9.04
CA SER A 1713 -32.59 1.89 -7.70
C SER A 1713 -33.23 3.27 -7.77
N SER A 1714 -33.73 3.73 -6.62
CA SER A 1714 -34.40 5.01 -6.52
C SER A 1714 -33.50 6.13 -6.03
N VAL A 1715 -32.41 5.80 -5.34
CA VAL A 1715 -31.48 6.81 -4.86
C VAL A 1715 -30.79 7.48 -6.04
N GLU A 1716 -30.67 8.80 -5.97
CA GLU A 1716 -30.10 9.60 -7.04
C GLU A 1716 -28.81 10.25 -6.57
N GLY A 1717 -28.04 10.74 -7.54
CA GLY A 1717 -26.83 11.47 -7.24
C GLY A 1717 -25.64 10.57 -6.98
N ASP A 1718 -24.51 10.88 -7.61
CA ASP A 1718 -23.28 10.14 -7.43
C ASP A 1718 -22.21 11.00 -6.77
N CYS A 1719 -22.61 11.81 -5.80
CA CYS A 1719 -21.67 12.62 -5.04
C CYS A 1719 -21.60 12.11 -3.61
N GLY A 1720 -20.42 12.26 -3.01
CA GLY A 1720 -20.26 11.93 -1.62
C GLY A 1720 -20.26 13.17 -0.75
N ASN A 1721 -20.55 12.95 0.52
CA ASN A 1721 -20.46 14.04 1.49
C ASN A 1721 -19.03 14.12 2.01
N PRO A 1722 -18.30 15.20 1.74
CA PRO A 1722 -16.92 15.28 2.23
C PRO A 1722 -16.83 15.18 3.75
N SER A 1723 -17.80 15.72 4.48
CA SER A 1723 -17.74 15.69 5.94
C SER A 1723 -17.73 14.27 6.46
N VAL A 1724 -18.75 13.48 6.11
CA VAL A 1724 -18.82 12.10 6.60
C VAL A 1724 -17.74 11.25 5.96
N GLY A 1725 -17.32 11.57 4.74
CA GLY A 1725 -16.21 10.82 4.14
C GLY A 1725 -14.92 11.00 4.90
N ILE A 1726 -14.56 12.25 5.19
CA ILE A 1726 -13.35 12.54 5.94
C ILE A 1726 -13.44 11.92 7.33
N PHE A 1727 -14.58 12.09 8.01
CA PHE A 1727 -14.70 11.51 9.34
C PHE A 1727 -14.55 9.99 9.30
N TYR A 1728 -15.30 9.35 8.39
CA TYR A 1728 -15.22 7.90 8.21
C TYR A 1728 -13.78 7.43 8.03
N PHE A 1729 -13.08 8.00 7.05
CA PHE A 1729 -11.78 7.46 6.70
C PHE A 1729 -10.71 7.84 7.71
N VAL A 1730 -10.73 9.06 8.23
CA VAL A 1730 -9.76 9.45 9.24
C VAL A 1730 -9.96 8.63 10.51
N SER A 1731 -11.21 8.45 10.94
CA SER A 1731 -11.46 7.68 12.15
C SER A 1731 -11.11 6.21 11.95
N TYR A 1732 -11.35 5.65 10.77
CA TYR A 1732 -10.93 4.27 10.55
C TYR A 1732 -9.42 4.15 10.55
N ILE A 1733 -8.73 5.11 9.92
CA ILE A 1733 -7.27 5.12 9.95
C ILE A 1733 -6.77 5.13 11.39
N ILE A 1734 -7.36 5.98 12.23
CA ILE A 1734 -6.86 6.13 13.60
C ILE A 1734 -7.21 4.92 14.45
N ILE A 1735 -8.43 4.39 14.31
CA ILE A 1735 -8.82 3.23 15.11
C ILE A 1735 -8.03 2.01 14.70
N SER A 1736 -7.80 1.83 13.40
CA SER A 1736 -6.95 0.75 12.94
C SER A 1736 -5.52 0.94 13.40
N PHE A 1737 -5.03 2.19 13.45
CA PHE A 1737 -3.70 2.44 13.99
C PHE A 1737 -3.62 1.99 15.44
N LEU A 1738 -4.63 2.31 16.25
CA LEU A 1738 -4.59 1.94 17.66
C LEU A 1738 -4.70 0.43 17.84
N VAL A 1739 -5.54 -0.24 17.03
CA VAL A 1739 -5.67 -1.69 17.21
C VAL A 1739 -4.44 -2.43 16.70
N VAL A 1740 -3.80 -1.95 15.62
CA VAL A 1740 -2.57 -2.61 15.20
C VAL A 1740 -1.43 -2.29 16.14
N VAL A 1741 -1.46 -1.13 16.80
CA VAL A 1741 -0.53 -0.89 17.90
C VAL A 1741 -0.78 -1.87 19.03
N ASN A 1742 -2.05 -2.17 19.32
CA ASN A 1742 -2.37 -3.20 20.29
C ASN A 1742 -1.74 -4.54 19.92
N MET A 1743 -1.93 -4.97 18.66
CA MET A 1743 -1.36 -6.23 18.21
C MET A 1743 0.16 -6.21 18.28
N TYR A 1744 0.77 -5.07 17.94
CA TYR A 1744 2.22 -4.93 18.01
C TYR A 1744 2.71 -5.05 19.44
N ILE A 1745 1.99 -4.47 20.41
CA ILE A 1745 2.36 -4.64 21.81
C ILE A 1745 2.25 -6.10 22.21
N ALA A 1746 1.18 -6.77 21.80
CA ALA A 1746 1.01 -8.18 22.15
C ALA A 1746 2.18 -9.01 21.66
N VAL A 1747 2.55 -8.84 20.38
CA VAL A 1747 3.62 -9.66 19.83
C VAL A 1747 4.97 -9.29 20.44
N ILE A 1748 5.20 -8.01 20.72
CA ILE A 1748 6.47 -7.62 21.34
C ILE A 1748 6.59 -8.27 22.71
N LEU A 1749 5.53 -8.20 23.52
CA LEU A 1749 5.62 -8.73 24.87
C LEU A 1749 5.75 -10.25 24.87
N GLU A 1750 5.01 -10.93 23.99
CA GLU A 1750 5.14 -12.39 23.95
C GLU A 1750 6.49 -12.82 23.44
N ASN A 1751 7.08 -12.08 22.50
CA ASN A 1751 8.42 -12.42 22.04
C ASN A 1751 9.43 -12.18 23.14
N PHE A 1752 9.29 -11.08 23.89
CA PHE A 1752 10.14 -10.85 25.05
C PHE A 1752 10.09 -12.04 26.00
N SER A 1753 8.88 -12.50 26.31
CA SER A 1753 8.73 -13.62 27.24
C SER A 1753 9.42 -14.87 26.72
N VAL A 1754 9.05 -15.31 25.50
CA VAL A 1754 9.59 -16.57 24.99
C VAL A 1754 11.09 -16.47 24.73
N ALA A 1755 11.60 -15.26 24.48
CA ALA A 1755 13.03 -15.12 24.24
C ALA A 1755 13.81 -15.20 25.55
N THR A 1756 13.29 -14.59 26.62
CA THR A 1756 13.93 -14.79 27.92
C THR A 1756 13.84 -16.24 28.35
N GLU A 1757 12.75 -16.92 28.00
CA GLU A 1757 12.63 -18.34 28.32
C GLU A 1757 12.00 -19.12 27.18
N GLY B 20 -24.24 2.08 -9.11
CA GLY B 20 -24.33 1.75 -10.52
C GLY B 20 -25.59 1.01 -10.88
N CYS B 21 -25.61 0.38 -12.06
CA CYS B 21 -26.79 -0.34 -12.49
C CYS B 21 -26.97 -1.64 -11.73
N VAL B 22 -28.23 -2.02 -11.55
CA VAL B 22 -28.61 -3.27 -10.91
C VAL B 22 -29.75 -3.87 -11.73
N GLU B 23 -29.54 -5.05 -12.29
CA GLU B 23 -30.54 -5.66 -13.18
C GLU B 23 -31.67 -6.21 -12.33
N VAL B 24 -32.77 -5.47 -12.30
CA VAL B 24 -33.94 -5.80 -11.50
C VAL B 24 -35.06 -6.23 -12.42
N ASP B 25 -35.77 -7.30 -12.03
CA ASP B 25 -36.82 -7.86 -12.87
C ASP B 25 -38.10 -7.05 -12.75
N SER B 26 -38.91 -7.09 -13.79
CA SER B 26 -40.14 -6.32 -13.82
C SER B 26 -41.22 -6.98 -12.97
N GLU B 27 -42.20 -6.18 -12.57
CA GLU B 27 -43.34 -6.69 -11.84
C GLU B 27 -44.26 -7.46 -12.80
N THR B 28 -44.94 -8.47 -12.27
CA THR B 28 -45.64 -9.45 -13.09
C THR B 28 -47.15 -9.39 -12.94
N GLU B 29 -47.70 -8.28 -12.45
CA GLU B 29 -49.16 -8.16 -12.28
C GLU B 29 -49.56 -6.69 -12.35
N ALA B 30 -50.13 -6.29 -13.48
CA ALA B 30 -50.76 -5.00 -13.60
C ALA B 30 -52.21 -5.08 -13.17
N VAL B 31 -52.69 -4.01 -12.54
CA VAL B 31 -54.07 -3.96 -12.07
C VAL B 31 -54.87 -3.08 -13.01
N TYR B 32 -56.09 -3.52 -13.31
CA TYR B 32 -56.90 -2.92 -14.35
C TYR B 32 -57.14 -1.43 -14.10
N GLY B 33 -57.23 -0.68 -15.19
CA GLY B 33 -57.50 0.75 -15.14
C GLY B 33 -56.42 1.61 -14.55
N MET B 34 -55.34 1.03 -14.05
CA MET B 34 -54.28 1.77 -13.36
C MET B 34 -53.03 1.83 -14.23
N THR B 35 -51.96 2.35 -13.64
CA THR B 35 -50.68 2.48 -14.33
C THR B 35 -49.77 1.29 -14.00
N PHE B 36 -48.77 1.08 -14.86
CA PHE B 36 -47.82 -0.01 -14.66
C PHE B 36 -46.55 0.27 -15.43
N LYS B 37 -45.40 0.06 -14.78
CA LYS B 37 -44.08 0.28 -15.37
C LYS B 37 -43.39 -1.07 -15.53
N ILE B 38 -43.07 -1.42 -16.77
CA ILE B 38 -42.45 -2.71 -17.08
C ILE B 38 -40.94 -2.50 -17.12
N LEU B 39 -40.25 -3.01 -16.10
CA LEU B 39 -38.81 -2.85 -16.01
C LEU B 39 -38.09 -3.73 -17.03
N CYS B 40 -37.08 -3.18 -17.69
CA CYS B 40 -36.11 -3.96 -18.45
C CYS B 40 -34.79 -3.21 -18.36
N ILE B 41 -33.92 -3.64 -17.46
CA ILE B 41 -32.67 -2.95 -17.16
C ILE B 41 -31.55 -3.88 -17.60
N SER B 42 -30.85 -3.52 -18.67
CA SER B 42 -29.79 -4.34 -19.25
C SER B 42 -28.52 -3.50 -19.32
N CYS B 43 -27.65 -3.62 -18.31
CA CYS B 43 -26.46 -2.81 -18.24
C CYS B 43 -25.22 -3.57 -18.70
N LYS B 44 -24.22 -2.79 -19.08
CA LYS B 44 -22.97 -3.30 -19.65
C LYS B 44 -22.15 -4.02 -18.58
N ARG B 45 -21.26 -4.90 -19.04
CA ARG B 45 -20.37 -5.60 -18.12
C ARG B 45 -19.40 -4.65 -17.45
N ARG B 46 -18.91 -3.66 -18.19
CA ARG B 46 -18.04 -2.62 -17.64
C ARG B 46 -18.71 -1.28 -17.86
N SER B 47 -18.94 -0.55 -16.77
CA SER B 47 -19.71 0.69 -16.85
C SER B 47 -18.92 1.84 -17.46
N GLU B 48 -17.60 1.71 -17.59
CA GLU B 48 -16.81 2.78 -18.16
C GLU B 48 -16.93 2.83 -19.68
N THR B 49 -17.21 1.70 -20.31
CA THR B 49 -17.36 1.67 -21.76
C THR B 49 -18.52 2.55 -22.19
N ASN B 50 -18.42 3.12 -23.39
CA ASN B 50 -19.44 4.02 -23.90
C ASN B 50 -20.07 3.40 -25.13
N ALA B 51 -21.34 3.03 -25.02
CA ALA B 51 -22.05 2.35 -26.08
C ALA B 51 -23.04 3.30 -26.75
N GLU B 52 -23.77 2.77 -27.72
CA GLU B 52 -24.80 3.51 -28.45
C GLU B 52 -26.00 2.59 -28.61
N THR B 53 -26.90 2.63 -27.64
CA THR B 53 -27.95 1.64 -27.50
C THR B 53 -29.30 2.19 -27.94
N PHE B 54 -30.09 1.34 -28.60
CA PHE B 54 -31.50 1.59 -28.83
C PHE B 54 -32.26 0.29 -28.59
N THR B 55 -33.57 0.40 -28.36
CA THR B 55 -34.34 -0.76 -27.95
C THR B 55 -35.61 -0.89 -28.78
N GLU B 56 -36.12 -2.12 -28.81
CA GLU B 56 -37.39 -2.44 -29.44
C GLU B 56 -38.16 -3.38 -28.54
N TRP B 57 -39.48 -3.23 -28.53
CA TRP B 57 -40.35 -4.05 -27.69
C TRP B 57 -41.32 -4.83 -28.56
N THR B 58 -41.40 -6.13 -28.30
CA THR B 58 -42.37 -6.99 -28.96
C THR B 58 -43.27 -7.62 -27.91
N PHE B 59 -44.52 -7.87 -28.30
CA PHE B 59 -45.56 -8.24 -27.35
C PHE B 59 -46.61 -9.11 -28.04
N ARG B 60 -47.06 -10.15 -27.35
CA ARG B 60 -48.16 -10.98 -27.82
C ARG B 60 -49.21 -11.09 -26.73
N GLN B 61 -50.46 -10.88 -27.09
CA GLN B 61 -51.55 -10.94 -26.13
C GLN B 61 -51.67 -12.36 -25.57
N LYS B 62 -52.29 -12.46 -24.40
CA LYS B 62 -52.57 -13.78 -23.84
C LYS B 62 -53.57 -14.51 -24.71
N GLY B 63 -53.20 -15.72 -25.13
CA GLY B 63 -54.03 -16.48 -26.04
C GLY B 63 -53.65 -16.38 -27.49
N THR B 64 -52.42 -15.97 -27.80
CA THR B 64 -51.96 -15.83 -29.17
C THR B 64 -50.54 -16.38 -29.27
N GLU B 65 -50.17 -16.81 -30.47
CA GLU B 65 -48.85 -17.38 -30.74
C GLU B 65 -48.21 -16.52 -31.83
N GLU B 66 -47.62 -15.40 -31.43
CA GLU B 66 -46.97 -14.45 -32.33
C GLU B 66 -46.07 -13.57 -31.47
N PHE B 67 -45.54 -12.52 -32.09
CA PHE B 67 -44.86 -11.43 -31.38
C PHE B 67 -44.93 -10.20 -32.27
N VAL B 68 -45.55 -9.15 -31.76
CA VAL B 68 -45.79 -7.93 -32.52
C VAL B 68 -44.92 -6.82 -31.94
N LYS B 69 -44.22 -6.09 -32.80
CA LYS B 69 -43.46 -4.94 -32.35
C LYS B 69 -44.41 -3.79 -32.05
N ILE B 70 -44.22 -3.15 -30.89
CA ILE B 70 -45.12 -2.12 -30.41
C ILE B 70 -44.45 -0.75 -30.37
N LEU B 71 -43.20 -0.68 -29.90
CA LEU B 71 -42.51 0.60 -29.82
C LEU B 71 -41.03 0.37 -30.03
N ARG B 72 -40.36 1.39 -30.55
CA ARG B 72 -38.94 1.34 -30.87
C ARG B 72 -38.29 2.62 -30.39
N TYR B 73 -37.55 2.55 -29.30
CA TYR B 73 -36.82 3.70 -28.80
C TYR B 73 -35.50 3.83 -29.54
N GLU B 74 -35.04 5.06 -29.69
CA GLU B 74 -33.94 5.39 -30.57
C GLU B 74 -33.05 6.39 -29.83
N ASN B 75 -32.21 7.12 -30.56
CA ASN B 75 -31.33 8.12 -29.98
C ASN B 75 -32.01 8.92 -28.87
N GLU B 76 -33.11 9.61 -29.19
CA GLU B 76 -33.89 10.26 -28.15
C GLU B 76 -35.40 10.14 -28.32
N VAL B 77 -35.90 9.72 -29.47
CA VAL B 77 -37.33 9.70 -29.73
C VAL B 77 -37.86 8.29 -29.56
N LEU B 78 -39.05 8.19 -28.97
CA LEU B 78 -39.78 6.93 -28.86
C LEU B 78 -40.86 6.92 -29.94
N GLN B 79 -40.77 5.97 -30.85
CA GLN B 79 -41.74 5.81 -31.93
C GLN B 79 -42.58 4.58 -31.63
N LEU B 80 -43.88 4.78 -31.47
CA LEU B 80 -44.82 3.71 -31.17
C LEU B 80 -45.46 3.21 -32.47
N GLU B 81 -45.55 1.90 -32.61
CA GLU B 81 -46.16 1.31 -33.79
C GLU B 81 -47.66 1.61 -33.82
N GLU B 82 -48.32 1.11 -34.87
CA GLU B 82 -49.73 1.37 -35.10
C GLU B 82 -50.64 0.37 -34.40
N ASP B 83 -50.16 -0.27 -33.34
CA ASP B 83 -51.00 -1.18 -32.58
C ASP B 83 -52.00 -0.39 -31.74
N GLU B 84 -53.28 -0.66 -31.96
CA GLU B 84 -54.32 0.09 -31.26
C GLU B 84 -54.44 -0.29 -29.79
N ARG B 85 -53.87 -1.43 -29.39
CA ARG B 85 -53.95 -1.82 -27.98
C ARG B 85 -53.15 -0.87 -27.10
N PHE B 86 -52.10 -0.27 -27.64
CA PHE B 86 -51.23 0.62 -26.88
C PHE B 86 -51.30 2.06 -27.33
N GLU B 87 -52.19 2.38 -28.26
CA GLU B 87 -52.27 3.73 -28.80
C GLU B 87 -52.51 4.75 -27.69
N GLY B 88 -51.61 5.72 -27.60
CA GLY B 88 -51.76 6.81 -26.66
C GLY B 88 -51.77 6.44 -25.20
N ARG B 89 -51.34 5.23 -24.84
CA ARG B 89 -51.34 4.84 -23.44
C ARG B 89 -50.01 4.21 -23.02
N VAL B 90 -48.92 4.57 -23.70
CA VAL B 90 -47.58 4.15 -23.30
C VAL B 90 -46.65 5.34 -23.43
N VAL B 91 -45.81 5.55 -22.42
CA VAL B 91 -44.79 6.58 -22.44
C VAL B 91 -43.47 5.97 -22.00
N TRP B 92 -42.38 6.51 -22.54
CA TRP B 92 -41.06 6.01 -22.19
C TRP B 92 -40.77 6.29 -20.72
N ASN B 93 -40.03 5.38 -20.10
CA ASN B 93 -39.65 5.51 -18.71
C ASN B 93 -38.20 5.12 -18.43
N GLY B 94 -37.37 5.00 -19.47
CA GLY B 94 -35.98 4.63 -19.28
C GLY B 94 -35.04 5.81 -19.09
N SER B 95 -33.78 5.65 -19.48
CA SER B 95 -32.81 6.72 -19.34
C SER B 95 -33.08 7.84 -20.33
N ARG B 96 -32.77 9.06 -19.91
CA ARG B 96 -33.07 10.26 -20.68
C ARG B 96 -31.77 10.91 -21.14
N GLY B 97 -31.73 11.32 -22.40
CA GLY B 97 -30.63 12.12 -22.92
C GLY B 97 -29.28 11.46 -22.92
N THR B 98 -29.21 10.14 -22.78
CA THR B 98 -27.91 9.49 -22.58
C THR B 98 -27.30 9.01 -23.88
N LYS B 99 -28.11 8.37 -24.74
CA LYS B 99 -27.68 7.70 -25.97
C LYS B 99 -26.94 6.41 -25.64
N ASP B 100 -26.66 6.19 -24.35
CA ASP B 100 -26.20 4.91 -23.82
C ASP B 100 -27.28 4.53 -22.83
N LEU B 101 -28.33 3.89 -23.36
CA LEU B 101 -29.60 3.81 -22.63
C LEU B 101 -29.45 3.03 -21.33
N GLN B 102 -29.11 1.75 -21.43
CA GLN B 102 -28.79 0.95 -20.25
C GLN B 102 -29.97 0.75 -19.32
N ASP B 103 -31.13 1.30 -19.67
CA ASP B 103 -32.36 1.11 -18.89
C ASP B 103 -33.53 1.33 -19.84
N LEU B 104 -34.17 0.25 -20.26
CA LEU B 104 -35.23 0.29 -21.27
C LEU B 104 -36.51 -0.19 -20.63
N SER B 105 -37.23 0.72 -19.98
CA SER B 105 -38.47 0.38 -19.30
C SER B 105 -39.56 1.33 -19.78
N ILE B 106 -40.67 0.78 -20.26
CA ILE B 106 -41.78 1.59 -20.74
C ILE B 106 -42.83 1.67 -19.65
N PHE B 107 -43.69 2.67 -19.75
CA PHE B 107 -44.73 2.94 -18.75
C PHE B 107 -46.08 2.83 -19.42
N ILE B 108 -46.99 2.05 -18.84
CA ILE B 108 -48.35 1.93 -19.32
C ILE B 108 -49.25 2.82 -18.48
N THR B 109 -49.98 3.71 -19.13
CA THR B 109 -50.98 4.54 -18.48
C THR B 109 -52.35 3.99 -18.83
N ASN B 110 -53.21 3.82 -17.82
CA ASN B 110 -54.54 3.25 -18.00
C ASN B 110 -54.47 1.84 -18.57
N VAL B 111 -53.88 0.94 -17.77
CA VAL B 111 -53.75 -0.46 -18.17
C VAL B 111 -55.10 -1.03 -18.55
N THR B 112 -55.14 -1.77 -19.64
CA THR B 112 -56.33 -2.43 -20.15
C THR B 112 -56.20 -3.93 -19.90
N TYR B 113 -57.23 -4.68 -20.30
CA TYR B 113 -57.17 -6.13 -20.19
C TYR B 113 -56.46 -6.77 -21.35
N ASN B 114 -56.03 -5.96 -22.31
CA ASN B 114 -55.25 -6.43 -23.44
C ASN B 114 -53.75 -6.38 -23.20
N HIS B 115 -53.30 -5.70 -22.15
CA HIS B 115 -51.90 -5.68 -21.80
C HIS B 115 -51.55 -6.91 -20.96
N SER B 116 -51.93 -8.10 -21.44
CA SER B 116 -51.68 -9.35 -20.75
C SER B 116 -51.03 -10.30 -21.74
N GLY B 117 -49.75 -10.58 -21.54
CA GLY B 117 -49.04 -11.44 -22.47
C GLY B 117 -47.54 -11.37 -22.23
N ASP B 118 -46.79 -11.93 -23.16
CA ASP B 118 -45.34 -12.03 -23.04
C ASP B 118 -44.72 -10.87 -23.80
N TYR B 119 -44.03 -10.00 -23.09
CA TYR B 119 -43.27 -8.91 -23.68
C TYR B 119 -41.84 -9.37 -23.94
N GLU B 120 -41.20 -8.73 -24.90
CA GLU B 120 -39.80 -9.00 -25.20
C GLU B 120 -39.08 -7.68 -25.36
N CYS B 121 -38.03 -7.47 -24.58
CA CYS B 121 -37.27 -6.24 -24.55
C CYS B 121 -35.98 -6.44 -25.33
N HIS B 122 -35.97 -6.01 -26.59
CA HIS B 122 -34.78 -6.12 -27.41
C HIS B 122 -33.87 -4.94 -27.11
N VAL B 123 -32.62 -5.23 -26.75
CA VAL B 123 -31.62 -4.22 -26.46
C VAL B 123 -30.50 -4.38 -27.47
N TYR B 124 -30.45 -3.50 -28.46
CA TYR B 124 -29.47 -3.59 -29.55
C TYR B 124 -28.32 -2.63 -29.25
N ARG B 125 -27.41 -3.06 -28.40
CA ARG B 125 -26.29 -2.22 -27.99
C ARG B 125 -25.19 -2.23 -29.05
N LEU B 126 -24.46 -1.13 -29.14
CA LEU B 126 -23.32 -0.98 -30.05
C LEU B 126 -22.19 -0.33 -29.27
N LEU B 127 -21.33 -1.15 -28.66
CA LEU B 127 -20.26 -0.61 -27.85
C LEU B 127 -19.22 0.08 -28.74
N PHE B 128 -18.32 0.82 -28.09
CA PHE B 128 -17.31 1.60 -28.79
C PHE B 128 -15.96 1.40 -28.10
N PHE B 129 -14.99 0.91 -28.84
CA PHE B 129 -13.66 0.69 -28.31
C PHE B 129 -12.63 1.38 -29.21
N GLU B 130 -11.34 1.10 -28.99
CA GLU B 130 -10.26 1.80 -29.68
C GLU B 130 -10.43 1.80 -31.20
N ASN B 131 -10.46 0.62 -31.82
CA ASN B 131 -10.79 0.48 -33.23
C ASN B 131 -11.75 -0.69 -33.42
N TYR B 132 -12.77 -0.74 -32.57
CA TYR B 132 -13.57 -1.94 -32.40
C TYR B 132 -14.98 -1.52 -32.01
N GLU B 133 -15.96 -1.83 -32.86
CA GLU B 133 -17.36 -1.47 -32.65
C GLU B 133 -18.17 -2.76 -32.58
N HIS B 134 -18.49 -3.18 -31.37
CA HIS B 134 -19.19 -4.43 -31.15
C HIS B 134 -20.70 -4.26 -31.25
N ASN B 135 -21.36 -5.27 -31.79
CA ASN B 135 -22.81 -5.32 -31.92
C ASN B 135 -23.33 -6.41 -31.00
N THR B 136 -23.93 -6.01 -29.89
CA THR B 136 -24.55 -6.95 -28.98
C THR B 136 -26.07 -6.88 -29.12
N SER B 137 -26.75 -7.82 -28.47
CA SER B 137 -28.20 -7.87 -28.52
C SER B 137 -28.68 -8.68 -27.32
N VAL B 138 -29.35 -8.01 -26.39
CA VAL B 138 -29.93 -8.65 -25.21
C VAL B 138 -31.44 -8.63 -25.38
N VAL B 139 -32.06 -9.79 -25.23
CA VAL B 139 -33.51 -9.91 -25.32
C VAL B 139 -34.02 -10.25 -23.92
N LYS B 140 -34.67 -9.29 -23.28
CA LYS B 140 -35.32 -9.49 -21.99
C LYS B 140 -36.79 -9.78 -22.25
N LYS B 141 -37.27 -10.89 -21.71
CA LYS B 141 -38.66 -11.31 -21.89
C LYS B 141 -39.41 -11.15 -20.58
N ILE B 142 -40.49 -10.38 -20.62
CA ILE B 142 -41.30 -10.08 -19.43
C ILE B 142 -42.72 -10.56 -19.68
N HIS B 143 -43.25 -11.34 -18.75
CA HIS B 143 -44.61 -11.85 -18.84
C HIS B 143 -45.44 -11.23 -17.72
N ILE B 144 -46.41 -10.39 -18.09
CA ILE B 144 -47.29 -9.74 -17.14
C ILE B 144 -48.72 -10.20 -17.40
N GLU B 145 -49.53 -10.17 -16.35
CA GLU B 145 -50.92 -10.58 -16.41
C GLU B 145 -51.77 -9.53 -15.72
N VAL B 146 -52.67 -8.92 -16.47
CA VAL B 146 -53.53 -7.88 -15.92
C VAL B 146 -54.57 -8.51 -15.01
N VAL B 147 -54.84 -7.84 -13.89
CA VAL B 147 -55.80 -8.29 -12.89
C VAL B 147 -56.67 -7.11 -12.49
N ASP B 148 -57.60 -7.36 -11.56
CA ASP B 148 -58.54 -6.35 -11.09
C ASP B 148 -58.13 -5.72 -9.76
N LYS B 149 -57.63 -6.52 -8.82
CA LYS B 149 -57.17 -6.02 -7.53
C LYS B 149 -55.78 -6.56 -7.26
N ALA B 150 -54.91 -5.69 -6.75
CA ALA B 150 -53.53 -6.08 -6.47
C ALA B 150 -53.50 -7.09 -5.33
N ASN B 151 -53.00 -8.29 -5.63
CA ASN B 151 -52.85 -9.35 -4.65
C ASN B 151 -51.53 -9.16 -3.92
N ARG B 152 -51.59 -9.13 -2.59
CA ARG B 152 -50.37 -9.00 -1.79
C ARG B 152 -49.48 -10.22 -2.01
N ASP B 153 -48.17 -10.01 -1.92
CA ASP B 153 -47.22 -11.09 -2.15
C ASP B 153 -47.38 -12.19 -1.11
N MET B 154 -47.32 -13.44 -1.58
CA MET B 154 -47.38 -14.58 -0.68
C MET B 154 -46.23 -14.53 0.32
N ALA B 155 -45.04 -14.17 -0.14
CA ALA B 155 -43.91 -14.04 0.77
C ALA B 155 -44.18 -12.98 1.84
N SER B 156 -44.74 -11.85 1.42
CA SER B 156 -45.05 -10.79 2.38
C SER B 156 -46.04 -11.27 3.43
N ILE B 157 -47.11 -11.94 3.00
CA ILE B 157 -48.16 -12.31 3.95
C ILE B 157 -47.68 -13.41 4.88
N VAL B 158 -46.90 -14.38 4.37
CA VAL B 158 -46.41 -15.43 5.24
C VAL B 158 -45.38 -14.87 6.20
N SER B 159 -44.56 -13.90 5.76
CA SER B 159 -43.60 -13.30 6.68
C SER B 159 -44.29 -12.47 7.74
N GLU B 160 -45.40 -11.81 7.40
CA GLU B 160 -46.14 -11.06 8.41
C GLU B 160 -46.75 -11.99 9.45
N ILE B 161 -47.43 -13.05 9.00
CA ILE B 161 -48.03 -13.97 9.96
C ILE B 161 -46.95 -14.68 10.77
N MET B 162 -45.77 -14.92 10.19
CA MET B 162 -44.72 -15.57 10.94
C MET B 162 -44.05 -14.61 11.92
N MET B 163 -44.00 -13.33 11.58
CA MET B 163 -43.56 -12.33 12.56
C MET B 163 -44.49 -12.33 13.76
N TYR B 164 -45.80 -12.34 13.50
CA TYR B 164 -46.76 -12.34 14.61
C TYR B 164 -46.64 -13.61 15.43
N VAL B 165 -46.47 -14.77 14.76
CA VAL B 165 -46.30 -16.02 15.47
C VAL B 165 -45.03 -16.01 16.30
N LEU B 166 -43.94 -15.46 15.76
CA LEU B 166 -42.68 -15.38 16.49
C LEU B 166 -42.83 -14.50 17.72
N ILE B 167 -43.43 -13.33 17.56
CA ILE B 167 -43.63 -12.42 18.69
C ILE B 167 -44.44 -13.10 19.78
N VAL B 168 -45.56 -13.72 19.41
CA VAL B 168 -46.44 -14.31 20.41
C VAL B 168 -45.77 -15.52 21.07
N VAL B 169 -45.01 -16.32 20.31
CA VAL B 169 -44.43 -17.52 20.91
C VAL B 169 -43.28 -17.15 21.82
N LEU B 170 -42.48 -16.14 21.46
CA LEU B 170 -41.42 -15.73 22.36
C LEU B 170 -42.01 -15.09 23.62
N THR B 171 -43.10 -14.34 23.47
CA THR B 171 -43.75 -13.77 24.65
C THR B 171 -44.30 -14.87 25.56
N ILE B 172 -44.90 -15.90 24.97
CA ILE B 172 -45.44 -17.00 25.79
C ILE B 172 -44.32 -17.77 26.46
N TRP B 173 -43.20 -18.00 25.76
CA TRP B 173 -42.06 -18.65 26.39
C TRP B 173 -41.52 -17.80 27.54
N LEU B 174 -41.46 -16.49 27.33
CA LEU B 174 -40.99 -15.58 28.37
C LEU B 174 -41.88 -15.66 29.60
N VAL B 175 -43.20 -15.58 29.41
CA VAL B 175 -44.10 -15.62 30.55
C VAL B 175 -44.09 -16.99 31.21
N ALA B 176 -43.87 -18.05 30.44
CA ALA B 176 -43.79 -19.38 31.04
C ALA B 176 -42.58 -19.50 31.95
N GLU B 177 -41.40 -19.14 31.44
CA GLU B 177 -40.21 -19.14 32.29
C GLU B 177 -40.36 -18.20 33.47
N MET B 178 -41.03 -17.06 33.26
CA MET B 178 -41.26 -16.11 34.32
C MET B 178 -42.06 -16.73 35.46
N ILE B 179 -43.21 -17.33 35.12
CA ILE B 179 -44.06 -17.92 36.15
C ILE B 179 -43.39 -19.13 36.78
N TYR B 180 -42.59 -19.88 36.02
CA TYR B 180 -41.87 -21.02 36.60
C TYR B 180 -40.88 -20.56 37.65
N CYS B 181 -40.01 -19.61 37.30
CA CYS B 181 -39.07 -19.07 38.27
C CYS B 181 -39.79 -18.38 39.41
N TYR B 182 -40.95 -17.78 39.13
CA TYR B 182 -41.73 -17.12 40.18
C TYR B 182 -42.21 -18.12 41.21
N LYS B 183 -42.77 -19.24 40.77
CA LYS B 183 -43.23 -20.26 41.71
C LYS B 183 -42.06 -20.88 42.45
N LYS B 184 -40.92 -21.05 41.78
CA LYS B 184 -39.77 -21.63 42.47
C LYS B 184 -39.23 -20.70 43.55
N ILE B 185 -39.12 -19.40 43.25
CA ILE B 185 -38.64 -18.47 44.27
C ILE B 185 -39.71 -18.27 45.35
N ALA B 186 -40.99 -18.45 45.00
CA ALA B 186 -42.03 -18.41 46.02
C ALA B 186 -41.86 -19.56 46.99
N ALA B 187 -41.63 -20.77 46.48
CA ALA B 187 -41.29 -21.89 47.35
C ALA B 187 -40.02 -21.60 48.14
N ALA B 188 -39.08 -20.86 47.56
CA ALA B 188 -37.84 -20.55 48.26
C ALA B 188 -38.08 -19.60 49.43
N THR B 189 -38.94 -18.60 49.25
CA THR B 189 -39.19 -17.65 50.33
C THR B 189 -40.16 -18.22 51.36
N GLU B 190 -41.02 -19.17 50.96
CA GLU B 190 -41.82 -19.87 51.96
C GLU B 190 -40.96 -20.73 52.86
N THR B 191 -39.83 -21.21 52.36
CA THR B 191 -38.90 -21.99 53.20
C THR B 191 -38.27 -21.13 54.28
N ALA B 192 -38.29 -19.81 54.14
CA ALA B 192 -37.74 -18.92 55.15
C ALA B 192 -38.64 -17.69 55.32
N SER C 29 30.01 8.16 -28.46
CA SER C 29 29.75 7.40 -29.68
C SER C 29 29.01 6.11 -29.38
N MET C 30 28.31 5.57 -30.37
CA MET C 30 27.57 4.33 -30.19
C MET C 30 28.51 3.16 -30.00
N GLU C 31 28.09 2.20 -29.19
CA GLU C 31 28.89 1.01 -28.92
C GLU C 31 28.77 0.01 -30.06
N VAL C 32 29.71 0.05 -31.02
CA VAL C 32 29.63 -0.90 -32.13
C VAL C 32 30.92 -1.72 -32.10
N THR C 33 30.78 -3.03 -32.07
CA THR C 33 31.93 -3.93 -31.95
C THR C 33 32.17 -4.59 -33.30
N VAL C 34 33.35 -4.32 -33.87
CA VAL C 34 33.80 -4.95 -35.11
C VAL C 34 35.30 -5.18 -34.98
N PRO C 35 35.84 -6.10 -35.79
CA PRO C 35 37.30 -6.21 -35.88
C PRO C 35 37.83 -5.09 -36.76
N ALA C 36 38.83 -4.37 -36.23
CA ALA C 36 39.40 -3.28 -37.00
C ALA C 36 40.05 -3.79 -38.29
N THR C 37 40.68 -4.97 -38.24
CA THR C 37 41.29 -5.61 -39.38
C THR C 37 40.74 -7.03 -39.45
N LEU C 38 40.36 -7.46 -40.64
CA LEU C 38 39.88 -8.82 -40.86
C LEU C 38 40.65 -9.39 -42.04
N ASN C 39 41.41 -10.44 -41.79
CA ASN C 39 42.26 -11.07 -42.79
C ASN C 39 41.64 -12.38 -43.19
N VAL C 40 41.36 -12.53 -44.48
CA VAL C 40 40.63 -13.70 -45.00
C VAL C 40 41.35 -14.22 -46.23
N LEU C 41 41.41 -15.55 -46.35
CA LEU C 41 42.04 -16.16 -47.52
C LEU C 41 41.17 -16.00 -48.75
N ASN C 42 41.82 -15.74 -49.88
CA ASN C 42 41.13 -15.70 -51.16
C ASN C 42 40.37 -16.99 -51.39
N GLY C 43 39.08 -16.87 -51.71
CA GLY C 43 38.23 -18.01 -51.97
C GLY C 43 37.43 -18.49 -50.78
N SER C 44 37.80 -18.10 -49.56
CA SER C 44 37.03 -18.47 -48.39
C SER C 44 35.87 -17.51 -48.20
N ASP C 45 35.00 -17.85 -47.25
CA ASP C 45 33.88 -16.99 -46.88
C ASP C 45 34.34 -16.07 -45.76
N ALA C 46 33.98 -14.80 -45.86
CA ALA C 46 34.36 -13.80 -44.88
C ALA C 46 33.09 -13.30 -44.18
N ARG C 47 32.93 -13.65 -42.92
CA ARG C 47 31.90 -13.04 -42.11
C ARG C 47 32.45 -11.75 -41.53
N LEU C 48 31.77 -10.66 -41.81
CA LEU C 48 32.12 -9.36 -41.26
C LEU C 48 31.29 -9.17 -40.00
N PRO C 49 31.88 -9.42 -38.84
CA PRO C 49 31.16 -9.36 -37.56
C PRO C 49 31.28 -8.05 -36.78
N CYS C 50 30.12 -7.45 -36.53
CA CYS C 50 30.02 -6.19 -35.81
C CYS C 50 28.95 -6.28 -34.73
N THR C 51 29.20 -5.65 -33.59
CA THR C 51 28.25 -5.65 -32.50
C THR C 51 27.75 -4.23 -32.25
N PHE C 52 26.43 -4.05 -32.26
CA PHE C 52 25.85 -2.75 -32.01
C PHE C 52 25.08 -2.90 -30.71
N ASN C 53 25.26 -1.96 -29.79
CA ASN C 53 24.58 -2.06 -28.52
C ASN C 53 23.94 -0.75 -28.12
N SER C 54 22.65 -0.77 -27.82
CA SER C 54 22.05 0.46 -27.38
C SER C 54 20.88 0.04 -26.49
N CYS C 55 20.40 0.95 -25.65
CA CYS C 55 19.30 0.65 -24.75
C CYS C 55 18.01 0.54 -25.55
N TYR C 56 16.95 0.05 -24.91
CA TYR C 56 15.64 -0.12 -25.54
C TYR C 56 15.57 -1.44 -26.28
N THR C 57 14.44 -1.63 -26.97
CA THR C 57 14.16 -2.83 -27.76
C THR C 57 14.03 -2.39 -29.22
N VAL C 58 14.68 -3.13 -30.13
CA VAL C 58 14.64 -2.78 -31.55
C VAL C 58 13.25 -2.80 -32.17
N ASN C 59 12.99 -1.82 -33.03
CA ASN C 59 11.73 -1.68 -33.73
C ASN C 59 11.96 -1.87 -35.22
N HIS C 60 11.13 -2.67 -35.88
CA HIS C 60 11.34 -2.95 -37.29
C HIS C 60 11.27 -1.70 -38.17
N LYS C 61 10.24 -0.87 -37.99
CA LYS C 61 10.15 0.35 -38.75
C LYS C 61 11.27 1.26 -38.26
N GLN C 62 11.43 1.26 -36.94
CA GLN C 62 12.42 2.05 -36.25
C GLN C 62 13.89 1.72 -36.50
N PHE C 63 14.21 0.43 -36.57
CA PHE C 63 15.61 0.06 -36.77
C PHE C 63 16.08 0.06 -38.21
N SER C 64 17.14 0.82 -38.48
CA SER C 64 17.73 0.93 -39.81
C SER C 64 19.22 0.65 -39.81
N LEU C 65 19.67 -0.25 -40.68
CA LEU C 65 21.09 -0.59 -40.78
C LEU C 65 21.63 -0.44 -42.20
N ASN C 66 22.77 0.22 -42.34
CA ASN C 66 23.38 0.43 -43.66
C ASN C 66 24.84 -0.05 -43.74
N TRP C 67 25.20 -0.72 -44.84
CA TRP C 67 26.55 -1.21 -45.04
C TRP C 67 27.09 -0.60 -46.32
N THR C 68 28.32 -0.07 -46.25
CA THR C 68 28.98 0.50 -47.41
C THR C 68 30.40 -0.04 -47.55
N TYR C 69 30.88 -0.02 -48.79
CA TYR C 69 32.20 -0.50 -49.16
C TYR C 69 32.99 0.62 -49.81
N GLN C 70 34.31 0.60 -49.58
CA GLN C 70 35.23 1.52 -50.23
C GLN C 70 36.45 0.73 -50.68
N GLU C 71 36.95 1.04 -51.86
CA GLU C 71 38.16 0.36 -52.32
C GLU C 71 39.39 0.83 -51.57
N CYS C 72 39.33 1.99 -50.92
CA CYS C 72 40.49 2.57 -50.26
C CYS C 72 39.99 3.62 -49.26
N ASN C 73 40.94 4.17 -48.49
CA ASN C 73 40.60 5.04 -47.38
C ASN C 73 39.83 6.27 -47.85
N ASN C 74 40.34 6.96 -48.87
CA ASN C 74 39.72 8.17 -49.38
C ASN C 74 38.64 7.88 -50.42
N CYS C 75 38.45 6.62 -50.78
CA CYS C 75 37.55 6.27 -51.87
C CYS C 75 36.08 6.46 -51.46
N SER C 76 35.30 7.05 -52.36
CA SER C 76 33.84 7.04 -52.34
C SER C 76 33.24 5.80 -51.71
N GLU C 77 32.18 6.00 -50.93
CA GLU C 77 31.47 4.87 -50.31
C GLU C 77 30.36 4.38 -51.23
N GLU C 78 30.25 3.07 -51.34
CA GLU C 78 29.20 2.41 -52.14
C GLU C 78 28.33 1.59 -51.19
N MET C 79 27.07 2.00 -51.03
CA MET C 79 26.15 1.22 -50.19
C MET C 79 25.84 -0.10 -50.88
N PHE C 80 25.95 -1.21 -50.15
CA PHE C 80 25.66 -2.50 -50.74
C PHE C 80 24.56 -3.30 -50.05
N LEU C 81 24.17 -2.92 -48.83
CA LEU C 81 23.08 -3.59 -48.15
C LEU C 81 22.47 -2.59 -47.19
N GLN C 82 21.14 -2.63 -47.05
CA GLN C 82 20.41 -1.78 -46.14
C GLN C 82 19.38 -2.62 -45.40
N PHE C 83 19.04 -2.20 -44.19
CA PHE C 83 17.83 -2.66 -43.51
C PHE C 83 16.88 -1.47 -43.39
N ARG C 84 15.73 -1.59 -44.07
CA ARG C 84 14.63 -0.62 -43.98
C ARG C 84 13.37 -1.48 -44.01
N MET C 85 12.82 -1.78 -42.83
CA MET C 85 11.68 -2.70 -42.67
C MET C 85 11.89 -4.11 -43.22
N LYS C 86 13.14 -4.41 -43.59
CA LYS C 86 13.54 -5.69 -44.13
C LYS C 86 14.93 -5.48 -44.75
N ILE C 87 15.63 -6.58 -45.00
CA ILE C 87 16.93 -6.48 -45.67
C ILE C 87 16.72 -6.13 -47.13
N ILE C 88 17.49 -5.15 -47.61
CA ILE C 88 17.55 -4.80 -49.03
C ILE C 88 19.00 -5.01 -49.46
N ASN C 89 19.21 -5.98 -50.34
CA ASN C 89 20.53 -6.24 -50.91
C ASN C 89 20.59 -5.51 -52.25
N LEU C 90 21.50 -4.55 -52.36
CA LEU C 90 21.55 -3.72 -53.57
C LEU C 90 22.17 -4.43 -54.76
N LYS C 91 22.76 -5.61 -54.55
CA LYS C 91 23.31 -6.41 -55.63
C LYS C 91 24.30 -5.62 -56.49
N LEU C 92 25.25 -4.95 -55.83
CA LEU C 92 26.25 -4.19 -56.56
C LEU C 92 27.03 -5.11 -57.49
N GLU C 93 27.31 -4.61 -58.70
CA GLU C 93 28.04 -5.41 -59.66
C GLU C 93 29.38 -5.86 -59.10
N ARG C 94 30.03 -5.03 -58.28
CA ARG C 94 31.37 -5.37 -57.81
C ARG C 94 31.36 -6.60 -56.91
N PHE C 95 30.23 -6.97 -56.33
CA PHE C 95 30.17 -8.14 -55.46
C PHE C 95 29.49 -9.33 -56.12
N GLN C 96 28.95 -9.17 -57.33
CA GLN C 96 28.15 -10.22 -57.96
C GLN C 96 26.98 -10.52 -57.02
N ASP C 97 26.73 -11.77 -56.67
CA ASP C 97 25.70 -12.16 -55.73
C ASP C 97 26.33 -12.81 -54.51
N ARG C 98 27.51 -12.32 -54.12
CA ARG C 98 28.27 -12.92 -53.04
C ARG C 98 27.97 -12.32 -51.67
N VAL C 99 27.26 -11.19 -51.60
CA VAL C 99 26.89 -10.58 -50.33
C VAL C 99 25.63 -11.25 -49.78
N GLU C 100 25.66 -11.54 -48.49
CA GLU C 100 24.48 -12.00 -47.75
C GLU C 100 24.43 -11.32 -46.41
N PHE C 101 23.22 -11.04 -45.94
CA PHE C 101 23.08 -10.68 -44.54
C PHE C 101 23.34 -11.91 -43.68
N SER C 102 23.98 -11.69 -42.54
CA SER C 102 24.40 -12.77 -41.66
C SER C 102 24.12 -12.42 -40.21
N GLY C 103 23.17 -11.55 -39.94
CA GLY C 103 22.92 -11.20 -38.55
C GLY C 103 21.48 -10.97 -38.16
N ASN C 104 21.17 -11.27 -36.90
CA ASN C 104 19.85 -11.04 -36.39
C ASN C 104 19.96 -9.74 -35.62
N PRO C 105 19.46 -8.66 -36.20
CA PRO C 105 19.55 -7.33 -35.59
C PRO C 105 18.88 -7.20 -34.23
N SER C 106 17.83 -7.97 -33.96
CA SER C 106 17.14 -7.90 -32.69
C SER C 106 18.13 -8.26 -31.58
N LYS C 107 19.16 -8.99 -31.96
CA LYS C 107 20.21 -9.41 -31.05
C LYS C 107 21.34 -8.37 -30.97
N TYR C 108 21.16 -7.26 -31.68
CA TYR C 108 22.17 -6.17 -31.73
C TYR C 108 23.21 -6.54 -32.77
N ASP C 109 22.88 -7.60 -33.51
CA ASP C 109 23.71 -8.18 -34.56
C ASP C 109 23.31 -7.70 -35.94
N VAL C 110 24.30 -7.26 -36.69
CA VAL C 110 24.06 -6.76 -38.05
C VAL C 110 25.16 -7.23 -39.00
N SER C 111 25.75 -8.39 -38.72
CA SER C 111 26.86 -8.89 -39.50
C SER C 111 26.44 -9.22 -40.94
N VAL C 112 27.43 -9.19 -41.83
CA VAL C 112 27.23 -9.58 -43.21
C VAL C 112 28.24 -10.67 -43.55
N MET C 113 27.96 -11.36 -44.64
CA MET C 113 28.79 -12.46 -45.13
C MET C 113 29.17 -12.13 -46.57
N LEU C 114 30.43 -12.28 -46.89
CA LEU C 114 30.90 -12.15 -48.26
C LEU C 114 31.43 -13.52 -48.67
N ARG C 115 30.67 -14.22 -49.50
CA ARG C 115 31.07 -15.55 -49.91
C ARG C 115 32.22 -15.52 -50.92
N ASN C 116 33.05 -16.54 -50.87
CA ASN C 116 34.06 -16.80 -51.89
C ASN C 116 34.84 -15.51 -52.21
N VAL C 117 35.49 -14.99 -51.17
CA VAL C 117 36.09 -13.67 -51.27
C VAL C 117 37.15 -13.63 -52.37
N GLN C 118 37.18 -12.51 -53.09
CA GLN C 118 38.09 -12.26 -54.19
C GLN C 118 39.06 -11.15 -53.83
N PRO C 119 40.21 -11.06 -54.51
CA PRO C 119 41.18 -10.01 -54.15
C PRO C 119 40.62 -8.61 -54.23
N GLU C 120 39.71 -8.33 -55.17
CA GLU C 120 39.15 -7.00 -55.31
C GLU C 120 38.25 -6.62 -54.14
N ASP C 121 37.87 -7.56 -53.29
CA ASP C 121 37.05 -7.26 -52.12
C ASP C 121 37.84 -6.54 -51.04
N GLU C 122 39.17 -6.55 -51.11
CA GLU C 122 39.97 -5.81 -50.15
C GLU C 122 39.51 -4.35 -50.09
N GLY C 123 39.39 -3.82 -48.88
CA GLY C 123 39.02 -2.43 -48.70
C GLY C 123 38.37 -2.22 -47.34
N ILE C 124 37.58 -1.15 -47.26
CA ILE C 124 36.98 -0.70 -46.01
C ILE C 124 35.48 -0.96 -46.07
N TYR C 125 34.95 -1.62 -45.04
CA TYR C 125 33.53 -1.91 -44.93
C TYR C 125 32.99 -1.16 -43.71
N ASN C 126 31.96 -0.34 -43.93
CA ASN C 126 31.36 0.50 -42.89
C ASN C 126 29.95 0.00 -42.59
N CYS C 127 29.63 -0.13 -41.30
CA CYS C 127 28.28 -0.43 -40.80
C CYS C 127 27.77 0.82 -40.08
N TYR C 128 26.61 1.35 -40.50
CA TYR C 128 25.99 2.49 -39.84
C TYR C 128 24.64 2.06 -39.29
N ILE C 129 24.43 2.29 -38.00
CA ILE C 129 23.18 1.89 -37.38
C ILE C 129 22.55 3.09 -36.70
N MET C 130 21.31 3.37 -37.07
CA MET C 130 20.58 4.46 -36.47
C MET C 130 19.39 3.75 -35.87
N ASN C 131 19.19 3.87 -34.57
CA ASN C 131 18.07 3.17 -33.96
C ASN C 131 17.12 4.04 -33.14
N PRO C 132 15.85 4.17 -33.67
CA PRO C 132 14.93 4.98 -32.84
C PRO C 132 14.54 4.16 -31.61
N PRO C 133 14.35 4.78 -30.46
CA PRO C 133 14.43 6.23 -30.31
C PRO C 133 15.83 6.79 -30.11
N ASP C 134 16.86 5.95 -30.11
CA ASP C 134 18.20 6.47 -29.90
C ASP C 134 18.55 7.46 -31.01
N ARG C 135 18.89 8.68 -30.61
CA ARG C 135 19.29 9.70 -31.57
C ARG C 135 20.64 9.41 -32.25
N HIS C 136 21.58 8.91 -31.46
CA HIS C 136 22.94 8.62 -31.92
C HIS C 136 23.03 7.55 -33.00
N ARG C 137 24.01 7.70 -33.87
CA ARG C 137 24.18 6.71 -34.93
C ARG C 137 25.51 5.98 -34.75
N GLY C 138 25.43 4.66 -34.65
CA GLY C 138 26.62 3.85 -34.51
C GLY C 138 27.35 3.70 -35.83
N HIS C 139 28.66 3.49 -35.74
CA HIS C 139 29.49 3.30 -36.93
C HIS C 139 30.60 2.31 -36.62
N GLY C 140 30.63 1.20 -37.33
CA GLY C 140 31.74 0.25 -37.27
C GLY C 140 32.48 0.28 -38.59
N LYS C 141 33.80 0.14 -38.52
CA LYS C 141 34.64 0.17 -39.71
C LYS C 141 35.60 -1.03 -39.68
N ILE C 142 35.55 -1.84 -40.73
CA ILE C 142 36.40 -3.03 -40.85
C ILE C 142 37.31 -2.86 -42.06
N HIS C 143 38.60 -3.11 -41.88
CA HIS C 143 39.54 -3.18 -42.99
C HIS C 143 39.71 -4.64 -43.35
N LEU C 144 39.16 -5.02 -44.50
CA LEU C 144 39.23 -6.40 -44.98
C LEU C 144 40.46 -6.54 -45.85
N GLN C 145 41.33 -7.49 -45.52
CA GLN C 145 42.51 -7.80 -46.30
C GLN C 145 42.41 -9.22 -46.83
N VAL C 146 42.77 -9.42 -48.11
CA VAL C 146 42.63 -10.70 -48.77
C VAL C 146 44.00 -11.32 -48.92
N LEU C 147 44.19 -12.48 -48.30
CA LEU C 147 45.45 -13.20 -48.38
C LEU C 147 45.71 -13.68 -49.79
N MET C 148 46.64 -14.62 -49.93
CA MET C 148 46.98 -15.17 -51.23
C MET C 148 47.00 -16.70 -51.19
#